data_3VTS
# 
_entry.id   3VTS 
# 
_audit_conform.dict_name       mmcif_pdbx.dic 
_audit_conform.dict_version    5.398 
_audit_conform.dict_location   http://mmcif.pdb.org/dictionaries/ascii/mmcif_pdbx.dic 
# 
loop_
_database_2.database_id 
_database_2.database_code 
_database_2.pdbx_database_accession 
_database_2.pdbx_DOI 
PDB   3VTS         pdb_00003vts 10.2210/pdb3vts/pdb 
RCSB  RCSB095490   ?            ?                   
WWPDB D_1000095490 ?            ?                   
# 
loop_
_pdbx_audit_revision_history.ordinal 
_pdbx_audit_revision_history.data_content_type 
_pdbx_audit_revision_history.major_revision 
_pdbx_audit_revision_history.minor_revision 
_pdbx_audit_revision_history.revision_date 
1 'Structure model' 1 0 2012-11-07 
2 'Structure model' 1 1 2013-11-27 
3 'Structure model' 1 2 2023-11-08 
4 'Structure model' 1 3 2024-11-13 
# 
_pdbx_audit_revision_details.ordinal             1 
_pdbx_audit_revision_details.revision_ordinal    1 
_pdbx_audit_revision_details.data_content_type   'Structure model' 
_pdbx_audit_revision_details.provider            repository 
_pdbx_audit_revision_details.type                'Initial release' 
_pdbx_audit_revision_details.description         ? 
_pdbx_audit_revision_details.details             ? 
# 
loop_
_pdbx_audit_revision_group.ordinal 
_pdbx_audit_revision_group.revision_ordinal 
_pdbx_audit_revision_group.data_content_type 
_pdbx_audit_revision_group.group 
1 2 'Structure model' 'Database references'    
2 3 'Structure model' 'Data collection'        
3 3 'Structure model' 'Database references'    
4 3 'Structure model' 'Refinement description' 
5 4 'Structure model' 'Structure summary'      
# 
loop_
_pdbx_audit_revision_category.ordinal 
_pdbx_audit_revision_category.revision_ordinal 
_pdbx_audit_revision_category.data_content_type 
_pdbx_audit_revision_category.category 
1 3 'Structure model' chem_comp_atom                
2 3 'Structure model' chem_comp_bond                
3 3 'Structure model' database_2                    
4 3 'Structure model' pdbx_initial_refinement_model 
5 4 'Structure model' pdbx_entry_details            
6 4 'Structure model' pdbx_modification_feature     
# 
loop_
_pdbx_audit_revision_item.ordinal 
_pdbx_audit_revision_item.revision_ordinal 
_pdbx_audit_revision_item.data_content_type 
_pdbx_audit_revision_item.item 
1 3 'Structure model' '_database_2.pdbx_DOI'                         
2 3 'Structure model' '_database_2.pdbx_database_accession'          
3 4 'Structure model' '_pdbx_entry_details.has_protein_modification' 
# 
_pdbx_database_status.status_code                     REL 
_pdbx_database_status.entry_id                        3VTS 
_pdbx_database_status.recvd_initial_deposition_date   2012-06-06 
_pdbx_database_status.deposit_site                    PDBJ 
_pdbx_database_status.process_site                    PDBJ 
_pdbx_database_status.methods_development_category    ? 
_pdbx_database_status.status_code_sf                  REL 
_pdbx_database_status.status_code_mr                  ? 
_pdbx_database_status.SG_entry                        ? 
_pdbx_database_status.status_code_cs                  ? 
_pdbx_database_status.pdb_format_compatible           Y 
_pdbx_database_status.status_code_nmr_data            ? 
# 
loop_
_audit_author.name 
_audit_author.pdbx_ordinal 
'Jobichen, C.'  1 
'Sivaraman, J.' 2 
# 
_citation.id                        primary 
_citation.title                     
'Identification and structural characterization of a new three-finger toxin hemachatoxin from Hemachatus haemachatus venom.' 
_citation.journal_abbrev            'Plos One' 
_citation.journal_volume            7 
_citation.page_first                e48112 
_citation.page_last                 e48112 
_citation.year                      2012 
_citation.journal_id_ASTM           ? 
_citation.country                   US 
_citation.journal_id_ISSN           1932-6203 
_citation.journal_id_CSD            ? 
_citation.book_publisher            ? 
_citation.pdbx_database_id_PubMed   23144733 
_citation.pdbx_database_id_DOI      10.1371/journal.pone.0048112 
# 
loop_
_citation_author.citation_id 
_citation_author.name 
_citation_author.ordinal 
_citation_author.identifier_ORCID 
primary 'Girish, V.M.'  1 ? 
primary 'Kumar, S.'     2 ? 
primary 'Joseph, L.'    3 ? 
primary 'Jobichen, C.'  4 ? 
primary 'Kini, R.M.'    5 ? 
primary 'Sivaraman, J.' 6 ? 
# 
loop_
_entity.id 
_entity.type 
_entity.src_method 
_entity.pdbx_description 
_entity.formula_weight 
_entity.pdbx_number_of_molecules 
_entity.pdbx_ec 
_entity.pdbx_mutation 
_entity.pdbx_fragment 
_entity.details 
1 polymer nat 'Cytotoxin 1' 6858.533 2  ? ? ? ? 
2 water   nat water         18.015   49 ? ? ? ? 
# 
_entity_name_com.entity_id   1 
_entity_name_com.name        'Hemolytic protein 12B, Three finger toxin' 
# 
_entity_poly.entity_id                      1 
_entity_poly.type                           'polypeptide(L)' 
_entity_poly.nstd_linkage                   no 
_entity_poly.nstd_monomer                   no 
_entity_poly.pdbx_seq_one_letter_code       LKCHNKLVPFLSKTCPEGKNLCYKMTLMKMPKIPIKRGCTDACPKSSLLVKVVCCNKDKCN 
_entity_poly.pdbx_seq_one_letter_code_can   LKCHNKLVPFLSKTCPEGKNLCYKMTLMKMPKIPIKRGCTDACPKSSLLVKVVCCNKDKCN 
_entity_poly.pdbx_strand_id                 A,B 
_entity_poly.pdbx_target_identifier         ? 
# 
_pdbx_entity_nonpoly.entity_id   2 
_pdbx_entity_nonpoly.name        water 
_pdbx_entity_nonpoly.comp_id     HOH 
# 
loop_
_entity_poly_seq.entity_id 
_entity_poly_seq.num 
_entity_poly_seq.mon_id 
_entity_poly_seq.hetero 
1 1  LEU n 
1 2  LYS n 
1 3  CYS n 
1 4  HIS n 
1 5  ASN n 
1 6  LYS n 
1 7  LEU n 
1 8  VAL n 
1 9  PRO n 
1 10 PHE n 
1 11 LEU n 
1 12 SER n 
1 13 LYS n 
1 14 THR n 
1 15 CYS n 
1 16 PRO n 
1 17 GLU n 
1 18 GLY n 
1 19 LYS n 
1 20 ASN n 
1 21 LEU n 
1 22 CYS n 
1 23 TYR n 
1 24 LYS n 
1 25 MET n 
1 26 THR n 
1 27 LEU n 
1 28 MET n 
1 29 LYS n 
1 30 MET n 
1 31 PRO n 
1 32 LYS n 
1 33 ILE n 
1 34 PRO n 
1 35 ILE n 
1 36 LYS n 
1 37 ARG n 
1 38 GLY n 
1 39 CYS n 
1 40 THR n 
1 41 ASP n 
1 42 ALA n 
1 43 CYS n 
1 44 PRO n 
1 45 LYS n 
1 46 SER n 
1 47 SER n 
1 48 LEU n 
1 49 LEU n 
1 50 VAL n 
1 51 LYS n 
1 52 VAL n 
1 53 VAL n 
1 54 CYS n 
1 55 CYS n 
1 56 ASN n 
1 57 LYS n 
1 58 ASP n 
1 59 LYS n 
1 60 CYS n 
1 61 ASN n 
# 
_entity_src_nat.entity_id                  1 
_entity_src_nat.pdbx_src_id                1 
_entity_src_nat.pdbx_alt_source_flag       sample 
_entity_src_nat.pdbx_beg_seq_num           ? 
_entity_src_nat.pdbx_end_seq_num           ? 
_entity_src_nat.common_name                Ringhals 
_entity_src_nat.pdbx_organism_scientific   'Hemachatus haemachatus' 
_entity_src_nat.pdbx_ncbi_taxonomy_id      8626 
_entity_src_nat.genus                      ? 
_entity_src_nat.species                    ? 
_entity_src_nat.strain                     ? 
_entity_src_nat.tissue                     ? 
_entity_src_nat.tissue_fraction            ? 
_entity_src_nat.pdbx_secretion             ? 
_entity_src_nat.pdbx_fragment              ? 
_entity_src_nat.pdbx_variant               ? 
_entity_src_nat.pdbx_cell_line             ? 
_entity_src_nat.pdbx_atcc                  ? 
_entity_src_nat.pdbx_cellular_location     ? 
_entity_src_nat.pdbx_organ                 ? 
_entity_src_nat.pdbx_organelle             ? 
_entity_src_nat.pdbx_cell                  ? 
_entity_src_nat.pdbx_plasmid_name          ? 
_entity_src_nat.pdbx_plasmid_details       ? 
_entity_src_nat.details                    ? 
# 
loop_
_chem_comp.id 
_chem_comp.type 
_chem_comp.mon_nstd_flag 
_chem_comp.name 
_chem_comp.pdbx_synonyms 
_chem_comp.formula 
_chem_comp.formula_weight 
ALA 'L-peptide linking' y ALANINE         ? 'C3 H7 N O2'     89.093  
ARG 'L-peptide linking' y ARGININE        ? 'C6 H15 N4 O2 1' 175.209 
ASN 'L-peptide linking' y ASPARAGINE      ? 'C4 H8 N2 O3'    132.118 
ASP 'L-peptide linking' y 'ASPARTIC ACID' ? 'C4 H7 N O4'     133.103 
CYS 'L-peptide linking' y CYSTEINE        ? 'C3 H7 N O2 S'   121.158 
GLU 'L-peptide linking' y 'GLUTAMIC ACID' ? 'C5 H9 N O4'     147.129 
GLY 'peptide linking'   y GLYCINE         ? 'C2 H5 N O2'     75.067  
HIS 'L-peptide linking' y HISTIDINE       ? 'C6 H10 N3 O2 1' 156.162 
HOH non-polymer         . WATER           ? 'H2 O'           18.015  
ILE 'L-peptide linking' y ISOLEUCINE      ? 'C6 H13 N O2'    131.173 
LEU 'L-peptide linking' y LEUCINE         ? 'C6 H13 N O2'    131.173 
LYS 'L-peptide linking' y LYSINE          ? 'C6 H15 N2 O2 1' 147.195 
MET 'L-peptide linking' y METHIONINE      ? 'C5 H11 N O2 S'  149.211 
PHE 'L-peptide linking' y PHENYLALANINE   ? 'C9 H11 N O2'    165.189 
PRO 'L-peptide linking' y PROLINE         ? 'C5 H9 N O2'     115.130 
SER 'L-peptide linking' y SERINE          ? 'C3 H7 N O3'     105.093 
THR 'L-peptide linking' y THREONINE       ? 'C4 H9 N O3'     119.119 
TYR 'L-peptide linking' y TYROSINE        ? 'C9 H11 N O3'    181.189 
VAL 'L-peptide linking' y VALINE          ? 'C5 H11 N O2'    117.146 
# 
loop_
_pdbx_poly_seq_scheme.asym_id 
_pdbx_poly_seq_scheme.entity_id 
_pdbx_poly_seq_scheme.seq_id 
_pdbx_poly_seq_scheme.mon_id 
_pdbx_poly_seq_scheme.ndb_seq_num 
_pdbx_poly_seq_scheme.pdb_seq_num 
_pdbx_poly_seq_scheme.auth_seq_num 
_pdbx_poly_seq_scheme.pdb_mon_id 
_pdbx_poly_seq_scheme.auth_mon_id 
_pdbx_poly_seq_scheme.pdb_strand_id 
_pdbx_poly_seq_scheme.pdb_ins_code 
_pdbx_poly_seq_scheme.hetero 
A 1 1  LEU 1  1  1  LEU LEU A . n 
A 1 2  LYS 2  2  2  LYS LYS A . n 
A 1 3  CYS 3  3  3  CYS CYS A . n 
A 1 4  HIS 4  4  4  HIS HIS A . n 
A 1 5  ASN 5  5  5  ASN ASN A . n 
A 1 6  LYS 6  6  6  LYS LYS A . n 
A 1 7  LEU 7  7  7  LEU LEU A . n 
A 1 8  VAL 8  8  8  VAL VAL A . n 
A 1 9  PRO 9  9  9  PRO PRO A . n 
A 1 10 PHE 10 10 10 PHE PHE A . n 
A 1 11 LEU 11 11 11 LEU LEU A . n 
A 1 12 SER 12 12 12 SER SER A . n 
A 1 13 LYS 13 13 13 LYS LYS A . n 
A 1 14 THR 14 14 14 THR THR A . n 
A 1 15 CYS 15 15 15 CYS CYS A . n 
A 1 16 PRO 16 16 16 PRO PRO A . n 
A 1 17 GLU 17 17 17 GLU GLU A . n 
A 1 18 GLY 18 18 18 GLY GLY A . n 
A 1 19 LYS 19 19 19 LYS LYS A . n 
A 1 20 ASN 20 20 20 ASN ASN A . n 
A 1 21 LEU 21 21 21 LEU LEU A . n 
A 1 22 CYS 22 22 22 CYS CYS A . n 
A 1 23 TYR 23 23 23 TYR TYR A . n 
A 1 24 LYS 24 24 24 LYS LYS A . n 
A 1 25 MET 25 25 25 MET MET A . n 
A 1 26 THR 26 26 26 THR THR A . n 
A 1 27 LEU 27 27 27 LEU LEU A . n 
A 1 28 MET 28 28 28 MET MET A . n 
A 1 29 LYS 29 29 29 LYS LYS A . n 
A 1 30 MET 30 30 30 MET MET A . n 
A 1 31 PRO 31 31 31 PRO PRO A . n 
A 1 32 LYS 32 32 32 LYS LYS A . n 
A 1 33 ILE 33 33 33 ILE ILE A . n 
A 1 34 PRO 34 34 34 PRO PRO A . n 
A 1 35 ILE 35 35 35 ILE ILE A . n 
A 1 36 LYS 36 36 36 LYS LYS A . n 
A 1 37 ARG 37 37 37 ARG ARG A . n 
A 1 38 GLY 38 38 38 GLY GLY A . n 
A 1 39 CYS 39 39 39 CYS CYS A . n 
A 1 40 THR 40 40 40 THR THR A . n 
A 1 41 ASP 41 41 41 ASP ASP A . n 
A 1 42 ALA 42 42 42 ALA ALA A . n 
A 1 43 CYS 43 43 43 CYS CYS A . n 
A 1 44 PRO 44 44 44 PRO PRO A . n 
A 1 45 LYS 45 45 45 LYS LYS A . n 
A 1 46 SER 46 46 46 SER SER A . n 
A 1 47 SER 47 47 47 SER SER A . n 
A 1 48 LEU 48 48 48 LEU LEU A . n 
A 1 49 LEU 49 49 49 LEU LEU A . n 
A 1 50 VAL 50 50 50 VAL VAL A . n 
A 1 51 LYS 51 51 51 LYS LYS A . n 
A 1 52 VAL 52 52 52 VAL VAL A . n 
A 1 53 VAL 53 53 53 VAL VAL A . n 
A 1 54 CYS 54 54 54 CYS CYS A . n 
A 1 55 CYS 55 55 55 CYS CYS A . n 
A 1 56 ASN 56 56 56 ASN ASN A . n 
A 1 57 LYS 57 57 57 LYS LYS A . n 
A 1 58 ASP 58 58 58 ASP ASP A . n 
A 1 59 LYS 59 59 59 LYS LYS A . n 
A 1 60 CYS 60 60 60 CYS CYS A . n 
A 1 61 ASN 61 61 61 ASN ASN A . n 
B 1 1  LEU 1  1  1  LEU LEU B . n 
B 1 2  LYS 2  2  2  LYS LYS B . n 
B 1 3  CYS 3  3  3  CYS CYS B . n 
B 1 4  HIS 4  4  4  HIS HIS B . n 
B 1 5  ASN 5  5  5  ASN ASN B . n 
B 1 6  LYS 6  6  6  LYS LYS B . n 
B 1 7  LEU 7  7  7  LEU LEU B . n 
B 1 8  VAL 8  8  8  VAL VAL B . n 
B 1 9  PRO 9  9  9  PRO PRO B . n 
B 1 10 PHE 10 10 10 PHE PHE B . n 
B 1 11 LEU 11 11 11 LEU LEU B . n 
B 1 12 SER 12 12 12 SER SER B . n 
B 1 13 LYS 13 13 13 LYS LYS B . n 
B 1 14 THR 14 14 14 THR THR B . n 
B 1 15 CYS 15 15 15 CYS CYS B . n 
B 1 16 PRO 16 16 16 PRO PRO B . n 
B 1 17 GLU 17 17 17 GLU GLU B . n 
B 1 18 GLY 18 18 18 GLY GLY B . n 
B 1 19 LYS 19 19 19 LYS LYS B . n 
B 1 20 ASN 20 20 20 ASN ASN B . n 
B 1 21 LEU 21 21 21 LEU LEU B . n 
B 1 22 CYS 22 22 22 CYS CYS B . n 
B 1 23 TYR 23 23 23 TYR TYR B . n 
B 1 24 LYS 24 24 24 LYS LYS B . n 
B 1 25 MET 25 25 25 MET MET B . n 
B 1 26 THR 26 26 26 THR THR B . n 
B 1 27 LEU 27 27 27 LEU LEU B . n 
B 1 28 MET 28 28 28 MET MET B . n 
B 1 29 LYS 29 29 29 LYS LYS B . n 
B 1 30 MET 30 30 30 MET MET B . n 
B 1 31 PRO 31 31 31 PRO PRO B . n 
B 1 32 LYS 32 32 32 LYS LYS B . n 
B 1 33 ILE 33 33 33 ILE ILE B . n 
B 1 34 PRO 34 34 34 PRO PRO B . n 
B 1 35 ILE 35 35 35 ILE ILE B . n 
B 1 36 LYS 36 36 36 LYS LYS B . n 
B 1 37 ARG 37 37 37 ARG ARG B . n 
B 1 38 GLY 38 38 38 GLY GLY B . n 
B 1 39 CYS 39 39 39 CYS CYS B . n 
B 1 40 THR 40 40 40 THR THR B . n 
B 1 41 ASP 41 41 41 ASP ASP B . n 
B 1 42 ALA 42 42 42 ALA ALA B . n 
B 1 43 CYS 43 43 43 CYS CYS B . n 
B 1 44 PRO 44 44 44 PRO PRO B . n 
B 1 45 LYS 45 45 45 LYS LYS B . n 
B 1 46 SER 46 46 46 SER SER B . n 
B 1 47 SER 47 47 47 SER SER B . n 
B 1 48 LEU 48 48 48 LEU LEU B . n 
B 1 49 LEU 49 49 49 LEU LEU B . n 
B 1 50 VAL 50 50 50 VAL VAL B . n 
B 1 51 LYS 51 51 51 LYS LYS B . n 
B 1 52 VAL 52 52 52 VAL VAL B . n 
B 1 53 VAL 53 53 53 VAL VAL B . n 
B 1 54 CYS 54 54 54 CYS CYS B . n 
B 1 55 CYS 55 55 55 CYS CYS B . n 
B 1 56 ASN 56 56 56 ASN ASN B . n 
B 1 57 LYS 57 57 57 LYS LYS B . n 
B 1 58 ASP 58 58 58 ASP ASP B . n 
B 1 59 LYS 59 59 59 LYS LYS B . n 
B 1 60 CYS 60 60 60 CYS CYS B . n 
B 1 61 ASN 61 61 61 ASN ASN B . n 
# 
loop_
_pdbx_nonpoly_scheme.asym_id 
_pdbx_nonpoly_scheme.entity_id 
_pdbx_nonpoly_scheme.mon_id 
_pdbx_nonpoly_scheme.ndb_seq_num 
_pdbx_nonpoly_scheme.pdb_seq_num 
_pdbx_nonpoly_scheme.auth_seq_num 
_pdbx_nonpoly_scheme.pdb_mon_id 
_pdbx_nonpoly_scheme.auth_mon_id 
_pdbx_nonpoly_scheme.pdb_strand_id 
_pdbx_nonpoly_scheme.pdb_ins_code 
C 2 HOH 1  101 1  HOH HOH A . 
C 2 HOH 2  102 2  HOH HOH A . 
C 2 HOH 3  103 3  HOH HOH A . 
C 2 HOH 4  104 4  HOH HOH A . 
C 2 HOH 5  105 5  HOH HOH A . 
C 2 HOH 6  106 6  HOH HOH A . 
C 2 HOH 7  107 7  HOH HOH A . 
C 2 HOH 8  108 8  HOH HOH A . 
C 2 HOH 9  109 9  HOH HOH A . 
C 2 HOH 10 110 10 HOH HOH A . 
C 2 HOH 11 111 11 HOH HOH A . 
C 2 HOH 12 112 12 HOH HOH A . 
C 2 HOH 13 113 13 HOH HOH A . 
C 2 HOH 14 114 14 HOH HOH A . 
C 2 HOH 15 115 15 HOH HOH A . 
C 2 HOH 16 116 16 HOH HOH A . 
C 2 HOH 17 117 17 HOH HOH A . 
C 2 HOH 18 118 18 HOH HOH A . 
C 2 HOH 19 119 43 HOH HOH A . 
C 2 HOH 20 120 44 HOH HOH A . 
D 2 HOH 1  101 19 HOH HOH B . 
D 2 HOH 2  102 20 HOH HOH B . 
D 2 HOH 3  103 21 HOH HOH B . 
D 2 HOH 4  104 22 HOH HOH B . 
D 2 HOH 5  105 23 HOH HOH B . 
D 2 HOH 6  106 24 HOH HOH B . 
D 2 HOH 7  107 25 HOH HOH B . 
D 2 HOH 8  108 26 HOH HOH B . 
D 2 HOH 9  109 27 HOH HOH B . 
D 2 HOH 10 110 28 HOH HOH B . 
D 2 HOH 11 111 29 HOH HOH B . 
D 2 HOH 12 112 30 HOH HOH B . 
D 2 HOH 13 113 31 HOH HOH B . 
D 2 HOH 14 114 32 HOH HOH B . 
D 2 HOH 15 115 33 HOH HOH B . 
D 2 HOH 16 116 34 HOH HOH B . 
D 2 HOH 17 117 35 HOH HOH B . 
D 2 HOH 18 118 36 HOH HOH B . 
D 2 HOH 19 119 37 HOH HOH B . 
D 2 HOH 20 120 38 HOH HOH B . 
D 2 HOH 21 121 39 HOH HOH B . 
D 2 HOH 22 122 40 HOH HOH B . 
D 2 HOH 23 123 41 HOH HOH B . 
D 2 HOH 24 124 42 HOH HOH B . 
D 2 HOH 25 125 45 HOH HOH B . 
D 2 HOH 26 126 46 HOH HOH B . 
D 2 HOH 27 127 47 HOH HOH B . 
D 2 HOH 28 128 48 HOH HOH B . 
D 2 HOH 29 129 49 HOH HOH B . 
# 
loop_
_software.name 
_software.classification 
_software.version 
_software.citation_id 
_software.pdbx_ordinal 
CrystalClear 'data collection' .                            ? 1 
PHASER       phasing           .                            ? 2 
PHENIX       refinement        '(phenix.refine: 1.7.3_928)' ? 3 
HKL-2000     'data reduction'  .                            ? 4 
HKL-2000     'data scaling'    .                            ? 5 
# 
_cell.entry_id           3VTS 
_cell.length_a           49.718 
_cell.length_b           50.057 
_cell.length_c           57.813 
_cell.angle_alpha        90.00 
_cell.angle_beta         90.00 
_cell.angle_gamma        90.00 
_cell.Z_PDB              8 
_cell.pdbx_unique_axis   ? 
_cell.length_a_esd       ? 
_cell.length_b_esd       ? 
_cell.length_c_esd       ? 
_cell.angle_alpha_esd    ? 
_cell.angle_beta_esd     ? 
_cell.angle_gamma_esd    ? 
# 
_symmetry.entry_id                         3VTS 
_symmetry.space_group_name_H-M             'P 21 21 21' 
_symmetry.pdbx_full_space_group_name_H-M   ? 
_symmetry.cell_setting                     ? 
_symmetry.Int_Tables_number                19 
_symmetry.space_group_name_Hall            ? 
# 
_exptl.entry_id          3VTS 
_exptl.method            'X-RAY DIFFRACTION' 
_exptl.crystals_number   1 
# 
_exptl_crystal.id                    1 
_exptl_crystal.density_meas          ? 
_exptl_crystal.density_Matthews      2.62 
_exptl_crystal.density_percent_sol   53.09 
_exptl_crystal.description           ? 
_exptl_crystal.F_000                 ? 
_exptl_crystal.preparation           ? 
# 
_exptl_crystal_grow.crystal_id      1 
_exptl_crystal_grow.method          'VAPOR DIFFUSION, HANGING DROP' 
_exptl_crystal_grow.temp            298 
_exptl_crystal_grow.temp_details    ? 
_exptl_crystal_grow.pH              4.5 
_exptl_crystal_grow.pdbx_pH_range   ? 
_exptl_crystal_grow.pdbx_details    
;150mM  ammonium acetate,  100mM sodium acetate, 25% polyethylene glycol 4000 , pH 4.5, VAPOR DIFFUSION, HANGING DROP, temperature 298K
;
# 
_diffrn.id                     1 
_diffrn.ambient_temp           100 
_diffrn.ambient_temp_details   ? 
_diffrn.crystal_id             1 
# 
_diffrn_detector.diffrn_id              1 
_diffrn_detector.detector               'IMAGE PLATE' 
_diffrn_detector.type                   'RIGAKU RAXIS IV++' 
_diffrn_detector.pdbx_collection_date   2008-10-31 
_diffrn_detector.details                mirrors 
# 
_diffrn_radiation.diffrn_id                        1 
_diffrn_radiation.wavelength_id                    1 
_diffrn_radiation.pdbx_monochromatic_or_laue_m_l   M 
_diffrn_radiation.monochromator                    GRAPHITE 
_diffrn_radiation.pdbx_diffrn_protocol             'SINGLE WAVELENGTH' 
_diffrn_radiation.pdbx_scattering_type             x-ray 
# 
_diffrn_radiation_wavelength.id           1 
_diffrn_radiation_wavelength.wavelength   1.5418 
_diffrn_radiation_wavelength.wt           1.0 
# 
_diffrn_source.diffrn_id                   1 
_diffrn_source.source                      'ROTATING ANODE' 
_diffrn_source.type                        RIGAKU 
_diffrn_source.pdbx_synchrotron_site       ? 
_diffrn_source.pdbx_synchrotron_beamline   ? 
_diffrn_source.pdbx_wavelength             ? 
_diffrn_source.pdbx_wavelength_list        1.5418 
# 
_reflns.pdbx_diffrn_id               1 
_reflns.pdbx_ordinal                 1 
_reflns.entry_id                     3VTS 
_reflns.observed_criterion_sigma_I   2.0 
_reflns.observed_criterion_sigma_F   2.0 
_reflns.d_resolution_low             30.112 
_reflns.d_resolution_high            2.426 
_reflns.number_obs                   5614 
_reflns.number_all                   5639 
_reflns.percent_possible_obs         96.2 
_reflns.pdbx_Rmerge_I_obs            0.064 
_reflns.pdbx_Rsym_value              ? 
_reflns.pdbx_netI_over_sigmaI        20.6 
_reflns.B_iso_Wilson_estimate        ? 
_reflns.pdbx_redundancy              3.9 
_reflns.R_free_details               ? 
_reflns.limit_h_max                  ? 
_reflns.limit_h_min                  ? 
_reflns.limit_k_max                  ? 
_reflns.limit_k_min                  ? 
_reflns.limit_l_max                  ? 
_reflns.limit_l_min                  ? 
_reflns.observed_criterion_F_max     ? 
_reflns.observed_criterion_F_min     ? 
_reflns.pdbx_chi_squared             ? 
_reflns.pdbx_scaling_rejects         ? 
# 
_refine.pdbx_refine_id                           'X-RAY DIFFRACTION' 
_refine.entry_id                                 3VTS 
_refine.pdbx_diffrn_id                           1 
_refine.pdbx_TLS_residual_ADP_flag               ? 
_refine.ls_number_reflns_obs                     5614 
_refine.ls_number_reflns_all                     5639 
_refine.pdbx_ls_sigma_I                          ? 
_refine.pdbx_ls_sigma_F                          1.35 
_refine.pdbx_data_cutoff_high_absF               ? 
_refine.pdbx_data_cutoff_low_absF                ? 
_refine.pdbx_data_cutoff_high_rms_absF           ? 
_refine.ls_d_res_low                             30.112 
_refine.ls_d_res_high                            2.426 
_refine.ls_percent_reflns_obs                    96.63 
_refine.ls_R_factor_obs                          0.2373 
_refine.ls_R_factor_all                          ? 
_refine.ls_R_factor_R_work                       0.2322 
_refine.ls_R_factor_R_free                       0.2809 
_refine.ls_R_factor_R_free_error                 ? 
_refine.ls_R_factor_R_free_error_details         ? 
_refine.ls_percent_reflns_R_free                 10.21 
_refine.ls_number_reflns_R_free                  573 
_refine.ls_number_parameters                     ? 
_refine.ls_number_restraints                     ? 
_refine.occupancy_min                            ? 
_refine.occupancy_max                            ? 
_refine.correlation_coeff_Fo_to_Fc               ? 
_refine.correlation_coeff_Fo_to_Fc_free          ? 
_refine.B_iso_mean                               ? 
_refine.aniso_B[1][1]                            1.9401 
_refine.aniso_B[2][2]                            4.5662 
_refine.aniso_B[3][3]                            -5.4669 
_refine.aniso_B[1][2]                            0.0000 
_refine.aniso_B[1][3]                            -0.0000 
_refine.aniso_B[2][3]                            -0.0000 
_refine.solvent_model_details                    'FLAT BULK SOLVENT MODEL' 
_refine.solvent_model_param_ksol                 0.290 
_refine.solvent_model_param_bsol                 19.328 
_refine.pdbx_solvent_vdw_probe_radii             1.20 
_refine.pdbx_solvent_ion_probe_radii             ? 
_refine.pdbx_solvent_shrinkage_radii             0.98 
_refine.pdbx_ls_cross_valid_method               ? 
_refine.details                                  ? 
_refine.pdbx_starting_model                      1TGX 
_refine.pdbx_method_to_determine_struct          'MOLECULAR REPLACEMENT' 
_refine.pdbx_isotropic_thermal_model             ? 
_refine.pdbx_stereochemistry_target_values       ML 
_refine.pdbx_stereochem_target_val_spec_case     ? 
_refine.pdbx_R_Free_selection_details            ? 
_refine.pdbx_overall_ESU_R                       ? 
_refine.pdbx_overall_ESU_R_Free                  ? 
_refine.overall_SU_ML                            0.41 
_refine.pdbx_overall_phase_error                 29.36 
_refine.overall_SU_B                             ? 
_refine.overall_SU_R_Cruickshank_DPI             ? 
_refine.pdbx_overall_SU_R_free_Cruickshank_DPI   ? 
_refine.pdbx_overall_SU_R_Blow_DPI               ? 
_refine.pdbx_overall_SU_R_free_Blow_DPI          ? 
_refine.ls_redundancy_reflns_obs                 ? 
_refine.B_iso_min                                ? 
_refine.B_iso_max                                ? 
_refine.overall_SU_R_free                        ? 
_refine.ls_wR_factor_R_free                      ? 
_refine.ls_wR_factor_R_work                      ? 
_refine.overall_FOM_free_R_set                   ? 
_refine.overall_FOM_work_R_set                   ? 
# 
_refine_hist.pdbx_refine_id                   'X-RAY DIFFRACTION' 
_refine_hist.cycle_id                         LAST 
_refine_hist.pdbx_number_atoms_protein        938 
_refine_hist.pdbx_number_atoms_nucleic_acid   0 
_refine_hist.pdbx_number_atoms_ligand         0 
_refine_hist.number_atoms_solvent             49 
_refine_hist.number_atoms_total               987 
_refine_hist.d_res_high                       2.426 
_refine_hist.d_res_low                        30.112 
# 
loop_
_refine_ls_restr.type 
_refine_ls_restr.dev_ideal 
_refine_ls_restr.dev_ideal_target 
_refine_ls_restr.weight 
_refine_ls_restr.number 
_refine_ls_restr.pdbx_refine_id 
_refine_ls_restr.pdbx_restraint_function 
f_bond_d           0.008  ? ? 960  'X-RAY DIFFRACTION' ? 
f_angle_d          1.377  ? ? 1272 'X-RAY DIFFRACTION' ? 
f_dihedral_angle_d 13.951 ? ? 392  'X-RAY DIFFRACTION' ? 
f_chiral_restr     0.088  ? ? 150  'X-RAY DIFFRACTION' ? 
f_plane_restr      0.006  ? ? 154  'X-RAY DIFFRACTION' ? 
# 
loop_
_refine_ls_restr_ncs.dom_id 
_refine_ls_restr_ncs.pdbx_auth_asym_id 
_refine_ls_restr_ncs.pdbx_number 
_refine_ls_restr_ncs.rms_dev_position 
_refine_ls_restr_ncs.weight_position 
_refine_ls_restr_ncs.pdbx_type 
_refine_ls_restr_ncs.pdbx_ens_id 
_refine_ls_restr_ncs.pdbx_ordinal 
_refine_ls_restr_ncs.pdbx_refine_id 
_refine_ls_restr_ncs.ncs_model_details 
_refine_ls_restr_ncs.rms_dev_B_iso 
_refine_ls_restr_ncs.weight_B_iso 
_refine_ls_restr_ncs.pdbx_asym_id 
_refine_ls_restr_ncs.pdbx_rms 
_refine_ls_restr_ncs.pdbx_weight 
1 A 469 ?     ? POSITIONAL 1 1 'X-RAY DIFFRACTION' ? ? ? ? ? ? 
2 B 469 0.063 ? POSITIONAL 1 2 'X-RAY DIFFRACTION' ? ? ? ? ? ? 
# 
loop_
_refine_ls_shell.pdbx_refine_id 
_refine_ls_shell.pdbx_total_number_of_bins_used 
_refine_ls_shell.d_res_high 
_refine_ls_shell.d_res_low 
_refine_ls_shell.number_reflns_R_work 
_refine_ls_shell.R_factor_R_work 
_refine_ls_shell.percent_reflns_obs 
_refine_ls_shell.R_factor_R_free 
_refine_ls_shell.R_factor_R_free_error 
_refine_ls_shell.percent_reflns_R_free 
_refine_ls_shell.number_reflns_R_free 
_refine_ls_shell.number_reflns_all 
_refine_ls_shell.R_factor_all 
_refine_ls_shell.redundancy_reflns_obs 
_refine_ls_shell.number_reflns_obs 
'X-RAY DIFFRACTION' 4 2.4261 2.6702  1242 0.3162 97.00 0.3916 . . 139 . . . . 
'X-RAY DIFFRACTION' 4 2.6702 3.0562  1271 0.2594 99.00 0.3343 . . 148 . . . . 
'X-RAY DIFFRACTION' 4 3.0562 3.8493  1263 0.2437 97.00 0.3212 . . 138 . . . . 
'X-RAY DIFFRACTION' 4 3.8493 30.1147 1265 0.1914 93.00 0.2082 . . 148 . . . . 
# 
loop_
_struct_ncs_dom.id 
_struct_ncs_dom.details 
_struct_ncs_dom.pdbx_ens_id 
1 ? 1 
2 ? 1 
# 
loop_
_struct_ncs_dom_lim.dom_id 
_struct_ncs_dom_lim.beg_auth_asym_id 
_struct_ncs_dom_lim.beg_auth_seq_id 
_struct_ncs_dom_lim.end_auth_asym_id 
_struct_ncs_dom_lim.end_auth_seq_id 
_struct_ncs_dom_lim.pdbx_component_id 
_struct_ncs_dom_lim.pdbx_refine_code 
_struct_ncs_dom_lim.beg_label_asym_id 
_struct_ncs_dom_lim.beg_label_comp_id 
_struct_ncs_dom_lim.beg_label_seq_id 
_struct_ncs_dom_lim.beg_label_alt_id 
_struct_ncs_dom_lim.end_label_asym_id 
_struct_ncs_dom_lim.end_label_comp_id 
_struct_ncs_dom_lim.end_label_seq_id 
_struct_ncs_dom_lim.end_label_alt_id 
_struct_ncs_dom_lim.pdbx_ens_id 
_struct_ncs_dom_lim.selection_details 
_struct_ncs_dom_lim.beg_auth_comp_id 
_struct_ncs_dom_lim.end_auth_comp_id 
1 ? ? ? ? 1 ? ? ? ? ? ? ? ? ? 1 'CHAIN A AND (RESSEQ 1:61 )' ? ? 
2 ? ? ? ? 1 ? ? ? ? ? ? ? ? ? 1 'CHAIN B AND (RESSEQ 1:61 )' ? ? 
# 
_struct_ncs_ens.id        1 
_struct_ncs_ens.details   ? 
# 
_struct.entry_id                  3VTS 
_struct.title                     'Crystal structure of a three finger toxin from snake venom' 
_struct.pdbx_model_details        ? 
_struct.pdbx_CASP_flag            ? 
_struct.pdbx_model_type_details   ? 
# 
_struct_keywords.entry_id        3VTS 
_struct_keywords.pdbx_keywords   TOXIN 
_struct_keywords.text            'Three finger toxin, Venom toxin, toxin' 
# 
loop_
_struct_asym.id 
_struct_asym.pdbx_blank_PDB_chainid_flag 
_struct_asym.pdbx_modified 
_struct_asym.entity_id 
_struct_asym.details 
A N N 1 ? 
B N N 1 ? 
C N N 2 ? 
D N N 2 ? 
# 
_struct_ref.id                         1 
_struct_ref.db_name                    PDB 
_struct_ref.db_code                    3VTS 
_struct_ref.pdbx_db_accession          3VTS 
_struct_ref.entity_id                  1 
_struct_ref.pdbx_align_begin           ? 
_struct_ref.pdbx_seq_one_letter_code   ? 
_struct_ref.pdbx_db_isoform            ? 
# 
loop_
_struct_ref_seq.align_id 
_struct_ref_seq.ref_id 
_struct_ref_seq.pdbx_PDB_id_code 
_struct_ref_seq.pdbx_strand_id 
_struct_ref_seq.seq_align_beg 
_struct_ref_seq.pdbx_seq_align_beg_ins_code 
_struct_ref_seq.seq_align_end 
_struct_ref_seq.pdbx_seq_align_end_ins_code 
_struct_ref_seq.pdbx_db_accession 
_struct_ref_seq.db_align_beg 
_struct_ref_seq.pdbx_db_align_beg_ins_code 
_struct_ref_seq.db_align_end 
_struct_ref_seq.pdbx_db_align_end_ins_code 
_struct_ref_seq.pdbx_auth_seq_align_beg 
_struct_ref_seq.pdbx_auth_seq_align_end 
1 1 3VTS A 1 ? 61 ? 3VTS 1 ? 61 ? 1 61 
2 1 3VTS B 1 ? 61 ? 3VTS 1 ? 61 ? 1 61 
# 
_pdbx_struct_assembly.id                   1 
_pdbx_struct_assembly.details              author_and_software_defined_assembly 
_pdbx_struct_assembly.method_details       PISA 
_pdbx_struct_assembly.oligomeric_details   dimeric 
_pdbx_struct_assembly.oligomeric_count     2 
# 
loop_
_pdbx_struct_assembly_prop.biol_id 
_pdbx_struct_assembly_prop.type 
_pdbx_struct_assembly_prop.value 
_pdbx_struct_assembly_prop.details 
1 'ABSA (A^2)' 1160 ? 
1 MORE         -8   ? 
1 'SSA (A^2)'  7460 ? 
# 
_pdbx_struct_assembly_gen.assembly_id       1 
_pdbx_struct_assembly_gen.oper_expression   1 
_pdbx_struct_assembly_gen.asym_id_list      A,B,C,D 
# 
_pdbx_struct_oper_list.id                   1 
_pdbx_struct_oper_list.type                 'identity operation' 
_pdbx_struct_oper_list.name                 1_555 
_pdbx_struct_oper_list.symmetry_operation   x,y,z 
_pdbx_struct_oper_list.matrix[1][1]         1.0000000000 
_pdbx_struct_oper_list.matrix[1][2]         0.0000000000 
_pdbx_struct_oper_list.matrix[1][3]         0.0000000000 
_pdbx_struct_oper_list.vector[1]            0.0000000000 
_pdbx_struct_oper_list.matrix[2][1]         0.0000000000 
_pdbx_struct_oper_list.matrix[2][2]         1.0000000000 
_pdbx_struct_oper_list.matrix[2][3]         0.0000000000 
_pdbx_struct_oper_list.vector[2]            0.0000000000 
_pdbx_struct_oper_list.matrix[3][1]         0.0000000000 
_pdbx_struct_oper_list.matrix[3][2]         0.0000000000 
_pdbx_struct_oper_list.matrix[3][3]         1.0000000000 
_pdbx_struct_oper_list.vector[3]            0.0000000000 
# 
_struct_biol.id        1 
_struct_biol.details   ? 
# 
loop_
_struct_conn.id 
_struct_conn.conn_type_id 
_struct_conn.pdbx_leaving_atom_flag 
_struct_conn.pdbx_PDB_id 
_struct_conn.ptnr1_label_asym_id 
_struct_conn.ptnr1_label_comp_id 
_struct_conn.ptnr1_label_seq_id 
_struct_conn.ptnr1_label_atom_id 
_struct_conn.pdbx_ptnr1_label_alt_id 
_struct_conn.pdbx_ptnr1_PDB_ins_code 
_struct_conn.pdbx_ptnr1_standard_comp_id 
_struct_conn.ptnr1_symmetry 
_struct_conn.ptnr2_label_asym_id 
_struct_conn.ptnr2_label_comp_id 
_struct_conn.ptnr2_label_seq_id 
_struct_conn.ptnr2_label_atom_id 
_struct_conn.pdbx_ptnr2_label_alt_id 
_struct_conn.pdbx_ptnr2_PDB_ins_code 
_struct_conn.ptnr1_auth_asym_id 
_struct_conn.ptnr1_auth_comp_id 
_struct_conn.ptnr1_auth_seq_id 
_struct_conn.ptnr2_auth_asym_id 
_struct_conn.ptnr2_auth_comp_id 
_struct_conn.ptnr2_auth_seq_id 
_struct_conn.ptnr2_symmetry 
_struct_conn.pdbx_ptnr3_label_atom_id 
_struct_conn.pdbx_ptnr3_label_seq_id 
_struct_conn.pdbx_ptnr3_label_comp_id 
_struct_conn.pdbx_ptnr3_label_asym_id 
_struct_conn.pdbx_ptnr3_label_alt_id 
_struct_conn.pdbx_ptnr3_PDB_ins_code 
_struct_conn.details 
_struct_conn.pdbx_dist_value 
_struct_conn.pdbx_value_order 
_struct_conn.pdbx_role 
disulf1 disulf ? ? A CYS 3  SG ? ? ? 1_555 A CYS 22 SG ? ? A CYS 3  A CYS 22 1_555 ? ? ? ? ? ? ? 2.041 ? ? 
disulf2 disulf ? ? A CYS 15 SG ? ? ? 1_555 A CYS 39 SG ? ? A CYS 15 A CYS 39 1_555 ? ? ? ? ? ? ? 2.035 ? ? 
disulf3 disulf ? ? A CYS 43 SG ? ? ? 1_555 A CYS 54 SG ? ? A CYS 43 A CYS 54 1_555 ? ? ? ? ? ? ? 2.032 ? ? 
disulf4 disulf ? ? A CYS 55 SG ? ? ? 1_555 A CYS 60 SG ? ? A CYS 55 A CYS 60 1_555 ? ? ? ? ? ? ? 2.048 ? ? 
disulf5 disulf ? ? B CYS 3  SG ? ? ? 1_555 B CYS 22 SG ? ? B CYS 3  B CYS 22 1_555 ? ? ? ? ? ? ? 2.024 ? ? 
disulf6 disulf ? ? B CYS 15 SG ? ? ? 1_555 B CYS 39 SG ? ? B CYS 15 B CYS 39 1_555 ? ? ? ? ? ? ? 2.036 ? ? 
disulf7 disulf ? ? B CYS 43 SG ? ? ? 1_555 B CYS 54 SG ? ? B CYS 43 B CYS 54 1_555 ? ? ? ? ? ? ? 2.044 ? ? 
disulf8 disulf ? ? B CYS 55 SG ? ? ? 1_555 B CYS 60 SG ? ? B CYS 55 B CYS 60 1_555 ? ? ? ? ? ? ? 2.022 ? ? 
# 
_struct_conn_type.id          disulf 
_struct_conn_type.criteria    ? 
_struct_conn_type.reference   ? 
# 
loop_
_pdbx_modification_feature.ordinal 
_pdbx_modification_feature.label_comp_id 
_pdbx_modification_feature.label_asym_id 
_pdbx_modification_feature.label_seq_id 
_pdbx_modification_feature.label_alt_id 
_pdbx_modification_feature.modified_residue_label_comp_id 
_pdbx_modification_feature.modified_residue_label_asym_id 
_pdbx_modification_feature.modified_residue_label_seq_id 
_pdbx_modification_feature.modified_residue_label_alt_id 
_pdbx_modification_feature.auth_comp_id 
_pdbx_modification_feature.auth_asym_id 
_pdbx_modification_feature.auth_seq_id 
_pdbx_modification_feature.PDB_ins_code 
_pdbx_modification_feature.symmetry 
_pdbx_modification_feature.modified_residue_auth_comp_id 
_pdbx_modification_feature.modified_residue_auth_asym_id 
_pdbx_modification_feature.modified_residue_auth_seq_id 
_pdbx_modification_feature.modified_residue_PDB_ins_code 
_pdbx_modification_feature.modified_residue_symmetry 
_pdbx_modification_feature.comp_id_linking_atom 
_pdbx_modification_feature.modified_residue_id_linking_atom 
_pdbx_modification_feature.modified_residue_id 
_pdbx_modification_feature.ref_pcm_id 
_pdbx_modification_feature.ref_comp_id 
_pdbx_modification_feature.type 
_pdbx_modification_feature.category 
1 CYS A 3  ? CYS A 22 ? CYS A 3  ? 1_555 CYS A 22 ? 1_555 SG SG . . . None 'Disulfide bridge' 
2 CYS A 15 ? CYS A 39 ? CYS A 15 ? 1_555 CYS A 39 ? 1_555 SG SG . . . None 'Disulfide bridge' 
3 CYS A 43 ? CYS A 54 ? CYS A 43 ? 1_555 CYS A 54 ? 1_555 SG SG . . . None 'Disulfide bridge' 
4 CYS A 55 ? CYS A 60 ? CYS A 55 ? 1_555 CYS A 60 ? 1_555 SG SG . . . None 'Disulfide bridge' 
5 CYS B 3  ? CYS B 22 ? CYS B 3  ? 1_555 CYS B 22 ? 1_555 SG SG . . . None 'Disulfide bridge' 
6 CYS B 15 ? CYS B 39 ? CYS B 15 ? 1_555 CYS B 39 ? 1_555 SG SG . . . None 'Disulfide bridge' 
7 CYS B 43 ? CYS B 54 ? CYS B 43 ? 1_555 CYS B 54 ? 1_555 SG SG . . . None 'Disulfide bridge' 
8 CYS B 55 ? CYS B 60 ? CYS B 55 ? 1_555 CYS B 60 ? 1_555 SG SG . . . None 'Disulfide bridge' 
# 
loop_
_struct_sheet.id 
_struct_sheet.type 
_struct_sheet.number_strands 
_struct_sheet.details 
A ? 2 ? 
B ? 3 ? 
C ? 2 ? 
D ? 3 ? 
# 
loop_
_struct_sheet_order.sheet_id 
_struct_sheet_order.range_id_1 
_struct_sheet_order.range_id_2 
_struct_sheet_order.offset 
_struct_sheet_order.sense 
A 1 2 ? anti-parallel 
B 1 2 ? anti-parallel 
B 2 3 ? anti-parallel 
C 1 2 ? anti-parallel 
D 1 2 ? anti-parallel 
D 2 3 ? anti-parallel 
# 
loop_
_struct_sheet_range.sheet_id 
_struct_sheet_range.id 
_struct_sheet_range.beg_label_comp_id 
_struct_sheet_range.beg_label_asym_id 
_struct_sheet_range.beg_label_seq_id 
_struct_sheet_range.pdbx_beg_PDB_ins_code 
_struct_sheet_range.end_label_comp_id 
_struct_sheet_range.end_label_asym_id 
_struct_sheet_range.end_label_seq_id 
_struct_sheet_range.pdbx_end_PDB_ins_code 
_struct_sheet_range.beg_auth_comp_id 
_struct_sheet_range.beg_auth_asym_id 
_struct_sheet_range.beg_auth_seq_id 
_struct_sheet_range.end_auth_comp_id 
_struct_sheet_range.end_auth_asym_id 
_struct_sheet_range.end_auth_seq_id 
A 1 LYS A 2  ? HIS A 4  ? LYS A 2  HIS A 4  
A 2 SER A 12 ? THR A 14 ? SER A 12 THR A 14 
B 1 MET A 30 ? THR A 40 ? MET A 30 THR A 40 
B 2 LEU A 21 ? LEU A 27 ? LEU A 21 LEU A 27 
B 3 VAL A 50 ? CYS A 55 ? VAL A 50 CYS A 55 
C 1 LYS B 2  ? HIS B 4  ? LYS B 2  HIS B 4  
C 2 SER B 12 ? THR B 14 ? SER B 12 THR B 14 
D 1 MET B 30 ? THR B 40 ? MET B 30 THR B 40 
D 2 LEU B 21 ? LEU B 27 ? LEU B 21 LEU B 27 
D 3 VAL B 50 ? CYS B 55 ? VAL B 50 CYS B 55 
# 
loop_
_pdbx_struct_sheet_hbond.sheet_id 
_pdbx_struct_sheet_hbond.range_id_1 
_pdbx_struct_sheet_hbond.range_id_2 
_pdbx_struct_sheet_hbond.range_1_label_atom_id 
_pdbx_struct_sheet_hbond.range_1_label_comp_id 
_pdbx_struct_sheet_hbond.range_1_label_asym_id 
_pdbx_struct_sheet_hbond.range_1_label_seq_id 
_pdbx_struct_sheet_hbond.range_1_PDB_ins_code 
_pdbx_struct_sheet_hbond.range_1_auth_atom_id 
_pdbx_struct_sheet_hbond.range_1_auth_comp_id 
_pdbx_struct_sheet_hbond.range_1_auth_asym_id 
_pdbx_struct_sheet_hbond.range_1_auth_seq_id 
_pdbx_struct_sheet_hbond.range_2_label_atom_id 
_pdbx_struct_sheet_hbond.range_2_label_comp_id 
_pdbx_struct_sheet_hbond.range_2_label_asym_id 
_pdbx_struct_sheet_hbond.range_2_label_seq_id 
_pdbx_struct_sheet_hbond.range_2_PDB_ins_code 
_pdbx_struct_sheet_hbond.range_2_auth_atom_id 
_pdbx_struct_sheet_hbond.range_2_auth_comp_id 
_pdbx_struct_sheet_hbond.range_2_auth_asym_id 
_pdbx_struct_sheet_hbond.range_2_auth_seq_id 
A 1 2 N CYS A 3  ? N CYS A 3  O LYS A 13 ? O LYS A 13 
B 1 2 O ILE A 35 ? O ILE A 35 N MET A 25 ? N MET A 25 
B 2 3 N CYS A 22 ? N CYS A 22 O CYS A 55 ? O CYS A 55 
C 1 2 N CYS B 3  ? N CYS B 3  O LYS B 13 ? O LYS B 13 
D 1 2 O ILE B 35 ? O ILE B 35 N MET B 25 ? N MET B 25 
D 2 3 N CYS B 22 ? N CYS B 22 O CYS B 55 ? O CYS B 55 
# 
_pdbx_entry_details.entry_id                   3VTS 
_pdbx_entry_details.nonpolymer_details         ? 
_pdbx_entry_details.sequence_details           
'THE AUTHOR DEPOSITED SEQUENCE OF THIS PROTEIN AS THE CODE B3EWH9 BUT IT DOES NOT APPEAR IN TE SEQUENCE DATABASE YET.' 
_pdbx_entry_details.compound_details           ? 
_pdbx_entry_details.source_details             ? 
_pdbx_entry_details.has_ligand_of_interest     ? 
_pdbx_entry_details.has_protein_modification   Y 
# 
loop_
_pdbx_validate_torsion.id 
_pdbx_validate_torsion.PDB_model_num 
_pdbx_validate_torsion.auth_comp_id 
_pdbx_validate_torsion.auth_asym_id 
_pdbx_validate_torsion.auth_seq_id 
_pdbx_validate_torsion.PDB_ins_code 
_pdbx_validate_torsion.label_alt_id 
_pdbx_validate_torsion.phi 
_pdbx_validate_torsion.psi 
1 1 PHE A 10 ? ? 71.86 -54.71 
2 1 PHE B 10 ? ? 71.59 -53.63 
# 
_pdbx_refine_tls.pdbx_refine_id   'X-RAY DIFFRACTION' 
_pdbx_refine_tls.id               1 
_pdbx_refine_tls.details          ? 
_pdbx_refine_tls.method           refined 
_pdbx_refine_tls.origin_x         -0.2394 
_pdbx_refine_tls.origin_y         -0.0225 
_pdbx_refine_tls.origin_z         0.0925 
_pdbx_refine_tls.T[1][1]          0.1694 
_pdbx_refine_tls.T[2][2]          0.1740 
_pdbx_refine_tls.T[3][3]          0.2959 
_pdbx_refine_tls.T[1][2]          -0.0118 
_pdbx_refine_tls.T[1][3]          0.0063 
_pdbx_refine_tls.T[2][3]          -0.0135 
_pdbx_refine_tls.L[1][1]          1.1804 
_pdbx_refine_tls.L[2][2]          2.0472 
_pdbx_refine_tls.L[3][3]          1.0680 
_pdbx_refine_tls.L[1][2]          -0.1829 
_pdbx_refine_tls.L[1][3]          0.1953 
_pdbx_refine_tls.L[2][3]          -0.3796 
_pdbx_refine_tls.S[1][1]          0.0349 
_pdbx_refine_tls.S[1][2]          -0.0430 
_pdbx_refine_tls.S[1][3]          -0.0144 
_pdbx_refine_tls.S[2][1]          -0.0521 
_pdbx_refine_tls.S[2][2]          -0.1054 
_pdbx_refine_tls.S[2][3]          -0.0358 
_pdbx_refine_tls.S[3][1]          0.0865 
_pdbx_refine_tls.S[3][2]          -0.0179 
_pdbx_refine_tls.S[3][3]          0.0719 
# 
_pdbx_refine_tls_group.pdbx_refine_id      'X-RAY DIFFRACTION' 
_pdbx_refine_tls_group.id                  1 
_pdbx_refine_tls_group.refine_tls_id       1 
_pdbx_refine_tls_group.beg_auth_asym_id    ? 
_pdbx_refine_tls_group.beg_auth_seq_id     ? 
_pdbx_refine_tls_group.beg_label_asym_id   ? 
_pdbx_refine_tls_group.beg_label_seq_id    ? 
_pdbx_refine_tls_group.end_auth_asym_id    ? 
_pdbx_refine_tls_group.end_auth_seq_id     ? 
_pdbx_refine_tls_group.end_label_asym_id   ? 
_pdbx_refine_tls_group.end_label_seq_id    ? 
_pdbx_refine_tls_group.selection           ? 
_pdbx_refine_tls_group.selection_details   ALL 
# 
loop_
_chem_comp_atom.comp_id 
_chem_comp_atom.atom_id 
_chem_comp_atom.type_symbol 
_chem_comp_atom.pdbx_aromatic_flag 
_chem_comp_atom.pdbx_stereo_config 
_chem_comp_atom.pdbx_ordinal 
ALA N    N N N 1   
ALA CA   C N S 2   
ALA C    C N N 3   
ALA O    O N N 4   
ALA CB   C N N 5   
ALA OXT  O N N 6   
ALA H    H N N 7   
ALA H2   H N N 8   
ALA HA   H N N 9   
ALA HB1  H N N 10  
ALA HB2  H N N 11  
ALA HB3  H N N 12  
ALA HXT  H N N 13  
ARG N    N N N 14  
ARG CA   C N S 15  
ARG C    C N N 16  
ARG O    O N N 17  
ARG CB   C N N 18  
ARG CG   C N N 19  
ARG CD   C N N 20  
ARG NE   N N N 21  
ARG CZ   C N N 22  
ARG NH1  N N N 23  
ARG NH2  N N N 24  
ARG OXT  O N N 25  
ARG H    H N N 26  
ARG H2   H N N 27  
ARG HA   H N N 28  
ARG HB2  H N N 29  
ARG HB3  H N N 30  
ARG HG2  H N N 31  
ARG HG3  H N N 32  
ARG HD2  H N N 33  
ARG HD3  H N N 34  
ARG HE   H N N 35  
ARG HH11 H N N 36  
ARG HH12 H N N 37  
ARG HH21 H N N 38  
ARG HH22 H N N 39  
ARG HXT  H N N 40  
ASN N    N N N 41  
ASN CA   C N S 42  
ASN C    C N N 43  
ASN O    O N N 44  
ASN CB   C N N 45  
ASN CG   C N N 46  
ASN OD1  O N N 47  
ASN ND2  N N N 48  
ASN OXT  O N N 49  
ASN H    H N N 50  
ASN H2   H N N 51  
ASN HA   H N N 52  
ASN HB2  H N N 53  
ASN HB3  H N N 54  
ASN HD21 H N N 55  
ASN HD22 H N N 56  
ASN HXT  H N N 57  
ASP N    N N N 58  
ASP CA   C N S 59  
ASP C    C N N 60  
ASP O    O N N 61  
ASP CB   C N N 62  
ASP CG   C N N 63  
ASP OD1  O N N 64  
ASP OD2  O N N 65  
ASP OXT  O N N 66  
ASP H    H N N 67  
ASP H2   H N N 68  
ASP HA   H N N 69  
ASP HB2  H N N 70  
ASP HB3  H N N 71  
ASP HD2  H N N 72  
ASP HXT  H N N 73  
CYS N    N N N 74  
CYS CA   C N R 75  
CYS C    C N N 76  
CYS O    O N N 77  
CYS CB   C N N 78  
CYS SG   S N N 79  
CYS OXT  O N N 80  
CYS H    H N N 81  
CYS H2   H N N 82  
CYS HA   H N N 83  
CYS HB2  H N N 84  
CYS HB3  H N N 85  
CYS HG   H N N 86  
CYS HXT  H N N 87  
GLU N    N N N 88  
GLU CA   C N S 89  
GLU C    C N N 90  
GLU O    O N N 91  
GLU CB   C N N 92  
GLU CG   C N N 93  
GLU CD   C N N 94  
GLU OE1  O N N 95  
GLU OE2  O N N 96  
GLU OXT  O N N 97  
GLU H    H N N 98  
GLU H2   H N N 99  
GLU HA   H N N 100 
GLU HB2  H N N 101 
GLU HB3  H N N 102 
GLU HG2  H N N 103 
GLU HG3  H N N 104 
GLU HE2  H N N 105 
GLU HXT  H N N 106 
GLY N    N N N 107 
GLY CA   C N N 108 
GLY C    C N N 109 
GLY O    O N N 110 
GLY OXT  O N N 111 
GLY H    H N N 112 
GLY H2   H N N 113 
GLY HA2  H N N 114 
GLY HA3  H N N 115 
GLY HXT  H N N 116 
HIS N    N N N 117 
HIS CA   C N S 118 
HIS C    C N N 119 
HIS O    O N N 120 
HIS CB   C N N 121 
HIS CG   C Y N 122 
HIS ND1  N Y N 123 
HIS CD2  C Y N 124 
HIS CE1  C Y N 125 
HIS NE2  N Y N 126 
HIS OXT  O N N 127 
HIS H    H N N 128 
HIS H2   H N N 129 
HIS HA   H N N 130 
HIS HB2  H N N 131 
HIS HB3  H N N 132 
HIS HD1  H N N 133 
HIS HD2  H N N 134 
HIS HE1  H N N 135 
HIS HE2  H N N 136 
HIS HXT  H N N 137 
HOH O    O N N 138 
HOH H1   H N N 139 
HOH H2   H N N 140 
ILE N    N N N 141 
ILE CA   C N S 142 
ILE C    C N N 143 
ILE O    O N N 144 
ILE CB   C N S 145 
ILE CG1  C N N 146 
ILE CG2  C N N 147 
ILE CD1  C N N 148 
ILE OXT  O N N 149 
ILE H    H N N 150 
ILE H2   H N N 151 
ILE HA   H N N 152 
ILE HB   H N N 153 
ILE HG12 H N N 154 
ILE HG13 H N N 155 
ILE HG21 H N N 156 
ILE HG22 H N N 157 
ILE HG23 H N N 158 
ILE HD11 H N N 159 
ILE HD12 H N N 160 
ILE HD13 H N N 161 
ILE HXT  H N N 162 
LEU N    N N N 163 
LEU CA   C N S 164 
LEU C    C N N 165 
LEU O    O N N 166 
LEU CB   C N N 167 
LEU CG   C N N 168 
LEU CD1  C N N 169 
LEU CD2  C N N 170 
LEU OXT  O N N 171 
LEU H    H N N 172 
LEU H2   H N N 173 
LEU HA   H N N 174 
LEU HB2  H N N 175 
LEU HB3  H N N 176 
LEU HG   H N N 177 
LEU HD11 H N N 178 
LEU HD12 H N N 179 
LEU HD13 H N N 180 
LEU HD21 H N N 181 
LEU HD22 H N N 182 
LEU HD23 H N N 183 
LEU HXT  H N N 184 
LYS N    N N N 185 
LYS CA   C N S 186 
LYS C    C N N 187 
LYS O    O N N 188 
LYS CB   C N N 189 
LYS CG   C N N 190 
LYS CD   C N N 191 
LYS CE   C N N 192 
LYS NZ   N N N 193 
LYS OXT  O N N 194 
LYS H    H N N 195 
LYS H2   H N N 196 
LYS HA   H N N 197 
LYS HB2  H N N 198 
LYS HB3  H N N 199 
LYS HG2  H N N 200 
LYS HG3  H N N 201 
LYS HD2  H N N 202 
LYS HD3  H N N 203 
LYS HE2  H N N 204 
LYS HE3  H N N 205 
LYS HZ1  H N N 206 
LYS HZ2  H N N 207 
LYS HZ3  H N N 208 
LYS HXT  H N N 209 
MET N    N N N 210 
MET CA   C N S 211 
MET C    C N N 212 
MET O    O N N 213 
MET CB   C N N 214 
MET CG   C N N 215 
MET SD   S N N 216 
MET CE   C N N 217 
MET OXT  O N N 218 
MET H    H N N 219 
MET H2   H N N 220 
MET HA   H N N 221 
MET HB2  H N N 222 
MET HB3  H N N 223 
MET HG2  H N N 224 
MET HG3  H N N 225 
MET HE1  H N N 226 
MET HE2  H N N 227 
MET HE3  H N N 228 
MET HXT  H N N 229 
PHE N    N N N 230 
PHE CA   C N S 231 
PHE C    C N N 232 
PHE O    O N N 233 
PHE CB   C N N 234 
PHE CG   C Y N 235 
PHE CD1  C Y N 236 
PHE CD2  C Y N 237 
PHE CE1  C Y N 238 
PHE CE2  C Y N 239 
PHE CZ   C Y N 240 
PHE OXT  O N N 241 
PHE H    H N N 242 
PHE H2   H N N 243 
PHE HA   H N N 244 
PHE HB2  H N N 245 
PHE HB3  H N N 246 
PHE HD1  H N N 247 
PHE HD2  H N N 248 
PHE HE1  H N N 249 
PHE HE2  H N N 250 
PHE HZ   H N N 251 
PHE HXT  H N N 252 
PRO N    N N N 253 
PRO CA   C N S 254 
PRO C    C N N 255 
PRO O    O N N 256 
PRO CB   C N N 257 
PRO CG   C N N 258 
PRO CD   C N N 259 
PRO OXT  O N N 260 
PRO H    H N N 261 
PRO HA   H N N 262 
PRO HB2  H N N 263 
PRO HB3  H N N 264 
PRO HG2  H N N 265 
PRO HG3  H N N 266 
PRO HD2  H N N 267 
PRO HD3  H N N 268 
PRO HXT  H N N 269 
SER N    N N N 270 
SER CA   C N S 271 
SER C    C N N 272 
SER O    O N N 273 
SER CB   C N N 274 
SER OG   O N N 275 
SER OXT  O N N 276 
SER H    H N N 277 
SER H2   H N N 278 
SER HA   H N N 279 
SER HB2  H N N 280 
SER HB3  H N N 281 
SER HG   H N N 282 
SER HXT  H N N 283 
THR N    N N N 284 
THR CA   C N S 285 
THR C    C N N 286 
THR O    O N N 287 
THR CB   C N R 288 
THR OG1  O N N 289 
THR CG2  C N N 290 
THR OXT  O N N 291 
THR H    H N N 292 
THR H2   H N N 293 
THR HA   H N N 294 
THR HB   H N N 295 
THR HG1  H N N 296 
THR HG21 H N N 297 
THR HG22 H N N 298 
THR HG23 H N N 299 
THR HXT  H N N 300 
TYR N    N N N 301 
TYR CA   C N S 302 
TYR C    C N N 303 
TYR O    O N N 304 
TYR CB   C N N 305 
TYR CG   C Y N 306 
TYR CD1  C Y N 307 
TYR CD2  C Y N 308 
TYR CE1  C Y N 309 
TYR CE2  C Y N 310 
TYR CZ   C Y N 311 
TYR OH   O N N 312 
TYR OXT  O N N 313 
TYR H    H N N 314 
TYR H2   H N N 315 
TYR HA   H N N 316 
TYR HB2  H N N 317 
TYR HB3  H N N 318 
TYR HD1  H N N 319 
TYR HD2  H N N 320 
TYR HE1  H N N 321 
TYR HE2  H N N 322 
TYR HH   H N N 323 
TYR HXT  H N N 324 
VAL N    N N N 325 
VAL CA   C N S 326 
VAL C    C N N 327 
VAL O    O N N 328 
VAL CB   C N N 329 
VAL CG1  C N N 330 
VAL CG2  C N N 331 
VAL OXT  O N N 332 
VAL H    H N N 333 
VAL H2   H N N 334 
VAL HA   H N N 335 
VAL HB   H N N 336 
VAL HG11 H N N 337 
VAL HG12 H N N 338 
VAL HG13 H N N 339 
VAL HG21 H N N 340 
VAL HG22 H N N 341 
VAL HG23 H N N 342 
VAL HXT  H N N 343 
# 
loop_
_chem_comp_bond.comp_id 
_chem_comp_bond.atom_id_1 
_chem_comp_bond.atom_id_2 
_chem_comp_bond.value_order 
_chem_comp_bond.pdbx_aromatic_flag 
_chem_comp_bond.pdbx_stereo_config 
_chem_comp_bond.pdbx_ordinal 
ALA N   CA   sing N N 1   
ALA N   H    sing N N 2   
ALA N   H2   sing N N 3   
ALA CA  C    sing N N 4   
ALA CA  CB   sing N N 5   
ALA CA  HA   sing N N 6   
ALA C   O    doub N N 7   
ALA C   OXT  sing N N 8   
ALA CB  HB1  sing N N 9   
ALA CB  HB2  sing N N 10  
ALA CB  HB3  sing N N 11  
ALA OXT HXT  sing N N 12  
ARG N   CA   sing N N 13  
ARG N   H    sing N N 14  
ARG N   H2   sing N N 15  
ARG CA  C    sing N N 16  
ARG CA  CB   sing N N 17  
ARG CA  HA   sing N N 18  
ARG C   O    doub N N 19  
ARG C   OXT  sing N N 20  
ARG CB  CG   sing N N 21  
ARG CB  HB2  sing N N 22  
ARG CB  HB3  sing N N 23  
ARG CG  CD   sing N N 24  
ARG CG  HG2  sing N N 25  
ARG CG  HG3  sing N N 26  
ARG CD  NE   sing N N 27  
ARG CD  HD2  sing N N 28  
ARG CD  HD3  sing N N 29  
ARG NE  CZ   sing N N 30  
ARG NE  HE   sing N N 31  
ARG CZ  NH1  sing N N 32  
ARG CZ  NH2  doub N N 33  
ARG NH1 HH11 sing N N 34  
ARG NH1 HH12 sing N N 35  
ARG NH2 HH21 sing N N 36  
ARG NH2 HH22 sing N N 37  
ARG OXT HXT  sing N N 38  
ASN N   CA   sing N N 39  
ASN N   H    sing N N 40  
ASN N   H2   sing N N 41  
ASN CA  C    sing N N 42  
ASN CA  CB   sing N N 43  
ASN CA  HA   sing N N 44  
ASN C   O    doub N N 45  
ASN C   OXT  sing N N 46  
ASN CB  CG   sing N N 47  
ASN CB  HB2  sing N N 48  
ASN CB  HB3  sing N N 49  
ASN CG  OD1  doub N N 50  
ASN CG  ND2  sing N N 51  
ASN ND2 HD21 sing N N 52  
ASN ND2 HD22 sing N N 53  
ASN OXT HXT  sing N N 54  
ASP N   CA   sing N N 55  
ASP N   H    sing N N 56  
ASP N   H2   sing N N 57  
ASP CA  C    sing N N 58  
ASP CA  CB   sing N N 59  
ASP CA  HA   sing N N 60  
ASP C   O    doub N N 61  
ASP C   OXT  sing N N 62  
ASP CB  CG   sing N N 63  
ASP CB  HB2  sing N N 64  
ASP CB  HB3  sing N N 65  
ASP CG  OD1  doub N N 66  
ASP CG  OD2  sing N N 67  
ASP OD2 HD2  sing N N 68  
ASP OXT HXT  sing N N 69  
CYS N   CA   sing N N 70  
CYS N   H    sing N N 71  
CYS N   H2   sing N N 72  
CYS CA  C    sing N N 73  
CYS CA  CB   sing N N 74  
CYS CA  HA   sing N N 75  
CYS C   O    doub N N 76  
CYS C   OXT  sing N N 77  
CYS CB  SG   sing N N 78  
CYS CB  HB2  sing N N 79  
CYS CB  HB3  sing N N 80  
CYS SG  HG   sing N N 81  
CYS OXT HXT  sing N N 82  
GLU N   CA   sing N N 83  
GLU N   H    sing N N 84  
GLU N   H2   sing N N 85  
GLU CA  C    sing N N 86  
GLU CA  CB   sing N N 87  
GLU CA  HA   sing N N 88  
GLU C   O    doub N N 89  
GLU C   OXT  sing N N 90  
GLU CB  CG   sing N N 91  
GLU CB  HB2  sing N N 92  
GLU CB  HB3  sing N N 93  
GLU CG  CD   sing N N 94  
GLU CG  HG2  sing N N 95  
GLU CG  HG3  sing N N 96  
GLU CD  OE1  doub N N 97  
GLU CD  OE2  sing N N 98  
GLU OE2 HE2  sing N N 99  
GLU OXT HXT  sing N N 100 
GLY N   CA   sing N N 101 
GLY N   H    sing N N 102 
GLY N   H2   sing N N 103 
GLY CA  C    sing N N 104 
GLY CA  HA2  sing N N 105 
GLY CA  HA3  sing N N 106 
GLY C   O    doub N N 107 
GLY C   OXT  sing N N 108 
GLY OXT HXT  sing N N 109 
HIS N   CA   sing N N 110 
HIS N   H    sing N N 111 
HIS N   H2   sing N N 112 
HIS CA  C    sing N N 113 
HIS CA  CB   sing N N 114 
HIS CA  HA   sing N N 115 
HIS C   O    doub N N 116 
HIS C   OXT  sing N N 117 
HIS CB  CG   sing N N 118 
HIS CB  HB2  sing N N 119 
HIS CB  HB3  sing N N 120 
HIS CG  ND1  sing Y N 121 
HIS CG  CD2  doub Y N 122 
HIS ND1 CE1  doub Y N 123 
HIS ND1 HD1  sing N N 124 
HIS CD2 NE2  sing Y N 125 
HIS CD2 HD2  sing N N 126 
HIS CE1 NE2  sing Y N 127 
HIS CE1 HE1  sing N N 128 
HIS NE2 HE2  sing N N 129 
HIS OXT HXT  sing N N 130 
HOH O   H1   sing N N 131 
HOH O   H2   sing N N 132 
ILE N   CA   sing N N 133 
ILE N   H    sing N N 134 
ILE N   H2   sing N N 135 
ILE CA  C    sing N N 136 
ILE CA  CB   sing N N 137 
ILE CA  HA   sing N N 138 
ILE C   O    doub N N 139 
ILE C   OXT  sing N N 140 
ILE CB  CG1  sing N N 141 
ILE CB  CG2  sing N N 142 
ILE CB  HB   sing N N 143 
ILE CG1 CD1  sing N N 144 
ILE CG1 HG12 sing N N 145 
ILE CG1 HG13 sing N N 146 
ILE CG2 HG21 sing N N 147 
ILE CG2 HG22 sing N N 148 
ILE CG2 HG23 sing N N 149 
ILE CD1 HD11 sing N N 150 
ILE CD1 HD12 sing N N 151 
ILE CD1 HD13 sing N N 152 
ILE OXT HXT  sing N N 153 
LEU N   CA   sing N N 154 
LEU N   H    sing N N 155 
LEU N   H2   sing N N 156 
LEU CA  C    sing N N 157 
LEU CA  CB   sing N N 158 
LEU CA  HA   sing N N 159 
LEU C   O    doub N N 160 
LEU C   OXT  sing N N 161 
LEU CB  CG   sing N N 162 
LEU CB  HB2  sing N N 163 
LEU CB  HB3  sing N N 164 
LEU CG  CD1  sing N N 165 
LEU CG  CD2  sing N N 166 
LEU CG  HG   sing N N 167 
LEU CD1 HD11 sing N N 168 
LEU CD1 HD12 sing N N 169 
LEU CD1 HD13 sing N N 170 
LEU CD2 HD21 sing N N 171 
LEU CD2 HD22 sing N N 172 
LEU CD2 HD23 sing N N 173 
LEU OXT HXT  sing N N 174 
LYS N   CA   sing N N 175 
LYS N   H    sing N N 176 
LYS N   H2   sing N N 177 
LYS CA  C    sing N N 178 
LYS CA  CB   sing N N 179 
LYS CA  HA   sing N N 180 
LYS C   O    doub N N 181 
LYS C   OXT  sing N N 182 
LYS CB  CG   sing N N 183 
LYS CB  HB2  sing N N 184 
LYS CB  HB3  sing N N 185 
LYS CG  CD   sing N N 186 
LYS CG  HG2  sing N N 187 
LYS CG  HG3  sing N N 188 
LYS CD  CE   sing N N 189 
LYS CD  HD2  sing N N 190 
LYS CD  HD3  sing N N 191 
LYS CE  NZ   sing N N 192 
LYS CE  HE2  sing N N 193 
LYS CE  HE3  sing N N 194 
LYS NZ  HZ1  sing N N 195 
LYS NZ  HZ2  sing N N 196 
LYS NZ  HZ3  sing N N 197 
LYS OXT HXT  sing N N 198 
MET N   CA   sing N N 199 
MET N   H    sing N N 200 
MET N   H2   sing N N 201 
MET CA  C    sing N N 202 
MET CA  CB   sing N N 203 
MET CA  HA   sing N N 204 
MET C   O    doub N N 205 
MET C   OXT  sing N N 206 
MET CB  CG   sing N N 207 
MET CB  HB2  sing N N 208 
MET CB  HB3  sing N N 209 
MET CG  SD   sing N N 210 
MET CG  HG2  sing N N 211 
MET CG  HG3  sing N N 212 
MET SD  CE   sing N N 213 
MET CE  HE1  sing N N 214 
MET CE  HE2  sing N N 215 
MET CE  HE3  sing N N 216 
MET OXT HXT  sing N N 217 
PHE N   CA   sing N N 218 
PHE N   H    sing N N 219 
PHE N   H2   sing N N 220 
PHE CA  C    sing N N 221 
PHE CA  CB   sing N N 222 
PHE CA  HA   sing N N 223 
PHE C   O    doub N N 224 
PHE C   OXT  sing N N 225 
PHE CB  CG   sing N N 226 
PHE CB  HB2  sing N N 227 
PHE CB  HB3  sing N N 228 
PHE CG  CD1  doub Y N 229 
PHE CG  CD2  sing Y N 230 
PHE CD1 CE1  sing Y N 231 
PHE CD1 HD1  sing N N 232 
PHE CD2 CE2  doub Y N 233 
PHE CD2 HD2  sing N N 234 
PHE CE1 CZ   doub Y N 235 
PHE CE1 HE1  sing N N 236 
PHE CE2 CZ   sing Y N 237 
PHE CE2 HE2  sing N N 238 
PHE CZ  HZ   sing N N 239 
PHE OXT HXT  sing N N 240 
PRO N   CA   sing N N 241 
PRO N   CD   sing N N 242 
PRO N   H    sing N N 243 
PRO CA  C    sing N N 244 
PRO CA  CB   sing N N 245 
PRO CA  HA   sing N N 246 
PRO C   O    doub N N 247 
PRO C   OXT  sing N N 248 
PRO CB  CG   sing N N 249 
PRO CB  HB2  sing N N 250 
PRO CB  HB3  sing N N 251 
PRO CG  CD   sing N N 252 
PRO CG  HG2  sing N N 253 
PRO CG  HG3  sing N N 254 
PRO CD  HD2  sing N N 255 
PRO CD  HD3  sing N N 256 
PRO OXT HXT  sing N N 257 
SER N   CA   sing N N 258 
SER N   H    sing N N 259 
SER N   H2   sing N N 260 
SER CA  C    sing N N 261 
SER CA  CB   sing N N 262 
SER CA  HA   sing N N 263 
SER C   O    doub N N 264 
SER C   OXT  sing N N 265 
SER CB  OG   sing N N 266 
SER CB  HB2  sing N N 267 
SER CB  HB3  sing N N 268 
SER OG  HG   sing N N 269 
SER OXT HXT  sing N N 270 
THR N   CA   sing N N 271 
THR N   H    sing N N 272 
THR N   H2   sing N N 273 
THR CA  C    sing N N 274 
THR CA  CB   sing N N 275 
THR CA  HA   sing N N 276 
THR C   O    doub N N 277 
THR C   OXT  sing N N 278 
THR CB  OG1  sing N N 279 
THR CB  CG2  sing N N 280 
THR CB  HB   sing N N 281 
THR OG1 HG1  sing N N 282 
THR CG2 HG21 sing N N 283 
THR CG2 HG22 sing N N 284 
THR CG2 HG23 sing N N 285 
THR OXT HXT  sing N N 286 
TYR N   CA   sing N N 287 
TYR N   H    sing N N 288 
TYR N   H2   sing N N 289 
TYR CA  C    sing N N 290 
TYR CA  CB   sing N N 291 
TYR CA  HA   sing N N 292 
TYR C   O    doub N N 293 
TYR C   OXT  sing N N 294 
TYR CB  CG   sing N N 295 
TYR CB  HB2  sing N N 296 
TYR CB  HB3  sing N N 297 
TYR CG  CD1  doub Y N 298 
TYR CG  CD2  sing Y N 299 
TYR CD1 CE1  sing Y N 300 
TYR CD1 HD1  sing N N 301 
TYR CD2 CE2  doub Y N 302 
TYR CD2 HD2  sing N N 303 
TYR CE1 CZ   doub Y N 304 
TYR CE1 HE1  sing N N 305 
TYR CE2 CZ   sing Y N 306 
TYR CE2 HE2  sing N N 307 
TYR CZ  OH   sing N N 308 
TYR OH  HH   sing N N 309 
TYR OXT HXT  sing N N 310 
VAL N   CA   sing N N 311 
VAL N   H    sing N N 312 
VAL N   H2   sing N N 313 
VAL CA  C    sing N N 314 
VAL CA  CB   sing N N 315 
VAL CA  HA   sing N N 316 
VAL C   O    doub N N 317 
VAL C   OXT  sing N N 318 
VAL CB  CG1  sing N N 319 
VAL CB  CG2  sing N N 320 
VAL CB  HB   sing N N 321 
VAL CG1 HG11 sing N N 322 
VAL CG1 HG12 sing N N 323 
VAL CG1 HG13 sing N N 324 
VAL CG2 HG21 sing N N 325 
VAL CG2 HG22 sing N N 326 
VAL CG2 HG23 sing N N 327 
VAL OXT HXT  sing N N 328 
# 
_pdbx_initial_refinement_model.id               1 
_pdbx_initial_refinement_model.entity_id_list   ? 
_pdbx_initial_refinement_model.type             'experimental model' 
_pdbx_initial_refinement_model.source_name      PDB 
_pdbx_initial_refinement_model.accession_code   1TGX 
_pdbx_initial_refinement_model.details          ? 
# 
_atom_sites.entry_id                    3VTS 
_atom_sites.fract_transf_matrix[1][1]   -0.00112010 
_atom_sites.fract_transf_matrix[1][2]   0.01992612 
_atom_sites.fract_transf_matrix[1][3]   0.00249554 
_atom_sites.fract_transf_matrix[2][1]   -0.00410048 
_atom_sites.fract_transf_matrix[2][2]   -0.00265644 
_atom_sites.fract_transf_matrix[2][3]   0.01937034 
_atom_sites.fract_transf_matrix[3][1]   0.01690127 
_atom_sites.fract_transf_matrix[3][2]   0.00049351 
_atom_sites.fract_transf_matrix[3][3]   0.00364549 
_atom_sites.fract_transf_vector[1]      1.236045 
_atom_sites.fract_transf_vector[2]      1.133139 
_atom_sites.fract_transf_vector[3]      0.159687 
# 
loop_
_atom_type.symbol 
C 
N 
O 
S 
# 
loop_
_atom_site.group_PDB 
_atom_site.id 
_atom_site.type_symbol 
_atom_site.label_atom_id 
_atom_site.label_alt_id 
_atom_site.label_comp_id 
_atom_site.label_asym_id 
_atom_site.label_entity_id 
_atom_site.label_seq_id 
_atom_site.pdbx_PDB_ins_code 
_atom_site.Cartn_x 
_atom_site.Cartn_y 
_atom_site.Cartn_z 
_atom_site.occupancy 
_atom_site.B_iso_or_equiv 
_atom_site.pdbx_formal_charge 
_atom_site.auth_seq_id 
_atom_site.auth_comp_id 
_atom_site.auth_asym_id 
_atom_site.auth_atom_id 
_atom_site.pdbx_PDB_model_num 
ATOM   1   N N   . LEU A 1 1  ? 5.581   13.930  -12.856 1.00 31.31  ? 1   LEU A N   1 
ATOM   2   C CA  . LEU A 1 1  ? 4.250   13.357  -12.681 1.00 45.01  ? 1   LEU A CA  1 
ATOM   3   C C   . LEU A 1 1  ? 3.594   13.911  -11.424 1.00 42.35  ? 1   LEU A C   1 
ATOM   4   O O   . LEU A 1 1  ? 4.254   14.105  -10.399 1.00 41.66  ? 1   LEU A O   1 
ATOM   5   C CB  . LEU A 1 1  ? 4.303   11.813  -12.621 1.00 27.18  ? 1   LEU A CB  1 
ATOM   6   C CG  . LEU A 1 1  ? 2.954   11.115  -12.350 1.00 42.92  ? 1   LEU A CG  1 
ATOM   7   C CD1 . LEU A 1 1  ? 1.942   11.406  -13.456 1.00 23.59  ? 1   LEU A CD1 1 
ATOM   8   C CD2 . LEU A 1 1  ? 3.080   9.595   -12.105 1.00 22.69  ? 1   LEU A CD2 1 
ATOM   9   N N   . LYS A 1 2  ? 2.294   14.165  -11.516 1.00 29.48  ? 2   LYS A N   1 
ATOM   10  C CA  . LYS A 1 2  ? 1.495   14.560  -10.361 1.00 42.24  ? 2   LYS A CA  1 
ATOM   11  C C   . LYS A 1 2  ? 0.420   13.512  -10.078 1.00 34.75  ? 2   LYS A C   1 
ATOM   12  O O   . LYS A 1 2  ? -0.280  13.063  -10.987 1.00 41.19  ? 2   LYS A O   1 
ATOM   13  C CB  . LYS A 1 2  ? 0.833   15.928  -10.594 1.00 33.86  ? 2   LYS A CB  1 
ATOM   14  C CG  . LYS A 1 2  ? 1.777   17.125  -10.537 1.00 35.77  ? 2   LYS A CG  1 
ATOM   15  C CD  . LYS A 1 2  ? 1.021   18.379  -10.137 1.00 54.23  ? 2   LYS A CD  1 
ATOM   16  C CE  . LYS A 1 2  ? 1.807   19.643  -10.455 1.00 65.63  ? 2   LYS A CE  1 
ATOM   17  N NZ  . LYS A 1 2  ? 1.704   20.053  -11.892 1.00 53.02  ? 2   LYS A NZ  1 
ATOM   18  N N   . CYS A 1 3  ? 0.281   13.129  -8.818  1.00 32.68  ? 3   CYS A N   1 
ATOM   19  C CA  . CYS A 1 3  ? -0.765  12.184  -8.434  1.00 26.89  ? 3   CYS A CA  1 
ATOM   20  C C   . CYS A 1 3  ? -1.571  12.714  -7.267  1.00 33.69  ? 3   CYS A C   1 
ATOM   21  O O   . CYS A 1 3  ? -1.043  13.438  -6.417  1.00 39.81  ? 3   CYS A O   1 
ATOM   22  C CB  . CYS A 1 3  ? -0.152  10.849  -8.008  1.00 31.56  ? 3   CYS A CB  1 
ATOM   23  S SG  . CYS A 1 3  ? 0.928   10.080  -9.216  1.00 29.15  ? 3   CYS A SG  1 
ATOM   24  N N   . HIS A 1 4  ? -2.850  12.346  -7.214  1.00 23.00  ? 4   HIS A N   1 
ATOM   25  C CA  . HIS A 1 4  ? -3.617  12.523  -5.987  1.00 27.83  ? 4   HIS A CA  1 
ATOM   26  C C   . HIS A 1 4  ? -2.943  11.720  -4.861  1.00 31.22  ? 4   HIS A C   1 
ATOM   27  O O   . HIS A 1 4  ? -2.512  10.589  -5.081  1.00 39.81  ? 4   HIS A O   1 
ATOM   28  C CB  . HIS A 1 4  ? -5.059  12.067  -6.193  1.00 20.13  ? 4   HIS A CB  1 
ATOM   29  C CG  . HIS A 1 4  ? -5.819  12.873  -7.210  1.00 33.21  ? 4   HIS A CG  1 
ATOM   30  N ND1 . HIS A 1 4  ? -6.081  14.216  -7.052  1.00 33.39  ? 4   HIS A ND1 1 
ATOM   31  C CD2 . HIS A 1 4  ? -6.381  12.521  -8.391  1.00 23.47  ? 4   HIS A CD2 1 
ATOM   32  C CE1 . HIS A 1 4  ? -6.766  14.657  -8.091  1.00 35.89  ? 4   HIS A CE1 1 
ATOM   33  N NE2 . HIS A 1 4  ? -6.959  13.649  -8.920  1.00 35.86  ? 4   HIS A NE2 1 
ATOM   34  N N   . ASN A 1 5  ? -2.828  12.296  -3.667  1.00 26.68  ? 5   ASN A N   1 
ATOM   35  C CA  . ASN A 1 5  ? -2.143  11.592  -2.574  1.00 34.14  ? 5   ASN A CA  1 
ATOM   36  C C   . ASN A 1 5  ? -2.886  11.523  -1.235  1.00 34.73  ? 5   ASN A C   1 
ATOM   37  O O   . ASN A 1 5  ? -2.281  11.231  -0.206  1.00 37.63  ? 5   ASN A O   1 
ATOM   38  C CB  . ASN A 1 5  ? -0.747  12.176  -2.351  1.00 25.01  ? 5   ASN A CB  1 
ATOM   39  C CG  . ASN A 1 5  ? -0.787  13.585  -1.807  1.00 39.97  ? 5   ASN A CG  1 
ATOM   40  O OD1 . ASN A 1 5  ? -1.692  14.366  -2.125  1.00 39.30  ? 5   ASN A OD1 1 
ATOM   41  N ND2 . ASN A 1 5  ? 0.197   13.923  -0.977  1.00 38.43  ? 5   ASN A ND2 1 
ATOM   42  N N   . LYS A 1 6  ? -4.183  11.810  -1.254  1.00 40.38  ? 6   LYS A N   1 
ATOM   43  C CA  . LYS A 1 6  ? -5.033  11.733  -0.068  1.00 41.59  ? 6   LYS A CA  1 
ATOM   44  C C   . LYS A 1 6  ? -6.322  11.043  -0.473  1.00 31.47  ? 6   LYS A C   1 
ATOM   45  O O   . LYS A 1 6  ? -6.607  10.898  -1.664  1.00 37.14  ? 6   LYS A O   1 
ATOM   46  C CB  . LYS A 1 6  ? -5.382  13.133  0.440   1.00 43.17  ? 6   LYS A CB  1 
ATOM   47  C CG  . LYS A 1 6  ? -4.203  14.069  0.613   1.00 42.18  ? 6   LYS A CG  1 
ATOM   48  C CD  . LYS A 1 6  ? -3.370  13.709  1.822   1.00 32.74  ? 6   LYS A CD  1 
ATOM   49  C CE  . LYS A 1 6  ? -2.229  14.705  1.987   1.00 57.53  ? 6   LYS A CE  1 
ATOM   50  N NZ  . LYS A 1 6  ? -1.458  14.468  3.234   1.00 66.68  ? 6   LYS A NZ  1 
ATOM   51  N N   . LEU A 1 7  ? -7.137  10.646  0.492   1.00 31.90  ? 7   LEU A N   1 
ATOM   52  C CA  . LEU A 1 7  ? -8.415  10.035  0.115   1.00 40.36  ? 7   LEU A CA  1 
ATOM   53  C C   . LEU A 1 7  ? -9.585  11.020  0.008   1.00 29.90  ? 7   LEU A C   1 
ATOM   54  O O   . LEU A 1 7  ? -10.714 10.624  -0.277  1.00 40.62  ? 7   LEU A O   1 
ATOM   55  C CB  . LEU A 1 7  ? -8.757  8.816   0.971   1.00 49.35  ? 7   LEU A CB  1 
ATOM   56  C CG  . LEU A 1 7  ? -8.600  8.809   2.482   1.00 49.86  ? 7   LEU A CG  1 
ATOM   57  C CD1 . LEU A 1 7  ? -7.138  8.622   2.860   1.00 73.38  ? 7   LEU A CD1 1 
ATOM   58  C CD2 . LEU A 1 7  ? -9.186  10.085  3.083   1.00 31.68  ? 7   LEU A CD2 1 
ATOM   59  N N   . VAL A 1 8  ? -9.298  12.300  0.237   1.00 27.34  ? 8   VAL A N   1 
ATOM   60  C CA  . VAL A 1 8  ? -10.210 13.375  -0.119  1.00 35.76  ? 8   VAL A CA  1 
ATOM   61  C C   . VAL A 1 8  ? -9.856  13.767  -1.561  1.00 41.47  ? 8   VAL A C   1 
ATOM   62  O O   . VAL A 1 8  ? -8.780  13.403  -2.046  1.00 36.62  ? 8   VAL A O   1 
ATOM   63  C CB  . VAL A 1 8  ? -10.068 14.576  0.850   1.00 42.98  ? 8   VAL A CB  1 
ATOM   64  C CG1 . VAL A 1 8  ? -10.369 14.143  2.285   1.00 34.60  ? 8   VAL A CG1 1 
ATOM   65  C CG2 . VAL A 1 8  ? -8.681  15.202  0.750   1.00 39.93  ? 8   VAL A CG2 1 
ATOM   66  N N   . PRO A 1 9  ? -10.757 14.480  -2.265  1.00 38.91  ? 9   PRO A N   1 
ATOM   67  C CA  . PRO A 1 9  ? -10.456 14.858  -3.658  1.00 37.97  ? 9   PRO A CA  1 
ATOM   68  C C   . PRO A 1 9  ? -9.347  15.920  -3.818  1.00 45.56  ? 9   PRO A C   1 
ATOM   69  O O   . PRO A 1 9  ? -8.855  16.439  -2.817  1.00 34.52  ? 9   PRO A O   1 
ATOM   70  C CB  . PRO A 1 9  ? -11.793 15.438  -4.169  1.00 40.50  ? 9   PRO A CB  1 
ATOM   71  C CG  . PRO A 1 9  ? -12.832 14.980  -3.209  1.00 39.43  ? 9   PRO A CG  1 
ATOM   72  C CD  . PRO A 1 9  ? -12.130 14.855  -1.879  1.00 35.73  ? 9   PRO A CD  1 
ATOM   73  N N   . PHE A 1 10 ? -8.961  16.192  -5.069  1.00 32.23  ? 10  PHE A N   1 
ATOM   74  C CA  . PHE A 1 10 ? -8.194  17.384  -5.474  1.00 36.03  ? 10  PHE A CA  1 
ATOM   75  C C   . PHE A 1 10 ? -6.720  17.484  -5.084  1.00 38.05  ? 10  PHE A C   1 
ATOM   76  O O   . PHE A 1 10 ? -5.867  17.741  -5.940  1.00 39.95  ? 10  PHE A O   1 
ATOM   77  C CB  . PHE A 1 10 ? -8.898  18.676  -5.059  1.00 44.76  ? 10  PHE A CB  1 
ATOM   78  C CG  . PHE A 1 10 ? -8.214  19.916  -5.563  1.00 43.56  ? 10  PHE A CG  1 
ATOM   79  C CD1 . PHE A 1 10 ? -8.301  20.276  -6.905  1.00 50.97  ? 10  PHE A CD1 1 
ATOM   80  C CD2 . PHE A 1 10 ? -7.486  20.721  -4.706  1.00 39.34  ? 10  PHE A CD2 1 
ATOM   81  C CE1 . PHE A 1 10 ? -7.672  21.418  -7.386  1.00 45.81  ? 10  PHE A CE1 1 
ATOM   82  C CE2 . PHE A 1 10 ? -6.854  21.865  -5.180  1.00 50.28  ? 10  PHE A CE2 1 
ATOM   83  C CZ  . PHE A 1 10 ? -6.950  22.214  -6.524  1.00 48.60  ? 10  PHE A CZ  1 
ATOM   84  N N   . LEU A 1 11 ? -6.441  17.353  -3.792  1.00 26.30  ? 11  LEU A N   1 
ATOM   85  C CA  . LEU A 1 11 ? -5.074  17.383  -3.276  1.00 37.67  ? 11  LEU A CA  1 
ATOM   86  C C   . LEU A 1 11 ? -4.099  16.503  -4.074  1.00 39.89  ? 11  LEU A C   1 
ATOM   87  O O   . LEU A 1 11 ? -4.429  15.381  -4.472  1.00 32.57  ? 11  LEU A O   1 
ATOM   88  C CB  . LEU A 1 11 ? -5.078  16.956  -1.812  1.00 32.16  ? 11  LEU A CB  1 
ATOM   89  C CG  . LEU A 1 11 ? -5.030  18.063  -0.757  1.00 51.12  ? 11  LEU A CG  1 
ATOM   90  C CD1 . LEU A 1 11 ? -5.540  19.403  -1.285  1.00 32.85  ? 11  LEU A CD1 1 
ATOM   91  C CD2 . LEU A 1 11 ? -5.799  17.627  0.487   1.00 42.87  ? 11  LEU A CD2 1 
ATOM   92  N N   . SER A 1 12 ? -2.903  17.020  -4.315  1.00 27.07  ? 12  SER A N   1 
ATOM   93  C CA  . SER A 1 12 ? -1.906  16.268  -5.064  1.00 30.77  ? 12  SER A CA  1 
ATOM   94  C C   . SER A 1 12 ? -0.493  16.691  -4.709  1.00 34.34  ? 12  SER A C   1 
ATOM   95  O O   . SER A 1 12 ? -0.272  17.697  -4.036  1.00 38.79  ? 12  SER A O   1 
ATOM   96  C CB  . SER A 1 12 ? -2.105  16.432  -6.566  1.00 25.87  ? 12  SER A CB  1 
ATOM   97  O OG  . SER A 1 12 ? -1.839  17.764  -6.961  1.00 31.62  ? 12  SER A OG  1 
ATOM   98  N N   . LYS A 1 13 ? 0.456   15.894  -5.175  1.00 24.30  ? 13  LYS A N   1 
ATOM   99  C CA  . LYS A 1 13 ? 1.868   16.178  -5.010  1.00 32.10  ? 13  LYS A CA  1 
ATOM   100 C C   . LYS A 1 13 ? 2.554   15.844  -6.314  1.00 34.57  ? 13  LYS A C   1 
ATOM   101 O O   . LYS A 1 13 ? 2.041   15.077  -7.130  1.00 39.29  ? 13  LYS A O   1 
ATOM   102 C CB  . LYS A 1 13 ? 2.468   15.324  -3.890  1.00 20.10  ? 13  LYS A CB  1 
ATOM   103 C CG  . LYS A 1 13 ? 2.537   13.826  -4.216  1.00 38.96  ? 13  LYS A CG  1 
ATOM   104 C CD  . LYS A 1 13 ? 3.207   13.014  -3.088  1.00 51.84  ? 13  LYS A CD  1 
ATOM   105 C CE  . LYS A 1 13 ? 4.636   13.493  -2.825  1.00 61.13  ? 13  LYS A CE  1 
ATOM   106 N NZ  . LYS A 1 13 ? 5.325   12.699  -1.768  1.00 63.57  ? 13  LYS A NZ  1 
ATOM   107 N N   . THR A 1 14 ? 3.714   16.433  -6.521  1.00 27.82  ? 14  THR A N   1 
ATOM   108 C CA  . THR A 1 14 ? 4.565   16.008  -7.609  1.00 25.89  ? 14  THR A CA  1 
ATOM   109 C C   . THR A 1 14 ? 5.398   14.826  -7.113  1.00 34.21  ? 14  THR A C   1 
ATOM   110 O O   . THR A 1 14 ? 6.043   14.908  -6.055  1.00 30.42  ? 14  THR A O   1 
ATOM   111 C CB  . THR A 1 14 ? 5.546   17.120  -8.038  1.00 44.92  ? 14  THR A CB  1 
ATOM   112 O OG1 . THR A 1 14 ? 4.826   18.235  -8.583  1.00 27.13  ? 14  THR A OG1 1 
ATOM   113 C CG2 . THR A 1 14 ? 6.543   16.582  -9.082  1.00 33.14  ? 14  THR A CG2 1 
ATOM   114 N N   . CYS A 1 15 ? 5.382   13.739  -7.878  1.00 28.76  ? 15  CYS A N   1 
ATOM   115 C CA  . CYS A 1 15 ? 6.145   12.538  -7.542  1.00 38.17  ? 15  CYS A CA  1 
ATOM   116 C C   . CYS A 1 15 ? 7.656   12.758  -7.532  1.00 34.51  ? 15  CYS A C   1 
ATOM   117 O O   . CYS A 1 15 ? 8.196   13.428  -8.422  1.00 27.73  ? 15  CYS A O   1 
ATOM   118 C CB  . CYS A 1 15 ? 5.829   11.428  -8.537  1.00 41.13  ? 15  CYS A CB  1 
ATOM   119 S SG  . CYS A 1 15 ? 4.095   11.034  -8.655  1.00 34.82  ? 15  CYS A SG  1 
ATOM   120 N N   . PRO A 1 16 ? 8.335   12.159  -6.537  1.00 32.96  ? 16  PRO A N   1 
ATOM   121 C CA  . PRO A 1 16 ? 9.801   12.134  -6.449  1.00 23.81  ? 16  PRO A CA  1 
ATOM   122 C C   . PRO A 1 16 ? 10.407  11.383  -7.634  1.00 36.71  ? 16  PRO A C   1 
ATOM   123 O O   . PRO A 1 16 ? 9.733   10.539  -8.239  1.00 27.82  ? 16  PRO A O   1 
ATOM   124 C CB  . PRO A 1 16 ? 10.074  11.324  -5.162  1.00 28.54  ? 16  PRO A CB  1 
ATOM   125 C CG  . PRO A 1 16 ? 8.749   11.201  -4.455  1.00 38.79  ? 16  PRO A CG  1 
ATOM   126 C CD  . PRO A 1 16 ? 7.697   11.321  -5.499  1.00 27.72  ? 16  PRO A CD  1 
ATOM   127 N N   . GLU A 1 17 ? 11.662  11.682  -7.961  1.00 32.45  ? 17  GLU A N   1 
ATOM   128 C CA  . GLU A 1 17 ? 12.390  10.908  -8.966  1.00 47.44  ? 17  GLU A CA  1 
ATOM   129 C C   . GLU A 1 17 ? 12.281  9.424   -8.676  1.00 44.11  ? 17  GLU A C   1 
ATOM   130 O O   . GLU A 1 17 ? 12.399  8.993   -7.521  1.00 40.77  ? 17  GLU A O   1 
ATOM   131 C CB  . GLU A 1 17 ? 13.865  11.300  -8.998  1.00 30.45  ? 17  GLU A CB  1 
ATOM   132 C CG  . GLU A 1 17 ? 14.073  12.753  -9.336  1.00 53.32  ? 17  GLU A CG  1 
ATOM   133 C CD  . GLU A 1 17 ? 15.539  13.127  -9.455  1.00 59.42  ? 17  GLU A CD  1 
ATOM   134 O OE1 . GLU A 1 17 ? 15.861  14.300  -9.199  1.00 71.39  ? 17  GLU A OE1 1 
ATOM   135 O OE2 . GLU A 1 17 ? 16.367  12.270  -9.801  1.00 49.36  ? 17  GLU A OE2 1 
ATOM   136 N N   . GLY A 1 18 ? 12.055  8.642   -9.723  1.00 43.03  ? 18  GLY A N   1 
ATOM   137 C CA  . GLY A 1 18 ? 11.962  7.204   -9.561  1.00 41.84  ? 18  GLY A CA  1 
ATOM   138 C C   . GLY A 1 18 ? 10.543  6.665   -9.481  1.00 42.56  ? 18  GLY A C   1 
ATOM   139 O O   . GLY A 1 18 ? 10.305  5.511   -9.843  1.00 42.25  ? 18  GLY A O   1 
ATOM   140 N N   . LYS A 1 19 ? 9.604   7.482   -9.003  1.00 42.12  ? 19  LYS A N   1 
ATOM   141 C CA  . LYS A 1 19 ? 8.195   7.079   -8.947  1.00 37.08  ? 19  LYS A CA  1 
ATOM   142 C C   . LYS A 1 19 ? 7.385   7.695   -10.083 1.00 37.63  ? 19  LYS A C   1 
ATOM   143 O O   . LYS A 1 19 ? 6.928   8.829   -9.988  1.00 51.95  ? 19  LYS A O   1 
ATOM   144 C CB  . LYS A 1 19 ? 7.578   7.449   -7.600  1.00 32.35  ? 19  LYS A CB  1 
ATOM   145 C CG  . LYS A 1 19 ? 8.401   6.992   -6.402  1.00 24.74  ? 19  LYS A CG  1 
ATOM   146 C CD  . LYS A 1 19 ? 7.686   7.257   -5.076  1.00 33.80  ? 19  LYS A CD  1 
ATOM   147 C CE  . LYS A 1 19 ? 8.484   6.695   -3.898  1.00 42.58  ? 19  LYS A CE  1 
ATOM   148 N NZ  . LYS A 1 19 ? 7.712   6.718   -2.619  1.00 37.28  ? 19  LYS A NZ  1 
ATOM   149 N N   . ASN A 1 20 ? 7.204   6.938   -11.158 1.00 38.77  ? 20  ASN A N   1 
ATOM   150 C CA  . ASN A 1 20 ? 6.500   7.435   -12.330 1.00 36.11  ? 20  ASN A CA  1 
ATOM   151 C C   . ASN A 1 20 ? 5.134   6.780   -12.534 1.00 44.74  ? 20  ASN A C   1 
ATOM   152 O O   . ASN A 1 20 ? 4.636   6.706   -13.668 1.00 34.02  ? 20  ASN A O   1 
ATOM   153 C CB  . ASN A 1 20 ? 7.347   7.218   -13.582 1.00 45.81  ? 20  ASN A CB  1 
ATOM   154 C CG  . ASN A 1 20 ? 8.695   7.875   -13.490 1.00 48.77  ? 20  ASN A CG  1 
ATOM   155 O OD1 . ASN A 1 20 ? 8.798   9.091   -13.293 1.00 58.37  ? 20  ASN A OD1 1 
ATOM   156 N ND2 . ASN A 1 20 ? 9.748   7.074   -13.619 1.00 55.89  ? 20  ASN A ND2 1 
ATOM   157 N N   . LEU A 1 21 ? 4.540   6.297   -11.445 1.00 34.22  ? 21  LEU A N   1 
ATOM   158 C CA  . LEU A 1 21 ? 3.178   5.770   -11.474 1.00 40.39  ? 21  LEU A CA  1 
ATOM   159 C C   . LEU A 1 21 ? 2.351   6.351   -10.340 1.00 42.11  ? 21  LEU A C   1 
ATOM   160 O O   . LEU A 1 21 ? 2.839   6.493   -9.217  1.00 38.23  ? 21  LEU A O   1 
ATOM   161 C CB  . LEU A 1 21 ? 3.171   4.249   -11.331 1.00 34.00  ? 21  LEU A CB  1 
ATOM   162 C CG  . LEU A 1 21 ? 3.673   3.407   -12.502 1.00 51.02  ? 21  LEU A CG  1 
ATOM   163 C CD1 . LEU A 1 21 ? 3.693   1.940   -12.082 1.00 33.60  ? 21  LEU A CD1 1 
ATOM   164 C CD2 . LEU A 1 21 ? 2.818   3.643   -13.764 1.00 37.76  ? 21  LEU A CD2 1 
ATOM   165 N N   . CYS A 1 22 ? 1.097   6.678   -10.642 1.00 29.68  ? 22  CYS A N   1 
ATOM   166 C CA  . CYS A 1 22 ? 0.125   6.996   -9.615  1.00 19.20  ? 22  CYS A CA  1 
ATOM   167 C C   . CYS A 1 22 ? -0.519  5.682   -9.188  1.00 34.70  ? 22  CYS A C   1 
ATOM   168 O O   . CYS A 1 22 ? -0.637  4.743   -9.982  1.00 24.20  ? 22  CYS A O   1 
ATOM   169 C CB  . CYS A 1 22 ? -0.943  7.966   -10.157 1.00 19.50  ? 22  CYS A CB  1 
ATOM   170 S SG  . CYS A 1 22 ? -0.317  9.565   -10.750 1.00 29.65  ? 22  CYS A SG  1 
ATOM   171 N N   . TYR A 1 23 ? -0.930  5.599   -7.934  1.00 36.88  ? 23  TYR A N   1 
ATOM   172 C CA  . TYR A 1 23 ? -1.649  4.412   -7.483  1.00 41.02  ? 23  TYR A CA  1 
ATOM   173 C C   . TYR A 1 23 ? -2.888  4.809   -6.679  1.00 39.04  ? 23  TYR A C   1 
ATOM   174 O O   . TYR A 1 23 ? -2.929  5.885   -6.085  1.00 33.21  ? 23  TYR A O   1 
ATOM   175 C CB  . TYR A 1 23 ? -0.732  3.475   -6.668  1.00 22.36  ? 23  TYR A CB  1 
ATOM   176 C CG  . TYR A 1 23 ? -0.495  3.928   -5.247  1.00 34.22  ? 23  TYR A CG  1 
ATOM   177 C CD1 . TYR A 1 23 ? 0.550   4.799   -4.946  1.00 35.21  ? 23  TYR A CD1 1 
ATOM   178 C CD2 . TYR A 1 23 ? -1.318  3.499   -4.203  1.00 27.40  ? 23  TYR A CD2 1 
ATOM   179 C CE1 . TYR A 1 23 ? 0.774   5.226   -3.652  1.00 39.71  ? 23  TYR A CE1 1 
ATOM   180 C CE2 . TYR A 1 23 ? -1.104  3.932   -2.899  1.00 40.83  ? 23  TYR A CE2 1 
ATOM   181 C CZ  . TYR A 1 23 ? -0.054  4.796   -2.632  1.00 43.79  ? 23  TYR A CZ  1 
ATOM   182 O OH  . TYR A 1 23 ? 0.180   5.227   -1.346  1.00 33.01  ? 23  TYR A OH  1 
ATOM   183 N N   . LYS A 1 24 ? -3.898  3.945   -6.691  1.00 38.59  ? 24  LYS A N   1 
ATOM   184 C CA  . LYS A 1 24 ? -5.087  4.113   -5.859  1.00 39.22  ? 24  LYS A CA  1 
ATOM   185 C C   . LYS A 1 24 ? -5.498  2.770   -5.276  1.00 43.17  ? 24  LYS A C   1 
ATOM   186 O O   . LYS A 1 24 ? -5.718  1.795   -6.009  1.00 38.18  ? 24  LYS A O   1 
ATOM   187 C CB  . LYS A 1 24 ? -6.269  4.693   -6.650  1.00 28.26  ? 24  LYS A CB  1 
ATOM   188 C CG  . LYS A 1 24 ? -7.574  4.697   -5.842  1.00 28.04  ? 24  LYS A CG  1 
ATOM   189 C CD  . LYS A 1 24 ? -8.707  5.487   -6.514  1.00 26.01  ? 24  LYS A CD  1 
ATOM   190 C CE  . LYS A 1 24 ? -9.194  4.807   -7.790  1.00 29.62  ? 24  LYS A CE  1 
ATOM   191 N NZ  . LYS A 1 24 ? -10.322 5.519   -8.412  1.00 23.86  ? 24  LYS A NZ  1 
ATOM   192 N N   . MET A 1 25 ? -5.596  2.719   -3.953  1.00 26.91  ? 25  MET A N   1 
ATOM   193 C CA  . MET A 1 25 ? -6.077  1.520   -3.296  1.00 29.93  ? 25  MET A CA  1 
ATOM   194 C C   . MET A 1 25 ? -7.521  1.698   -2.908  1.00 35.39  ? 25  MET A C   1 
ATOM   195 O O   . MET A 1 25 ? -7.902  2.754   -2.396  1.00 31.93  ? 25  MET A O   1 
ATOM   196 C CB  . MET A 1 25 ? -5.267  1.212   -2.052  1.00 24.89  ? 25  MET A CB  1 
ATOM   197 C CG  . MET A 1 25 ? -3.823  0.854   -2.343  1.00 41.82  ? 25  MET A CG  1 
ATOM   198 S SD  . MET A 1 25 ? -2.979  0.258   -0.867  1.00 57.53  ? 25  MET A SD  1 
ATOM   199 C CE  . MET A 1 25 ? -1.313  0.071   -1.510  1.00 43.19  ? 25  MET A CE  1 
ATOM   200 N N   . THR A 1 26 ? -8.311  0.656   -3.154  1.00 34.22  ? 26  THR A N   1 
ATOM   201 C CA  . THR A 1 26 ? -9.706  0.614   -2.737  1.00 34.35  ? 26  THR A CA  1 
ATOM   202 C C   . THR A 1 26 ? -9.980  -0.727  -2.077  1.00 37.37  ? 26  THR A C   1 
ATOM   203 O O   . THR A 1 26 ? -9.272  -1.709  -2.343  1.00 29.32  ? 26  THR A O   1 
ATOM   204 C CB  . THR A 1 26 ? -10.653 0.745   -3.944  1.00 30.61  ? 26  THR A CB  1 
ATOM   205 O OG1 . THR A 1 26 ? -10.300 -0.227  -4.939  1.00 29.13  ? 26  THR A OG1 1 
ATOM   206 C CG2 . THR A 1 26 ? -10.542 2.134   -4.557  1.00 22.01  ? 26  THR A CG2 1 
ATOM   207 N N   . LEU A 1 27 ? -10.996 -0.778  -1.217  1.00 25.60  ? 27  LEU A N   1 
ATOM   208 C CA  . LEU A 1 27 ? -11.522 -2.066  -0.778  1.00 41.50  ? 27  LEU A CA  1 
ATOM   209 C C   . LEU A 1 27 ? -12.260 -2.707  -1.950  1.00 45.35  ? 27  LEU A C   1 
ATOM   210 O O   . LEU A 1 27 ? -13.071 -2.046  -2.610  1.00 27.98  ? 27  LEU A O   1 
ATOM   211 C CB  . LEU A 1 27 ? -12.489 -1.890  0.388   1.00 28.98  ? 27  LEU A CB  1 
ATOM   212 C CG  . LEU A 1 27 ? -11.904 -1.379  1.701   1.00 28.57  ? 27  LEU A CG  1 
ATOM   213 C CD1 . LEU A 1 27 ? -12.996 -1.416  2.749   1.00 24.57  ? 27  LEU A CD1 1 
ATOM   214 C CD2 . LEU A 1 27 ? -10.722 -2.228  2.119   1.00 19.89  ? 27  LEU A CD2 1 
ATOM   215 N N   . MET A 1 28 ? -11.989 -3.984  -2.210  1.00 40.64  ? 28  MET A N   1 
ATOM   216 C CA  . MET A 1 28 ? -12.617 -4.664  -3.346  1.00 43.96  ? 28  MET A CA  1 
ATOM   217 C C   . MET A 1 28 ? -14.137 -4.535  -3.333  1.00 43.79  ? 28  MET A C   1 
ATOM   218 O O   . MET A 1 28 ? -14.768 -4.425  -4.389  1.00 40.73  ? 28  MET A O   1 
ATOM   219 C CB  . MET A 1 28 ? -12.195 -6.134  -3.433  1.00 40.30  ? 28  MET A CB  1 
ATOM   220 C CG  . MET A 1 28 ? -10.781 -6.321  -3.991  1.00 49.17  ? 28  MET A CG  1 
ATOM   221 S SD  . MET A 1 28 ? -10.397 -8.018  -4.462  1.00 105.03 ? 28  MET A SD  1 
ATOM   222 C CE  . MET A 1 28 ? -8.847  -7.820  -5.350  1.00 35.08  ? 28  MET A CE  1 
ATOM   223 N N   . LYS A 1 29 ? -14.715 -4.506  -2.137  1.00 38.25  ? 29  LYS A N   1 
ATOM   224 C CA  . LYS A 1 29 ? -16.168 -4.379  -2.000  1.00 57.30  ? 29  LYS A CA  1 
ATOM   225 C C   . LYS A 1 29 ? -16.691 -2.942  -2.097  1.00 55.13  ? 29  LYS A C   1 
ATOM   226 O O   . LYS A 1 29 ? -17.887 -2.736  -2.268  1.00 70.00  ? 29  LYS A O   1 
ATOM   227 C CB  . LYS A 1 29 ? -16.645 -5.051  -0.708  1.00 61.73  ? 29  LYS A CB  1 
ATOM   228 C CG  . LYS A 1 29 ? -16.591 -6.576  -0.776  1.00 67.07  ? 29  LYS A CG  1 
ATOM   229 C CD  . LYS A 1 29 ? -16.961 -7.224  0.545   1.00 83.95  ? 29  LYS A CD  1 
ATOM   230 C CE  . LYS A 1 29 ? -17.113 -8.734  0.387   1.00 92.77  ? 29  LYS A CE  1 
ATOM   231 N NZ  . LYS A 1 29 ? -17.263 -9.424  1.705   1.00 95.08  ? 29  LYS A NZ  1 
ATOM   232 N N   . MET A 1 30 ? -15.797 -1.958  -1.998  1.00 50.55  ? 30  MET A N   1 
ATOM   233 C CA  . MET A 1 30 ? -16.173 -0.546  -2.102  1.00 41.22  ? 30  MET A CA  1 
ATOM   234 C C   . MET A 1 30 ? -15.260 0.196   -3.068  1.00 30.24  ? 30  MET A C   1 
ATOM   235 O O   . MET A 1 30 ? -14.366 0.910   -2.628  1.00 28.86  ? 30  MET A O   1 
ATOM   236 C CB  . MET A 1 30 ? -16.062 0.124   -0.736  1.00 42.92  ? 30  MET A CB  1 
ATOM   237 C CG  . MET A 1 30 ? -16.733 -0.627  0.387   1.00 38.63  ? 30  MET A CG  1 
ATOM   238 S SD  . MET A 1 30 ? -18.467 -0.170  0.501   1.00 217.45 ? 30  MET A SD  1 
ATOM   239 C CE  . MET A 1 30 ? -18.279 1.605   0.565   1.00 130.57 ? 30  MET A CE  1 
ATOM   240 N N   . PRO A 1 31 ? -15.469 0.017   -4.382  1.00 34.16  ? 31  PRO A N   1 
ATOM   241 C CA  . PRO A 1 31 ? -14.587 0.630   -5.388  1.00 40.20  ? 31  PRO A CA  1 
ATOM   242 C C   . PRO A 1 31 ? -14.632 2.163   -5.440  1.00 40.22  ? 31  PRO A C   1 
ATOM   243 O O   . PRO A 1 31 ? -13.708 2.775   -5.986  1.00 51.64  ? 31  PRO A O   1 
ATOM   244 C CB  . PRO A 1 31 ? -15.098 0.031   -6.711  1.00 42.24  ? 31  PRO A CB  1 
ATOM   245 C CG  . PRO A 1 31 ? -16.482 -0.399  -6.433  1.00 34.64  ? 31  PRO A CG  1 
ATOM   246 C CD  . PRO A 1 31 ? -16.493 -0.844  -5.002  1.00 29.36  ? 31  PRO A CD  1 
ATOM   247 N N   . LYS A 1 32 ? -15.671 2.763   -4.863  1.00 42.97  ? 32  LYS A N   1 
ATOM   248 C CA  . LYS A 1 32 ? -15.885 4.211   -4.926  1.00 34.90  ? 32  LYS A CA  1 
ATOM   249 C C   . LYS A 1 32 ? -15.062 5.009   -3.912  1.00 48.78  ? 32  LYS A C   1 
ATOM   250 O O   . LYS A 1 32 ? -14.970 6.232   -4.013  1.00 53.16  ? 32  LYS A O   1 
ATOM   251 C CB  . LYS A 1 32 ? -17.372 4.523   -4.741  1.00 38.20  ? 32  LYS A CB  1 
ATOM   252 C CG  . LYS A 1 32 ? -18.261 4.038   -5.876  1.00 52.65  ? 32  LYS A CG  1 
ATOM   253 C CD  . LYS A 1 32 ? -18.194 4.990   -7.057  1.00 50.72  ? 32  LYS A CD  1 
ATOM   254 C CE  . LYS A 1 32 ? -19.063 4.523   -8.195  1.00 62.81  ? 32  LYS A CE  1 
ATOM   255 N NZ  . LYS A 1 32 ? -18.228 4.029   -9.310  1.00 64.56  ? 32  LYS A NZ  1 
ATOM   256 N N   . ILE A 1 33 ? -14.469 4.319   -2.940  1.00 44.71  ? 33  ILE A N   1 
ATOM   257 C CA  . ILE A 1 33 ? -13.740 4.981   -1.865  1.00 34.35  ? 33  ILE A CA  1 
ATOM   258 C C   . ILE A 1 33 ? -12.258 4.667   -1.893  1.00 30.75  ? 33  ILE A C   1 
ATOM   259 O O   . ILE A 1 33 ? -11.860 3.549   -1.592  1.00 40.82  ? 33  ILE A O   1 
ATOM   260 C CB  . ILE A 1 33 ? -14.275 4.576   -0.485  1.00 34.96  ? 33  ILE A CB  1 
ATOM   261 C CG1 . ILE A 1 33 ? -15.754 4.921   -0.366  1.00 38.85  ? 33  ILE A CG1 1 
ATOM   262 C CG2 . ILE A 1 33 ? -13.487 5.271   0.618   1.00 41.58  ? 33  ILE A CG2 1 
ATOM   263 C CD1 . ILE A 1 33 ? -16.265 4.816   1.036   1.00 38.46  ? 33  ILE A CD1 1 
ATOM   264 N N   . PRO A 1 34 ? -11.432 5.663   -2.246  1.00 32.58  ? 34  PRO A N   1 
ATOM   265 C CA  . PRO A 1 34 ? -9.980  5.485   -2.193  1.00 31.26  ? 34  PRO A CA  1 
ATOM   266 C C   . PRO A 1 34 ? -9.586  5.432   -0.727  1.00 36.38  ? 34  PRO A C   1 
ATOM   267 O O   . PRO A 1 34 ? -10.086 6.265   0.041   1.00 30.61  ? 34  PRO A O   1 
ATOM   268 C CB  . PRO A 1 34 ? -9.432  6.783   -2.821  1.00 25.17  ? 34  PRO A CB  1 
ATOM   269 C CG  . PRO A 1 34 ? -10.622 7.552   -3.312  1.00 33.54  ? 34  PRO A CG  1 
ATOM   270 C CD  . PRO A 1 34 ? -11.801 7.059   -2.527  1.00 29.54  ? 34  PRO A CD  1 
ATOM   271 N N   . ILE A 1 35 ? -8.752  4.471   -0.330  1.00 27.91  ? 35  ILE A N   1 
ATOM   272 C CA  . ILE A 1 35 ? -8.331  4.402   1.068   1.00 31.14  ? 35  ILE A CA  1 
ATOM   273 C C   . ILE A 1 35 ? -6.886  4.870   1.217   1.00 38.55  ? 35  ILE A C   1 
ATOM   274 O O   . ILE A 1 35 ? -6.432  5.217   2.315   1.00 41.45  ? 35  ILE A O   1 
ATOM   275 C CB  . ILE A 1 35 ? -8.526  2.987   1.663   1.00 36.91  ? 35  ILE A CB  1 
ATOM   276 C CG1 . ILE A 1 35 ? -7.641  1.968   0.945   1.00 26.33  ? 35  ILE A CG1 1 
ATOM   277 C CG2 . ILE A 1 35 ? -9.993  2.599   1.617   1.00 27.26  ? 35  ILE A CG2 1 
ATOM   278 C CD1 . ILE A 1 35 ? -7.797  0.534   1.465   1.00 22.88  ? 35  ILE A CD1 1 
ATOM   279 N N   . LYS A 1 36 ? -6.175  4.897   0.094   1.00 39.19  ? 36  LYS A N   1 
ATOM   280 C CA  . LYS A 1 36 ? -4.784  5.320   0.076   1.00 42.78  ? 36  LYS A CA  1 
ATOM   281 C C   . LYS A 1 36 ? -4.399  5.637   -1.367  1.00 28.88  ? 36  LYS A C   1 
ATOM   282 O O   . LYS A 1 36 ? -4.669  4.864   -2.287  1.00 35.54  ? 36  LYS A O   1 
ATOM   283 C CB  . LYS A 1 36 ? -3.887  4.227   0.683   1.00 37.61  ? 36  LYS A CB  1 
ATOM   284 C CG  . LYS A 1 36 ? -2.401  4.544   0.757   1.00 44.76  ? 36  LYS A CG  1 
ATOM   285 C CD  . LYS A 1 36 ? -1.637  3.457   1.541   1.00 35.43  ? 36  LYS A CD  1 
ATOM   286 C CE  . LYS A 1 36 ? -0.139  3.507   1.283   1.00 35.60  ? 36  LYS A CE  1 
ATOM   287 N NZ  . LYS A 1 36 ? 0.483   4.811   1.661   1.00 34.00  ? 36  LYS A NZ  1 
ATOM   288 N N   . ARG A 1 37 ? -3.780  6.790   -1.557  1.00 26.89  ? 37  ARG A N   1 
ATOM   289 C CA  . ARG A 1 37 ? -3.361  7.225   -2.878  1.00 40.87  ? 37  ARG A CA  1 
ATOM   290 C C   . ARG A 1 37 ? -2.024  7.938   -2.807  1.00 32.47  ? 37  ARG A C   1 
ATOM   291 O O   . ARG A 1 37 ? -1.671  8.508   -1.778  1.00 37.40  ? 37  ARG A O   1 
ATOM   292 C CB  . ARG A 1 37 ? -4.402  8.167   -3.479  1.00 36.01  ? 37  ARG A CB  1 
ATOM   293 C CG  . ARG A 1 37 ? -5.690  7.495   -3.866  1.00 31.94  ? 37  ARG A CG  1 
ATOM   294 C CD  . ARG A 1 37 ? -6.478  8.377   -4.801  1.00 37.03  ? 37  ARG A CD  1 
ATOM   295 N NE  . ARG A 1 37 ? -7.011  9.559   -4.130  1.00 37.02  ? 37  ARG A NE  1 
ATOM   296 C CZ  . ARG A 1 37 ? -7.960  10.333  -4.642  1.00 30.89  ? 37  ARG A CZ  1 
ATOM   297 N NH1 . ARG A 1 37 ? -8.477  10.035  -5.824  1.00 33.49  ? 37  ARG A NH1 1 
ATOM   298 N NH2 . ARG A 1 37 ? -8.395  11.391  -3.976  1.00 24.05  ? 37  ARG A NH2 1 
ATOM   299 N N   . GLY A 1 38 ? -1.287  7.903   -3.911  1.00 28.10  ? 38  GLY A N   1 
ATOM   300 C CA  . GLY A 1 38 ? -0.015  8.588   -3.991  1.00 32.43  ? 38  GLY A CA  1 
ATOM   301 C C   . GLY A 1 38 ? 0.806   8.177   -5.194  1.00 42.28  ? 38  GLY A C   1 
ATOM   302 O O   . GLY A 1 38 ? 0.271   7.680   -6.187  1.00 30.78  ? 38  GLY A O   1 
ATOM   303 N N   . CYS A 1 39 ? 2.117   8.386   -5.095  1.00 41.02  ? 39  CYS A N   1 
ATOM   304 C CA  . CYS A 1 39 ? 3.049   7.996   -6.149  1.00 36.06  ? 39  CYS A CA  1 
ATOM   305 C C   . CYS A 1 39 ? 3.703   6.679   -5.788  1.00 32.52  ? 39  CYS A C   1 
ATOM   306 O O   . CYS A 1 39 ? 3.782   6.338   -4.610  1.00 32.25  ? 39  CYS A O   1 
ATOM   307 C CB  . CYS A 1 39 ? 4.134   9.055   -6.321  1.00 30.61  ? 39  CYS A CB  1 
ATOM   308 S SG  . CYS A 1 39 ? 3.504   10.679  -6.741  1.00 33.55  ? 39  CYS A SG  1 
ATOM   309 N N   . THR A 1 40 ? 4.163   5.949   -6.805  1.00 34.42  ? 40  THR A N   1 
ATOM   310 C CA  . THR A 1 40 ? 4.866   4.686   -6.611  1.00 32.22  ? 40  THR A CA  1 
ATOM   311 C C   . THR A 1 40 ? 5.774   4.426   -7.813  1.00 46.79  ? 40  THR A C   1 
ATOM   312 O O   . THR A 1 40 ? 5.551   4.985   -8.888  1.00 42.93  ? 40  THR A O   1 
ATOM   313 C CB  . THR A 1 40 ? 3.870   3.513   -6.443  1.00 37.46  ? 40  THR A CB  1 
ATOM   314 O OG1 . THR A 1 40 ? 4.573   2.304   -6.104  1.00 39.27  ? 40  THR A OG1 1 
ATOM   315 C CG2 . THR A 1 40 ? 3.085   3.303   -7.719  1.00 32.27  ? 40  THR A CG2 1 
ATOM   316 N N   . ASP A 1 41 ? 6.805   3.596   -7.638  1.00 42.34  ? 41  ASP A N   1 
ATOM   317 C CA  . ASP A 1 41 ? 7.659   3.231   -8.774  1.00 43.79  ? 41  ASP A CA  1 
ATOM   318 C C   . ASP A 1 41 ? 7.199   1.949   -9.462  1.00 40.37  ? 41  ASP A C   1 
ATOM   319 O O   . ASP A 1 41 ? 7.020   1.920   -10.679 1.00 47.46  ? 41  ASP A O   1 
ATOM   320 C CB  . ASP A 1 41 ? 9.151   3.192   -8.402  1.00 47.55  ? 41  ASP A CB  1 
ATOM   321 C CG  . ASP A 1 41 ? 9.499   2.110   -7.395  1.00 77.88  ? 41  ASP A CG  1 
ATOM   322 O OD1 . ASP A 1 41 ? 10.531  1.442   -7.624  1.00 99.11  ? 41  ASP A OD1 1 
ATOM   323 O OD2 . ASP A 1 41 ? 8.778   1.941   -6.382  1.00 69.38  ? 41  ASP A OD2 1 
ATOM   324 N N   . ALA A 1 42 ? 6.978   0.904   -8.675  1.00 27.50  ? 42  ALA A N   1 
ATOM   325 C CA  . ALA A 1 42 ? 6.363   -0.313  -9.180  1.00 38.00  ? 42  ALA A CA  1 
ATOM   326 C C   . ALA A 1 42 ? 4.957   -0.411  -8.603  1.00 46.01  ? 42  ALA A C   1 
ATOM   327 O O   . ALA A 1 42 ? 4.733   -0.075  -7.433  1.00 33.62  ? 42  ALA A O   1 
ATOM   328 C CB  . ALA A 1 42 ? 7.179   -1.511  -8.792  1.00 27.83  ? 42  ALA A CB  1 
ATOM   329 N N   . CYS A 1 43 ? 4.003   -0.854  -9.417  1.00 50.47  ? 43  CYS A N   1 
ATOM   330 C CA  . CYS A 1 43 ? 2.622   -0.952  -8.948  1.00 39.70  ? 43  CYS A CA  1 
ATOM   331 C C   . CYS A 1 43 ? 2.456   -2.009  -7.871  1.00 38.15  ? 43  CYS A C   1 
ATOM   332 O O   . CYS A 1 43 ? 2.762   -3.177  -8.096  1.00 43.82  ? 43  CYS A O   1 
ATOM   333 C CB  . CYS A 1 43 ? 1.642   -1.236  -10.089 1.00 27.88  ? 43  CYS A CB  1 
ATOM   334 S SG  . CYS A 1 43 ? -0.121  -1.067  -9.530  1.00 37.61  ? 43  CYS A SG  1 
ATOM   335 N N   . PRO A 1 44 ? 1.964   -1.598  -6.696  1.00 39.87  ? 44  PRO A N   1 
ATOM   336 C CA  . PRO A 1 44 ? 1.702   -2.516  -5.588  1.00 44.88  ? 44  PRO A CA  1 
ATOM   337 C C   . PRO A 1 44 ? 0.705   -3.602  -5.968  1.00 40.39  ? 44  PRO A C   1 
ATOM   338 O O   . PRO A 1 44 ? -0.188  -3.393  -6.784  1.00 57.57  ? 44  PRO A O   1 
ATOM   339 C CB  . PRO A 1 44 ? 1.107   -1.611  -4.508  1.00 35.14  ? 44  PRO A CB  1 
ATOM   340 C CG  . PRO A 1 44 ? 1.607   -0.260  -4.844  1.00 39.03  ? 44  PRO A CG  1 
ATOM   341 C CD  . PRO A 1 44 ? 1.650   -0.207  -6.340  1.00 35.53  ? 44  PRO A CD  1 
ATOM   342 N N   . LYS A 1 45 ? 0.878   -4.764  -5.359  1.00 37.97  ? 45  LYS A N   1 
ATOM   343 C CA  . LYS A 1 45 ? 0.078   -5.924  -5.662  1.00 42.27  ? 45  LYS A CA  1 
ATOM   344 C C   . LYS A 1 45 ? -1.256  -5.893  -4.924  1.00 37.69  ? 45  LYS A C   1 
ATOM   345 O O   . LYS A 1 45 ? -1.357  -5.381  -3.808  1.00 25.69  ? 45  LYS A O   1 
ATOM   346 C CB  . LYS A 1 45 ? 0.869   -7.233  -5.438  1.00 58.16  ? 45  LYS A CB  1 
ATOM   347 C CG  . LYS A 1 45 ? 1.784   -7.426  -4.207  1.00 81.35  ? 45  LYS A CG  1 
ATOM   348 C CD  . LYS A 1 45 ? 3.051   -6.606  -3.890  1.00 84.48  ? 45  LYS A CD  1 
ATOM   349 C CE  . LYS A 1 45 ? 2.852   -5.232  -3.231  1.00 51.05  ? 45  LYS A CE  1 
ATOM   350 N NZ  . LYS A 1 45 ? 3.403   -5.125  -1.858  1.00 40.67  ? 45  LYS A NZ  1 
ATOM   351 N N   . SER A 1 46 ? -2.291  -6.419  -5.565  1.00 32.32  ? 46  SER A N   1 
ATOM   352 C CA  . SER A 1 46 ? -3.595  -6.479  -4.927  1.00 33.06  ? 46  SER A CA  1 
ATOM   353 C C   . SER A 1 46 ? -3.593  -7.565  -3.869  1.00 36.55  ? 46  SER A C   1 
ATOM   354 O O   . SER A 1 46 ? -2.705  -8.415  -3.843  1.00 50.46  ? 46  SER A O   1 
ATOM   355 C CB  . SER A 1 46 ? -4.684  -6.748  -5.962  1.00 29.10  ? 46  SER A CB  1 
ATOM   356 O OG  . SER A 1 46 ? -4.917  -5.590  -6.751  1.00 46.28  ? 46  SER A OG  1 
ATOM   357 N N   . SER A 1 47 ? -4.580  -7.526  -2.982  1.00 28.97  ? 47  SER A N   1 
ATOM   358 C CA  . SER A 1 47 ? -4.789  -8.609  -2.029  1.00 27.13  ? 47  SER A CA  1 
ATOM   359 C C   . SER A 1 47 ? -6.231  -9.081  -2.134  1.00 33.34  ? 47  SER A C   1 
ATOM   360 O O   . SER A 1 47 ? -7.001  -8.586  -2.960  1.00 35.36  ? 47  SER A O   1 
ATOM   361 C CB  . SER A 1 47 ? -4.511  -8.138  -0.609  1.00 26.56  ? 47  SER A CB  1 
ATOM   362 O OG  . SER A 1 47 ? -5.578  -7.334  -0.133  1.00 32.86  ? 47  SER A OG  1 
ATOM   363 N N   . LEU A 1 48 ? -6.600  -10.039 -1.299  1.00 31.11  ? 48  LEU A N   1 
ATOM   364 C CA  . LEU A 1 48 ? -7.980  -10.516 -1.258  1.00 38.00  ? 48  LEU A CA  1 
ATOM   365 C C   . LEU A 1 48 ? -8.989  -9.426  -0.872  1.00 31.89  ? 48  LEU A C   1 
ATOM   366 O O   . LEU A 1 48 ? -10.160 -9.526  -1.217  1.00 44.49  ? 48  LEU A O   1 
ATOM   367 C CB  . LEU A 1 48 ? -8.116  -11.680 -0.277  1.00 39.91  ? 48  LEU A CB  1 
ATOM   368 C CG  . LEU A 1 48 ? -7.748  -13.090 -0.712  1.00 58.10  ? 48  LEU A CG  1 
ATOM   369 C CD1 . LEU A 1 48 ? -8.908  -14.007 -0.396  1.00 68.02  ? 48  LEU A CD1 1 
ATOM   370 C CD2 . LEU A 1 48 ? -7.397  -13.138 -2.187  1.00 77.36  ? 48  LEU A CD2 1 
ATOM   371 N N   . LEU A 1 49 ? -8.534  -8.405  -0.145  1.00 30.96  ? 49  LEU A N   1 
ATOM   372 C CA  . LEU A 1 49 ? -9.415  -7.347  0.365   1.00 32.69  ? 49  LEU A CA  1 
ATOM   373 C C   . LEU A 1 49 ? -9.206  -5.999  -0.341  1.00 35.25  ? 49  LEU A C   1 
ATOM   374 O O   . LEU A 1 49 ? -10.095 -5.147  -0.361  1.00 36.08  ? 49  LEU A O   1 
ATOM   375 C CB  . LEU A 1 49 ? -9.188  -7.156  1.864   1.00 24.80  ? 49  LEU A CB  1 
ATOM   376 C CG  . LEU A 1 49 ? -9.704  -8.276  2.759   1.00 40.75  ? 49  LEU A CG  1 
ATOM   377 C CD1 . LEU A 1 49 ? -9.338  -8.011  4.217   1.00 31.46  ? 49  LEU A CD1 1 
ATOM   378 C CD2 . LEU A 1 49 ? -11.215 -8.392  2.578   1.00 33.57  ? 49  LEU A CD2 1 
ATOM   379 N N   . VAL A 1 50 ? -8.023  -5.817  -0.919  1.00 33.01  ? 50  VAL A N   1 
ATOM   380 C CA  . VAL A 1 50 ? -7.647  -4.543  -1.511  1.00 30.57  ? 50  VAL A CA  1 
ATOM   381 C C   . VAL A 1 50 ? -7.353  -4.618  -3.013  1.00 27.73  ? 50  VAL A C   1 
ATOM   382 O O   . VAL A 1 50 ? -6.603  -5.468  -3.477  1.00 44.21  ? 50  VAL A O   1 
ATOM   383 C CB  . VAL A 1 50 ? -6.448  -3.924  -0.748  1.00 35.33  ? 50  VAL A CB  1 
ATOM   384 C CG1 . VAL A 1 50 ? -5.895  -2.722  -1.488  1.00 33.73  ? 50  VAL A CG1 1 
ATOM   385 C CG2 . VAL A 1 50 ? -6.879  -3.532  0.663   1.00 30.60  ? 50  VAL A CG2 1 
ATOM   386 N N   . LYS A 1 51 ? -7.973  -3.721  -3.768  1.00 20.99  ? 51  LYS A N   1 
ATOM   387 C CA  . LYS A 1 51 ? -7.653  -3.549  -5.177  1.00 30.80  ? 51  LYS A CA  1 
ATOM   388 C C   . LYS A 1 51 ? -6.691  -2.367  -5.339  1.00 31.26  ? 51  LYS A C   1 
ATOM   389 O O   . LYS A 1 51 ? -6.848  -1.330  -4.669  1.00 35.08  ? 51  LYS A O   1 
ATOM   390 C CB  . LYS A 1 51 ? -8.943  -3.339  -5.997  1.00 28.20  ? 51  LYS A CB  1 
ATOM   391 C CG  . LYS A 1 51 ? -8.720  -2.947  -7.448  1.00 54.20  ? 51  LYS A CG  1 
ATOM   392 C CD  . LYS A 1 51 ? -7.927  -4.001  -8.180  1.00 73.95  ? 51  LYS A CD  1 
ATOM   393 C CE  . LYS A 1 51 ? -8.629  -5.342  -8.120  1.00 90.55  ? 51  LYS A CE  1 
ATOM   394 N NZ  . LYS A 1 51 ? -7.796  -6.405  -8.746  1.00 94.04  ? 51  LYS A NZ  1 
ATOM   395 N N   . VAL A 1 52 ? -5.694  -2.522  -6.212  1.00 40.94  ? 52  VAL A N   1 
ATOM   396 C CA  . VAL A 1 52 ? -4.776  -1.422  -6.534  1.00 33.26  ? 52  VAL A CA  1 
ATOM   397 C C   . VAL A 1 52 ? -4.787  -1.056  -8.023  1.00 36.48  ? 52  VAL A C   1 
ATOM   398 O O   . VAL A 1 52 ? -4.388  -1.869  -8.851  1.00 46.16  ? 52  VAL A O   1 
ATOM   399 C CB  . VAL A 1 52 ? -3.327  -1.762  -6.131  1.00 36.26  ? 52  VAL A CB  1 
ATOM   400 C CG1 . VAL A 1 52 ? -2.452  -0.495  -6.167  1.00 26.64  ? 52  VAL A CG1 1 
ATOM   401 C CG2 . VAL A 1 52 ? -3.293  -2.415  -4.751  1.00 19.87  ? 52  VAL A CG2 1 
ATOM   402 N N   . VAL A 1 53 ? -5.254  0.156   -8.349  1.00 44.97  ? 53  VAL A N   1 
ATOM   403 C CA  . VAL A 1 53 ? -5.113  0.740   -9.697  1.00 29.52  ? 53  VAL A CA  1 
ATOM   404 C C   . VAL A 1 53 ? -3.785  1.471   -9.822  1.00 28.61  ? 53  VAL A C   1 
ATOM   405 O O   . VAL A 1 53 ? -3.351  2.151   -8.897  1.00 46.84  ? 53  VAL A O   1 
ATOM   406 C CB  . VAL A 1 53 ? -6.275  1.748   -10.063 1.00 84.88  ? 53  VAL A CB  1 
ATOM   407 C CG1 . VAL A 1 53 ? -5.784  3.244   -10.227 1.00 19.80  ? 53  VAL A CG1 1 
ATOM   408 C CG2 . VAL A 1 53 ? -6.988  1.289   -11.321 1.00 84.82  ? 53  VAL A CG2 1 
ATOM   409 N N   . CYS A 1 54 ? -3.132  1.315   -10.963 1.00 43.68  ? 54  CYS A N   1 
ATOM   410 C CA  . CYS A 1 54 ? -1.959  2.118   -11.284 1.00 31.22  ? 54  CYS A CA  1 
ATOM   411 C C   . CYS A 1 54 ? -2.109  2.734   -12.676 1.00 28.54  ? 54  CYS A C   1 
ATOM   412 O O   . CYS A 1 54 ? -2.614  2.103   -13.597 1.00 43.76  ? 54  CYS A O   1 
ATOM   413 C CB  . CYS A 1 54 ? -0.673  1.297   -11.162 1.00 31.70  ? 54  CYS A CB  1 
ATOM   414 S SG  . CYS A 1 54 ? -0.155  0.963   -9.440  1.00 31.99  ? 54  CYS A SG  1 
ATOM   415 N N   . CYS A 1 55 ? -1.691  3.983   -12.813 1.00 32.44  ? 55  CYS A N   1 
ATOM   416 C CA  . CYS A 1 55 ? -1.851  4.718   -14.064 1.00 33.81  ? 55  CYS A CA  1 
ATOM   417 C C   . CYS A 1 55 ? -0.728  5.737   -14.148 1.00 28.22  ? 55  CYS A C   1 
ATOM   418 O O   . CYS A 1 55 ? -0.159  6.113   -13.121 1.00 30.72  ? 55  CYS A O   1 
ATOM   419 C CB  . CYS A 1 55 ? -3.222  5.404   -14.101 1.00 24.54  ? 55  CYS A CB  1 
ATOM   420 S SG  . CYS A 1 55 ? -3.588  6.430   -12.636 1.00 38.12  ? 55  CYS A SG  1 
ATOM   421 N N   . ASN A 1 56 ? -0.400  6.186   -15.356 1.00 40.93  ? 56  ASN A N   1 
ATOM   422 C CA  . ASN A 1 56 ? 0.778   7.035   -15.529 1.00 42.61  ? 56  ASN A CA  1 
ATOM   423 C C   . ASN A 1 56 ? 0.575   8.387   -16.218 1.00 45.02  ? 56  ASN A C   1 
ATOM   424 O O   . ASN A 1 56 ? 1.530   8.944   -16.766 1.00 46.78  ? 56  ASN A O   1 
ATOM   425 C CB  . ASN A 1 56 ? 1.905   6.263   -16.219 1.00 47.63  ? 56  ASN A CB  1 
ATOM   426 C CG  . ASN A 1 56 ? 1.490   5.712   -17.562 1.00 67.50  ? 56  ASN A CG  1 
ATOM   427 O OD1 . ASN A 1 56 ? 0.362   5.929   -18.012 1.00 82.89  ? 56  ASN A OD1 1 
ATOM   428 N ND2 . ASN A 1 56 ? 2.402   4.994   -18.216 1.00 52.13  ? 56  ASN A ND2 1 
ATOM   429 N N   . LYS A 1 57 ? -0.648  8.920   -16.193 1.00 33.36  ? 57  LYS A N   1 
ATOM   430 C CA  . LYS A 1 57 ? -0.840  10.315  -16.584 1.00 40.25  ? 57  LYS A CA  1 
ATOM   431 C C   . LYS A 1 57 ? -1.135  11.161  -15.341 1.00 47.26  ? 57  LYS A C   1 
ATOM   432 O O   . LYS A 1 57 ? -1.477  10.618  -14.287 1.00 37.83  ? 57  LYS A O   1 
ATOM   433 C CB  . LYS A 1 57 ? -1.925  10.474  -17.666 1.00 39.15  ? 57  LYS A CB  1 
ATOM   434 C CG  . LYS A 1 57 ? -3.233  9.752   -17.387 1.00 64.01  ? 57  LYS A CG  1 
ATOM   435 C CD  . LYS A 1 57 ? -3.266  8.396   -18.086 1.00 74.30  ? 57  LYS A CD  1 
ATOM   436 C CE  . LYS A 1 57 ? -4.052  7.352   -17.302 1.00 59.33  ? 57  LYS A CE  1 
ATOM   437 N NZ  . LYS A 1 57 ? -3.484  5.989   -17.519 1.00 59.93  ? 57  LYS A NZ  1 
ATOM   438 N N   . ASP A 1 58 ? -0.979  12.480  -15.459 1.00 35.72  ? 58  ASP A N   1 
ATOM   439 C CA  . ASP A 1 58 ? -1.177  13.401  -14.334 1.00 33.51  ? 58  ASP A CA  1 
ATOM   440 C C   . ASP A 1 58 ? -2.538  13.270  -13.660 1.00 43.98  ? 58  ASP A C   1 
ATOM   441 O O   . ASP A 1 58 ? -3.582  13.387  -14.314 1.00 33.62  ? 58  ASP A O   1 
ATOM   442 C CB  . ASP A 1 58 ? -1.001  14.857  -14.785 1.00 48.98  ? 58  ASP A CB  1 
ATOM   443 C CG  . ASP A 1 58 ? 0.403   15.382  -14.541 1.00 54.39  ? 58  ASP A CG  1 
ATOM   444 O OD1 . ASP A 1 58 ? 1.322   14.563  -14.362 1.00 42.26  ? 58  ASP A OD1 1 
ATOM   445 O OD2 . ASP A 1 58 ? 0.583   16.620  -14.537 1.00 72.21  ? 58  ASP A OD2 1 
ATOM   446 N N   . LYS A 1 59 ? -2.505  13.057  -12.346 1.00 38.54  ? 59  LYS A N   1 
ATOM   447 C CA  . LYS A 1 59 ? -3.704  13.021  -11.512 1.00 39.02  ? 59  LYS A CA  1 
ATOM   448 C C   . LYS A 1 59 ? -4.713  12.003  -12.010 1.00 42.86  ? 59  LYS A C   1 
ATOM   449 O O   . LYS A 1 59 ? -5.922  12.203  -11.893 1.00 40.67  ? 59  LYS A O   1 
ATOM   450 C CB  . LYS A 1 59 ? -4.359  14.396  -11.435 1.00 39.99  ? 59  LYS A CB  1 
ATOM   451 C CG  . LYS A 1 59 ? -3.537  15.472  -10.737 1.00 50.56  ? 59  LYS A CG  1 
ATOM   452 C CD  . LYS A 1 59 ? -4.398  16.713  -10.520 1.00 55.88  ? 59  LYS A CD  1 
ATOM   453 C CE  . LYS A 1 59 ? -3.608  17.902  -10.013 1.00 64.90  ? 59  LYS A CE  1 
ATOM   454 N NZ  . LYS A 1 59 ? -4.521  19.071  -9.786  1.00 72.10  ? 59  LYS A NZ  1 
ATOM   455 N N   . CYS A 1 60 ? -4.207  10.910  -12.567 1.00 32.37  ? 60  CYS A N   1 
ATOM   456 C CA  . CYS A 1 60 ? -5.063  9.903   -13.181 1.00 40.34  ? 60  CYS A CA  1 
ATOM   457 C C   . CYS A 1 60 ? -5.665  8.967   -12.153 1.00 28.46  ? 60  CYS A C   1 
ATOM   458 O O   . CYS A 1 60 ? -6.559  8.198   -12.476 1.00 37.85  ? 60  CYS A O   1 
ATOM   459 C CB  . CYS A 1 60 ? -4.252  9.068   -14.150 1.00 31.83  ? 60  CYS A CB  1 
ATOM   460 S SG  . CYS A 1 60 ? -2.874  8.222   -13.323 1.00 33.33  ? 60  CYS A SG  1 
ATOM   461 N N   . ASN A 1 61 ? -5.143  9.008   -10.930 1.00 29.75  ? 61  ASN A N   1 
ATOM   462 C CA  . ASN A 1 61 ? -5.629  8.147   -9.857  1.00 31.50  ? 61  ASN A CA  1 
ATOM   463 C C   . ASN A 1 61 ? -6.707  8.822   -9.002  1.00 31.36  ? 61  ASN A C   1 
ATOM   464 O O   . ASN A 1 61 ? -7.312  9.796   -9.445  1.00 27.49  ? 61  ASN A O   1 
ATOM   465 C CB  . ASN A 1 61 ? -4.471  7.662   -8.985  1.00 35.67  ? 61  ASN A CB  1 
ATOM   466 C CG  . ASN A 1 61 ? -3.870  8.770   -8.132  1.00 40.90  ? 61  ASN A CG  1 
ATOM   467 O OD1 . ASN A 1 61 ? -3.940  9.961   -8.475  1.00 33.94  ? 61  ASN A OD1 1 
ATOM   468 N ND2 . ASN A 1 61 ? -3.267  8.378   -7.010  1.00 22.67  ? 61  ASN A ND2 1 
ATOM   469 O OXT . ASN A 1 61 ? -7.003  8.435   -7.868  1.00 22.04  ? 61  ASN A OXT 1 
ATOM   470 N N   . LEU B 1 1  ? 14.905  -11.994 4.902   1.00 25.95  ? 1   LEU B N   1 
ATOM   471 C CA  . LEU B 1 1  ? 13.723  -11.641 5.685   1.00 44.64  ? 1   LEU B CA  1 
ATOM   472 C C   . LEU B 1 1  ? 12.484  -12.355 5.165   1.00 42.48  ? 1   LEU B C   1 
ATOM   473 O O   . LEU B 1 1  ? 12.291  -12.489 3.962   1.00 43.40  ? 1   LEU B O   1 
ATOM   474 C CB  . LEU B 1 1  ? 13.480  -10.123 5.685   1.00 25.79  ? 1   LEU B CB  1 
ATOM   475 C CG  . LEU B 1 1  ? 12.213  -9.696  6.451   1.00 42.34  ? 1   LEU B CG  1 
ATOM   476 C CD1 . LEU B 1 1  ? 12.339  -10.053 7.930   1.00 27.53  ? 1   LEU B CD1 1 
ATOM   477 C CD2 . LEU B 1 1  ? 11.858  -8.212  6.265   1.00 33.48  ? 1   LEU B CD2 1 
ATOM   478 N N   . LYS B 1 2  ? 11.652  -12.818 6.086   1.00 37.20  ? 2   LYS B N   1 
ATOM   479 C CA  . LYS B 1 2  ? 10.373  -13.421 5.738   1.00 41.24  ? 2   LYS B CA  1 
ATOM   480 C C   . LYS B 1 2  ? 9.235   -12.588 6.322   1.00 35.20  ? 2   LYS B C   1 
ATOM   481 O O   . LYS B 1 2  ? 9.257   -12.212 7.501   1.00 42.33  ? 2   LYS B O   1 
ATOM   482 C CB  . LYS B 1 2  ? 10.284  -14.858 6.264   1.00 26.62  ? 2   LYS B CB  1 
ATOM   483 C CG  . LYS B 1 2  ? 11.086  -15.879 5.482   1.00 42.98  ? 2   LYS B CG  1 
ATOM   484 C CD  . LYS B 1 2  ? 10.516  -17.282 5.671   1.00 53.56  ? 2   LYS B CD  1 
ATOM   485 C CE  . LYS B 1 2  ? 11.512  -18.369 5.270   1.00 65.07  ? 2   LYS B CE  1 
ATOM   486 N NZ  . LYS B 1 2  ? 12.467  -18.725 6.370   1.00 54.09  ? 2   LYS B NZ  1 
ATOM   487 N N   . CYS B 1 3  ? 8.239   -12.306 5.498   1.00 34.08  ? 3   CYS B N   1 
ATOM   488 C CA  . CYS B 1 3  ? 7.062   -11.559 5.939   1.00 35.30  ? 3   CYS B CA  1 
ATOM   489 C C   . CYS B 1 3  ? 5.773   -12.298 5.597   1.00 32.72  ? 3   CYS B C   1 
ATOM   490 O O   . CYS B 1 3  ? 5.703   -13.001 4.590   1.00 41.28  ? 3   CYS B O   1 
ATOM   491 C CB  . CYS B 1 3  ? 7.031   -10.186 5.264   1.00 34.40  ? 3   CYS B CB  1 
ATOM   492 S SG  . CYS B 1 3  ? 8.497   -9.168  5.570   1.00 29.97  ? 3   CYS B SG  1 
ATOM   493 N N   . HIS B 1 4  ? 4.756   -12.144 6.434   1.00 21.55  ? 4   HIS B N   1 
ATOM   494 C CA  . HIS B 1 4  ? 3.406   -12.543 6.048   1.00 31.79  ? 4   HIS B CA  1 
ATOM   495 C C   . HIS B 1 4  ? 3.003   -11.709 4.814   1.00 35.88  ? 4   HIS B C   1 
ATOM   496 O O   . HIS B 1 4  ? 3.276   -10.508 4.764   1.00 36.73  ? 4   HIS B O   1 
ATOM   497 C CB  . HIS B 1 4  ? 2.416   -12.313 7.198   1.00 21.47  ? 4   HIS B CB  1 
ATOM   498 C CG  . HIS B 1 4  ? 2.659   -13.173 8.405   1.00 34.19  ? 4   HIS B CG  1 
ATOM   499 N ND1 . HIS B 1 4  ? 2.584   -14.550 8.373   1.00 39.14  ? 4   HIS B ND1 1 
ATOM   500 C CD2 . HIS B 1 4  ? 2.947   -12.845 9.687   1.00 30.02  ? 4   HIS B CD2 1 
ATOM   501 C CE1 . HIS B 1 4  ? 2.832   -15.034 9.579   1.00 38.87  ? 4   HIS B CE1 1 
ATOM   502 N NE2 . HIS B 1 4  ? 3.053   -14.021 10.395  1.00 36.95  ? 4   HIS B NE2 1 
ATOM   503 N N   . ASN B 1 5  ? 2.378   -12.331 3.815   1.00 28.80  ? 5   ASN B N   1 
ATOM   504 C CA  . ASN B 1 5  ? 2.046   -11.597 2.585   1.00 35.62  ? 5   ASN B CA  1 
ATOM   505 C C   . ASN B 1 5  ? 0.597   -11.730 2.089   1.00 34.36  ? 5   ASN B C   1 
ATOM   506 O O   . ASN B 1 5  ? 0.297   -11.382 0.951   1.00 36.56  ? 5   ASN B O   1 
ATOM   507 C CB  . ASN B 1 5  ? 3.030   -11.952 1.460   1.00 25.59  ? 5   ASN B CB  1 
ATOM   508 C CG  . ASN B 1 5  ? 2.894   -13.396 1.001   1.00 38.87  ? 5   ASN B CG  1 
ATOM   509 O OD1 . ASN B 1 5  ? 2.634   -14.297 1.807   1.00 33.69  ? 5   ASN B OD1 1 
ATOM   510 N ND2 . ASN B 1 5  ? 3.067   -13.621 -0.299  1.00 32.38  ? 5   ASN B ND2 1 
ATOM   511 N N   . LYS B 1 6  ? -0.281  -12.243 2.944   1.00 34.59  ? 6   LYS B N   1 
ATOM   512 C CA  . LYS B 1 6  ? -1.706  -12.380 2.643   1.00 40.60  ? 6   LYS B CA  1 
ATOM   513 C C   . LYS B 1 6  ? -2.479  -11.874 3.846   1.00 31.70  ? 6   LYS B C   1 
ATOM   514 O O   . LYS B 1 6  ? -1.890  -11.645 4.904   1.00 40.87  ? 6   LYS B O   1 
ATOM   515 C CB  . LYS B 1 6  ? -2.075  -13.848 2.418   1.00 46.53  ? 6   LYS B CB  1 
ATOM   516 C CG  . LYS B 1 6  ? -1.181  -14.599 1.446   1.00 44.19  ? 6   LYS B CG  1 
ATOM   517 C CD  . LYS B 1 6  ? -1.446  -14.180 0.011   1.00 33.89  ? 6   LYS B CD  1 
ATOM   518 C CE  . LYS B 1 6  ? -0.560  -14.978 -0.939  1.00 57.71  ? 6   LYS B CE  1 
ATOM   519 N NZ  . LYS B 1 6  ? -0.876  -14.684 -2.363  1.00 70.91  ? 6   LYS B NZ  1 
ATOM   520 N N   . LEU B 1 7  ? -3.790  -11.704 3.716   1.00 31.38  ? 7   LEU B N   1 
ATOM   521 C CA  . LEU B 1 7  ? -4.569  -11.289 4.891   1.00 42.33  ? 7   LEU B CA  1 
ATOM   522 C C   . LEU B 1 7  ? -5.170  -12.463 5.689   1.00 31.59  ? 7   LEU B C   1 
ATOM   523 O O   . LEU B 1 7  ? -5.846  -12.277 6.702   1.00 39.07  ? 7   LEU B O   1 
ATOM   524 C CB  . LEU B 1 7  ? -5.597  -10.199 4.571   1.00 48.84  ? 7   LEU B CB  1 
ATOM   525 C CG  . LEU B 1 7  ? -6.481  -10.247 3.337   1.00 49.23  ? 7   LEU B CG  1 
ATOM   526 C CD1 . LEU B 1 7  ? -5.699  -9.835  2.100   1.00 72.12  ? 7   LEU B CD1 1 
ATOM   527 C CD2 . LEU B 1 7  ? -7.052  -11.631 3.189   1.00 31.44  ? 7   LEU B CD2 1 
ATOM   528 N N   . VAL B 1 8  ? -4.900  -13.676 5.224   1.00 24.87  ? 8   VAL B N   1 
ATOM   529 C CA  . VAL B 1 8  ? -5.146  -14.851 6.039   1.00 40.89  ? 8   VAL B CA  1 
ATOM   530 C C   . VAL B 1 8  ? -3.872  -15.075 6.872   1.00 42.77  ? 8   VAL B C   1 
ATOM   531 O O   . VAL B 1 8  ? -2.834  -14.487 6.568   1.00 32.51  ? 8   VAL B O   1 
ATOM   532 C CB  . VAL B 1 8  ? -5.492  -16.077 5.156   1.00 46.21  ? 8   VAL B CB  1 
ATOM   533 C CG1 . VAL B 1 8  ? -6.741  -15.802 4.315   1.00 36.97  ? 8   VAL B CG1 1 
ATOM   534 C CG2 . VAL B 1 8  ? -4.314  -16.454 4.271   1.00 45.60  ? 8   VAL B CG2 1 
ATOM   535 N N   . PRO B 1 9  ? -3.942  -15.899 7.935   1.00 35.33  ? 9   PRO B N   1 
ATOM   536 C CA  . PRO B 1 9  ? -2.730  -16.112 8.747   1.00 38.56  ? 9   PRO B CA  1 
ATOM   537 C C   . PRO B 1 9  ? -1.649  -16.980 8.065   1.00 43.61  ? 9   PRO B C   1 
ATOM   538 O O   . PRO B 1 9  ? -1.881  -17.497 6.974   1.00 35.25  ? 9   PRO B O   1 
ATOM   539 C CB  . PRO B 1 9  ? -3.263  -16.843 9.996   1.00 38.79  ? 9   PRO B CB  1 
ATOM   540 C CG  . PRO B 1 9  ? -4.762  -16.659 9.979   1.00 36.45  ? 9   PRO B CG  1 
ATOM   541 C CD  . PRO B 1 9  ? -5.136  -16.527 8.534   1.00 31.23  ? 9   PRO B CD  1 
ATOM   542 N N   . PHE B 1 10 ? -0.489  -17.107 8.716   1.00 35.24  ? 10  PHE B N   1 
ATOM   543 C CA  . PHE B 1 10 ? 0.548   -18.127 8.412   1.00 42.36  ? 10  PHE B CA  1 
ATOM   544 C C   . PHE B 1 10 ? 1.382   -17.996 7.124   1.00 43.46  ? 10  PHE B C   1 
ATOM   545 O O   . PHE B 1 10 ? 2.614   -18.058 7.170   1.00 46.87  ? 10  PHE B O   1 
ATOM   546 C CB  . PHE B 1 10 ? -0.032  -19.540 8.488   1.00 47.01  ? 10  PHE B CB  1 
ATOM   547 C CG  . PHE B 1 10 ? 0.997   -20.623 8.330   1.00 45.93  ? 10  PHE B CG  1 
ATOM   548 C CD1 . PHE B 1 10 ? 1.876   -20.913 9.363   1.00 52.33  ? 10  PHE B CD1 1 
ATOM   549 C CD2 . PHE B 1 10 ? 1.087   -21.348 7.147   1.00 49.66  ? 10  PHE B CD2 1 
ATOM   550 C CE1 . PHE B 1 10 ? 2.831   -21.903 9.222   1.00 53.96  ? 10  PHE B CE1 1 
ATOM   551 C CE2 . PHE B 1 10 ? 2.041   -22.350 6.997   1.00 52.27  ? 10  PHE B CE2 1 
ATOM   552 C CZ  . PHE B 1 10 ? 2.910   -22.628 8.036   1.00 54.36  ? 10  PHE B CZ  1 
ATOM   553 N N   . LEU B 1 11 ? 0.707   -17.876 5.983   1.00 37.59  ? 11  LEU B N   1 
ATOM   554 C CA  . LEU B 1 11 ? 1.375   -17.748 4.688   1.00 39.03  ? 11  LEU B CA  1 
ATOM   555 C C   . LEU B 1 11 ? 2.470   -16.681 4.697   1.00 45.36  ? 11  LEU B C   1 
ATOM   556 O O   . LEU B 1 11 ? 2.309   -15.599 5.273   1.00 43.70  ? 11  LEU B O   1 
ATOM   557 C CB  . LEU B 1 11 ? 0.344   -17.422 3.600   1.00 33.74  ? 11  LEU B CB  1 
ATOM   558 C CG  . LEU B 1 11 ? -0.157  -18.575 2.718   1.00 50.01  ? 11  LEU B CG  1 
ATOM   559 C CD1 . LEU B 1 11 ? 0.026   -19.908 3.418   1.00 38.31  ? 11  LEU B CD1 1 
ATOM   560 C CD2 . LEU B 1 11 ? -1.616  -18.369 2.305   1.00 43.45  ? 11  LEU B CD2 1 
ATOM   561 N N   . SER B 1 12 ? 3.589   -16.983 4.055   1.00 36.13  ? 12  SER B N   1 
ATOM   562 C CA  . SER B 1 12 ? 4.662   -16.007 3.977   1.00 32.40  ? 12  SER B CA  1 
ATOM   563 C C   . SER B 1 12 ? 5.503   -16.191 2.730   1.00 35.10  ? 12  SER B C   1 
ATOM   564 O O   . SER B 1 12 ? 5.393   -17.197 2.021   1.00 32.94  ? 12  SER B O   1 
ATOM   565 C CB  . SER B 1 12 ? 5.561   -16.092 5.217   1.00 29.68  ? 12  SER B CB  1 
ATOM   566 O OG  . SER B 1 12 ? 6.223   -17.349 5.263   1.00 36.50  ? 12  SER B OG  1 
ATOM   567 N N   . LYS B 1 13 ? 6.350   -15.201 2.479   1.00 25.92  ? 13  LYS B N   1 
ATOM   568 C CA  . LYS B 1 13 ? 7.321   -15.266 1.408   1.00 32.20  ? 13  LYS B CA  1 
ATOM   569 C C   . LYS B 1 13 ? 8.623   -14.726 1.945   1.00 42.99  ? 13  LYS B C   1 
ATOM   570 O O   . LYS B 1 13 ? 8.648   -13.993 2.944   1.00 38.02  ? 13  LYS B O   1 
ATOM   571 C CB  . LYS B 1 13 ? 6.882   -14.398 0.229   1.00 24.48  ? 13  LYS B CB  1 
ATOM   572 C CG  . LYS B 1 13 ? 6.909   -12.896 0.522   1.00 40.69  ? 13  LYS B CG  1 
ATOM   573 C CD  . LYS B 1 13 ? 6.517   -12.075 -0.703  1.00 50.21  ? 13  LYS B CD  1 
ATOM   574 C CE  . LYS B 1 13 ? 7.459   -12.337 -1.871  1.00 53.98  ? 13  LYS B CE  1 
ATOM   575 N NZ  . LYS B 1 13 ? 7.101   -11.526 -3.063  1.00 64.66  ? 13  LYS B NZ  1 
ATOM   576 N N   . THR B 1 14 ? 9.708   -15.096 1.279   1.00 43.69  ? 14  THR B N   1 
ATOM   577 C CA  . THR B 1 14 ? 10.991  -14.483 1.535   1.00 24.66  ? 14  THR B CA  1 
ATOM   578 C C   . THR B 1 14 ? 11.050  -13.207 0.703   1.00 29.15  ? 14  THR B C   1 
ATOM   579 O O   . THR B 1 14 ? 10.789  -13.230 -0.502  1.00 28.26  ? 14  THR B O   1 
ATOM   580 C CB  . THR B 1 14 ? 12.147  -15.422 1.119   1.00 44.50  ? 14  THR B CB  1 
ATOM   581 O OG1 . THR B 1 14 ? 12.130  -16.597 1.945   1.00 30.50  ? 14  THR B OG1 1 
ATOM   582 C CG2 . THR B 1 14 ? 13.521  -14.703 1.242   1.00 35.29  ? 14  THR B CG2 1 
ATOM   583 N N   . CYS B 1 15 ? 11.386  -12.094 1.346   1.00 23.62  ? 15  CYS B N   1 
ATOM   584 C CA  . CYS B 1 15 ? 11.511  -10.819 0.656   1.00 33.14  ? 15  CYS B CA  1 
ATOM   585 C C   . CYS B 1 15 ? 12.646  -10.792 -0.369  1.00 37.59  ? 15  CYS B C   1 
ATOM   586 O O   . CYS B 1 15 ? 13.746  -11.297 -0.124  1.00 30.37  ? 15  CYS B O   1 
ATOM   587 C CB  . CYS B 1 15 ? 11.732  -9.695  1.662   1.00 41.20  ? 15  CYS B CB  1 
ATOM   588 S SG  . CYS B 1 15 ? 10.471  -9.607  2.919   1.00 43.73  ? 15  CYS B SG  1 
ATOM   589 N N   . PRO B 1 16 ? 12.378  -10.168 -1.514  1.00 37.18  ? 16  PRO B N   1 
ATOM   590 C CA  . PRO B 1 16 ? 13.380  -9.907  -2.552  1.00 24.44  ? 16  PRO B CA  1 
ATOM   591 C C   . PRO B 1 16 ? 14.485  -8.993  -2.018  1.00 40.25  ? 16  PRO B C   1 
ATOM   592 O O   . PRO B 1 16 ? 14.274  -8.274  -1.033  1.00 24.12  ? 16  PRO B O   1 
ATOM   593 C CB  . PRO B 1 16 ? 12.585  -9.139  -3.618  1.00 33.38  ? 16  PRO B CB  1 
ATOM   594 C CG  . PRO B 1 16 ? 11.137  -9.297  -3.247  1.00 41.57  ? 16  PRO B CG  1 
ATOM   595 C CD  . PRO B 1 16 ? 11.092  -9.501  -1.783  1.00 22.68  ? 16  PRO B CD  1 
ATOM   596 N N   . GLU B 1 17 ? 15.649  -9.023  -2.665  1.00 31.77  ? 17  GLU B N   1 
ATOM   597 C CA  . GLU B 1 17 ? 16.737  -8.114  -2.320  1.00 46.70  ? 17  GLU B CA  1 
ATOM   598 C C   . GLU B 1 17 ? 16.223  -6.689  -2.359  1.00 39.44  ? 17  GLU B C   1 
ATOM   599 O O   . GLU B 1 17 ? 15.460  -6.332  -3.248  1.00 38.84  ? 17  GLU B O   1 
ATOM   600 C CB  . GLU B 1 17 ? 17.900  -8.263  -3.304  1.00 28.10  ? 17  GLU B CB  1 
ATOM   601 C CG  . GLU B 1 17 ? 18.499  -9.646  -3.299  1.00 46.85  ? 17  GLU B CG  1 
ATOM   602 C CD  . GLU B 1 17 ? 19.687  -9.775  -4.220  1.00 60.26  ? 17  GLU B CD  1 
ATOM   603 O OE1 . GLU B 1 17 ? 19.970  -10.912 -4.635  1.00 61.25  ? 17  GLU B OE1 1 
ATOM   604 O OE2 . GLU B 1 17 ? 20.345  -8.753  -4.515  1.00 57.16  ? 17  GLU B OE2 1 
ATOM   605 N N   . GLY B 1 18 ? 16.619  -5.884  -1.381  1.00 38.06  ? 18  GLY B N   1 
ATOM   606 C CA  . GLY B 1 18 ? 16.228  -4.488  -1.355  1.00 37.88  ? 18  GLY B CA  1 
ATOM   607 C C   . GLY B 1 18 ? 15.060  -4.209  -0.430  1.00 42.08  ? 18  GLY B C   1 
ATOM   608 O O   . GLY B 1 18 ? 14.931  -3.106  0.076   1.00 39.68  ? 18  GLY B O   1 
ATOM   609 N N   . LYS B 1 19 ? 14.211  -5.207  -0.204  1.00 46.31  ? 19  LYS B N   1 
ATOM   610 C CA  . LYS B 1 19 ? 13.083  -5.052  0.713   1.00 38.96  ? 19  LYS B CA  1 
ATOM   611 C C   . LYS B 1 19 ? 13.360  -5.732  2.058   1.00 34.42  ? 19  LYS B C   1 
ATOM   612 O O   . LYS B 1 19 ? 13.146  -6.928  2.221   1.00 44.24  ? 19  LYS B O   1 
ATOM   613 C CB  . LYS B 1 19 ? 11.793  -5.594  0.087   1.00 34.11  ? 19  LYS B CB  1 
ATOM   614 C CG  . LYS B 1 19 ? 11.508  -5.066  -1.314  1.00 23.36  ? 19  LYS B CG  1 
ATOM   615 C CD  . LYS B 1 19 ? 10.139  -5.520  -1.822  1.00 32.98  ? 19  LYS B CD  1 
ATOM   616 C CE  . LYS B 1 19 ? 9.831   -4.939  -3.198  1.00 44.64  ? 19  LYS B CE  1 
ATOM   617 N NZ  . LYS B 1 19 ? 8.420   -5.205  -3.633  1.00 46.57  ? 19  LYS B NZ  1 
ATOM   618 N N   . ASN B 1 20 ? 13.831  -4.950  3.019   1.00 40.14  ? 20  ASN B N   1 
ATOM   619 C CA  . ASN B 1 20 ? 14.176  -5.467  4.336   1.00 37.88  ? 20  ASN B CA  1 
ATOM   620 C C   . ASN B 1 20 ? 13.207  -5.018  5.440   1.00 44.96  ? 20  ASN B C   1 
ATOM   621 O O   . ASN B 1 20 ? 13.579  -4.965  6.617   1.00 24.87  ? 20  ASN B O   1 
ATOM   622 C CB  . ASN B 1 20 ? 15.600  -5.055  4.707   1.00 42.17  ? 20  ASN B CB  1 
ATOM   623 C CG  . ASN B 1 20 ? 16.629  -5.476  3.658   1.00 51.62  ? 20  ASN B CG  1 
ATOM   624 O OD1 . ASN B 1 20 ? 16.763  -6.659  3.319   1.00 44.42  ? 20  ASN B OD1 1 
ATOM   625 N ND2 . ASN B 1 20 ? 17.368  -4.497  3.145   1.00 49.55  ? 20  ASN B ND2 1 
ATOM   626 N N   . LEU B 1 21 ? 11.976  -4.682  5.052   1.00 34.96  ? 21  LEU B N   1 
ATOM   627 C CA  . LEU B 1 21 ? 10.907  -4.424  6.022   1.00 43.83  ? 21  LEU B CA  1 
ATOM   628 C C   . LEU B 1 21 ? 9.648   -5.225  5.696   1.00 40.10  ? 21  LEU B C   1 
ATOM   629 O O   . LEU B 1 21 ? 9.270   -5.362  4.525   1.00 43.20  ? 21  LEU B O   1 
ATOM   630 C CB  . LEU B 1 21 ? 10.549  -2.936  6.078   1.00 23.93  ? 21  LEU B CB  1 
ATOM   631 C CG  . LEU B 1 21 ? 11.574  -1.950  6.614   1.00 44.84  ? 21  LEU B CG  1 
ATOM   632 C CD1 . LEU B 1 21 ? 11.057  -0.545  6.386   1.00 36.09  ? 21  LEU B CD1 1 
ATOM   633 C CD2 . LEU B 1 21 ? 11.857  -2.207  8.092   1.00 41.80  ? 21  LEU B CD2 1 
ATOM   634 N N   . CYS B 1 22 ? 9.002   -5.751  6.734   1.00 32.48  ? 22  CYS B N   1 
ATOM   635 C CA  . CYS B 1 22 ? 7.646   -6.277  6.606   1.00 20.28  ? 22  CYS B CA  1 
ATOM   636 C C   . CYS B 1 22 ? 6.674   -5.105  6.814   1.00 36.67  ? 22  CYS B C   1 
ATOM   637 O O   . CYS B 1 22 ? 6.976   -4.160  7.557   1.00 33.76  ? 22  CYS B O   1 
ATOM   638 C CB  . CYS B 1 22 ? 7.382   -7.365  7.649   1.00 20.79  ? 22  CYS B CB  1 
ATOM   639 S SG  . CYS B 1 22 ? 8.447   -8.844  7.567   1.00 23.93  ? 22  CYS B SG  1 
ATOM   640 N N   . TYR B 1 23 ? 5.526   -5.148  6.148   1.00 31.06  ? 23  TYR B N   1 
ATOM   641 C CA  . TYR B 1 23 ? 4.502   -4.139  6.385   1.00 37.83  ? 23  TYR B CA  1 
ATOM   642 C C   . TYR B 1 23 ? 3.146   -4.791  6.580   1.00 39.21  ? 23  TYR B C   1 
ATOM   643 O O   . TYR B 1 23 ? 2.898   -5.886  6.074   1.00 33.59  ? 23  TYR B O   1 
ATOM   644 C CB  . TYR B 1 23 ? 4.441   -3.106  5.251   1.00 24.94  ? 23  TYR B CB  1 
ATOM   645 C CG  . TYR B 1 23 ? 3.756   -3.605  3.990   1.00 35.57  ? 23  TYR B CG  1 
ATOM   646 C CD1 . TYR B 1 23 ? 4.472   -4.274  3.006   1.00 35.66  ? 23  TYR B CD1 1 
ATOM   647 C CD2 . TYR B 1 23 ? 2.398   -3.401  3.784   1.00 23.39  ? 23  TYR B CD2 1 
ATOM   648 C CE1 . TYR B 1 23 ? 3.853   -4.729  1.854   1.00 41.81  ? 23  TYR B CE1 1 
ATOM   649 C CE2 . TYR B 1 23 ? 1.771   -3.850  2.636   1.00 41.14  ? 23  TYR B CE2 1 
ATOM   650 C CZ  . TYR B 1 23 ? 2.507   -4.517  1.677   1.00 47.52  ? 23  TYR B CZ  1 
ATOM   651 O OH  . TYR B 1 23 ? 1.905   -4.978  0.533   1.00 48.05  ? 23  TYR B OH  1 
ATOM   652 N N   . LYS B 1 24 ? 2.283   -4.109  7.330   1.00 35.17  ? 24  LYS B N   1 
ATOM   653 C CA  . LYS B 1 24 ? 0.897   -4.518  7.501   1.00 34.09  ? 24  LYS B CA  1 
ATOM   654 C C   . LYS B 1 24 ? 0.007   -3.297  7.413   1.00 36.59  ? 24  LYS B C   1 
ATOM   655 O O   . LYS B 1 24 ? 0.205   -2.328  8.144   1.00 39.69  ? 24  LYS B O   1 
ATOM   656 C CB  . LYS B 1 24 ? 0.668   -5.207  8.849   1.00 23.39  ? 24  LYS B CB  1 
ATOM   657 C CG  . LYS B 1 24 ? -0.824  -5.528  9.108   1.00 35.02  ? 24  LYS B CG  1 
ATOM   658 C CD  . LYS B 1 24 ? -1.060  -6.450  10.324  1.00 24.08  ? 24  LYS B CD  1 
ATOM   659 C CE  . LYS B 1 24 ? -0.702  -5.756  11.636  1.00 33.48  ? 24  LYS B CE  1 
ATOM   660 N NZ  . LYS B 1 24 ? -0.969  -6.625  12.832  1.00 28.39  ? 24  LYS B NZ  1 
ATOM   661 N N   . MET B 1 25 ? -0.973  -3.342  6.516   1.00 30.97  ? 25  MET B N   1 
ATOM   662 C CA  . MET B 1 25 ? -1.972  -2.285  6.430   1.00 23.98  ? 25  MET B CA  1 
ATOM   663 C C   . MET B 1 25 ? -3.250  -2.716  7.105   1.00 24.71  ? 25  MET B C   1 
ATOM   664 O O   . MET B 1 25 ? -3.706  -3.841  6.925   1.00 36.19  ? 25  MET B O   1 
ATOM   665 C CB  . MET B 1 25 ? -2.266  -1.935  4.978   1.00 19.69  ? 25  MET B CB  1 
ATOM   666 C CG  . MET B 1 25 ? -1.086  -1.324  4.263   1.00 38.09  ? 25  MET B CG  1 
ATOM   667 S SD  . MET B 1 25 ? -1.543  -0.666  2.662   1.00 59.62  ? 25  MET B SD  1 
ATOM   668 C CE  . MET B 1 25 ? 0.063   -0.177  2.046   1.00 47.97  ? 25  MET B CE  1 
ATOM   669 N N   . THR B 1 26 ? -3.829  -1.816  7.889   1.00 35.52  ? 26  THR B N   1 
ATOM   670 C CA  . THR B 1 26 ? -5.147  -2.041  8.482   1.00 37.31  ? 26  THR B CA  1 
ATOM   671 C C   . THR B 1 26 ? -6.007  -0.808  8.235   1.00 31.07  ? 26  THR B C   1 
ATOM   672 O O   . THR B 1 26 ? -5.481  0.284   7.993   1.00 29.70  ? 26  THR B O   1 
ATOM   673 C CB  . THR B 1 26 ? -5.029  -2.244  10.014  1.00 39.65  ? 26  THR B CB  1 
ATOM   674 O OG1 . THR B 1 26 ? -4.278  -1.156  10.579  1.00 32.85  ? 26  THR B OG1 1 
ATOM   675 C CG2 . THR B 1 26 ? -4.323  -3.567  10.332  1.00 26.33  ? 26  THR B CG2 1 
ATOM   676 N N   . LEU B 1 27 ? -7.323  -0.964  8.283   1.00 26.34  ? 27  LEU B N   1 
ATOM   677 C CA  . LEU B 1 27 ? -8.201  0.205   8.407   1.00 37.00  ? 27  LEU B CA  1 
ATOM   678 C C   . LEU B 1 27 ? -8.063  0.763   9.812   1.00 40.31  ? 27  LEU B C   1 
ATOM   679 O O   . LEU B 1 27 ? -8.093  0.002   10.780  1.00 36.30  ? 27  LEU B O   1 
ATOM   680 C CB  . LEU B 1 27 ? -9.657  -0.173  8.181   1.00 26.87  ? 27  LEU B CB  1 
ATOM   681 C CG  . LEU B 1 27 ? -10.042 -0.657  6.784   1.00 35.98  ? 27  LEU B CG  1 
ATOM   682 C CD1 . LEU B 1 27 ? -11.546 -0.885  6.737   1.00 27.51  ? 27  LEU B CD1 1 
ATOM   683 C CD2 . LEU B 1 27 ? -9.612  0.348   5.725   1.00 24.99  ? 27  LEU B CD2 1 
ATOM   684 N N   . MET B 1 28 ? -7.907  2.078   9.928   1.00 41.15  ? 28  MET B N   1 
ATOM   685 C CA  . MET B 1 28 ? -7.707  2.711   11.235  1.00 40.10  ? 28  MET B CA  1 
ATOM   686 C C   . MET B 1 28 ? -8.787  2.306   12.244  1.00 42.81  ? 28  MET B C   1 
ATOM   687 O O   . MET B 1 28 ? -8.509  2.116   13.427  1.00 42.45  ? 28  MET B O   1 
ATOM   688 C CB  . MET B 1 28 ? -7.612  4.237   11.096  1.00 39.61  ? 28  MET B CB  1 
ATOM   689 C CG  . MET B 1 28 ? -6.261  4.709   10.568  1.00 52.21  ? 28  MET B CG  1 
ATOM   690 S SD  . MET B 1 28 ? -5.936  6.464   10.799  1.00 101.23 ? 28  MET B SD  1 
ATOM   691 C CE  . MET B 1 28 ? -4.183  6.554   10.408  1.00 45.54  ? 28  MET B CE  1 
ATOM   692 N N   . LYS B 1 29 ? -10.009 2.125   11.760  1.00 33.96  ? 29  LYS B N   1 
ATOM   693 C CA  . LYS B 1 29 ? -11.119 1.752   12.628  1.00 59.92  ? 29  LYS B CA  1 
ATOM   694 C C   . LYS B 1 29 ? -11.178 0.252   12.971  1.00 61.95  ? 29  LYS B C   1 
ATOM   695 O O   . LYS B 1 29 ? -11.868 -0.147  13.914  1.00 68.42  ? 29  LYS B O   1 
ATOM   696 C CB  . LYS B 1 29 ? -12.446 2.242   12.029  1.00 69.78  ? 29  LYS B CB  1 
ATOM   697 C CG  . LYS B 1 29 ? -12.629 3.761   12.137  1.00 75.56  ? 29  LYS B CG  1 
ATOM   698 C CD  . LYS B 1 29 ? -13.900 4.253   11.443  1.00 85.82  ? 29  LYS B CD  1 
ATOM   699 C CE  . LYS B 1 29 ? -14.162 5.727   11.752  1.00 91.49  ? 29  LYS B CE  1 
ATOM   700 N NZ  . LYS B 1 29 ? -15.259 6.300   10.917  1.00 92.52  ? 29  LYS B NZ  1 
ATOM   701 N N   . MET B 1 30 ? -10.444 -0.569  12.219  1.00 54.77  ? 30  MET B N   1 
ATOM   702 C CA  . MET B 1 30 ? -10.434 -2.019  12.431  1.00 39.85  ? 30  MET B CA  1 
ATOM   703 C C   . MET B 1 30 ? -9.012  -2.561  12.494  1.00 36.15  ? 30  MET B C   1 
ATOM   704 O O   . MET B 1 30 ? -8.550  -3.192  11.541  1.00 35.16  ? 30  MET B O   1 
ATOM   705 C CB  . MET B 1 30 ? -11.155 -2.720  11.280  1.00 49.71  ? 30  MET B CB  1 
ATOM   706 C CG  . MET B 1 30 ? -12.535 -2.165  10.946  1.00 40.48  ? 30  MET B CG  1 
ATOM   707 S SD  . MET B 1 30 ? -13.782 -2.930  11.990  1.00 217.11 ? 30  MET B SD  1 
ATOM   708 C CE  . MET B 1 30 ? -13.418 -4.653  11.675  1.00 129.03 ? 30  MET B CE  1 
ATOM   709 N N   . PRO B 1 31 ? -8.308  -2.325  13.614  1.00 36.95  ? 31  PRO B N   1 
ATOM   710 C CA  . PRO B 1 31 ? -6.898  -2.732  13.724  1.00 39.89  ? 31  PRO B CA  1 
ATOM   711 C C   . PRO B 1 31 ? -6.673  -4.248  13.685  1.00 41.51  ? 31  PRO B C   1 
ATOM   712 O O   . PRO B 1 31 ? -5.545  -4.684  13.431  1.00 53.11  ? 31  PRO B O   1 
ATOM   713 C CB  . PRO B 1 31 ? -6.463  -2.158  15.086  1.00 34.21  ? 31  PRO B CB  1 
ATOM   714 C CG  . PRO B 1 31 ? -7.742  -1.978  15.854  1.00 36.18  ? 31  PRO B CG  1 
ATOM   715 C CD  . PRO B 1 31 ? -8.789  -1.631  14.823  1.00 40.59  ? 31  PRO B CD  1 
ATOM   716 N N   . LYS B 1 32 ? -7.724  -5.029  13.919  1.00 41.97  ? 32  LYS B N   1 
ATOM   717 C CA  . LYS B 1 32 ? -7.614  -6.489  14.018  1.00 39.36  ? 32  LYS B CA  1 
ATOM   718 C C   . LYS B 1 32 ? -7.554  -7.208  12.670  1.00 48.25  ? 32  LYS B C   1 
ATOM   719 O O   . LYS B 1 32 ? -7.220  -8.395  12.618  1.00 44.27  ? 32  LYS B O   1 
ATOM   720 C CB  . LYS B 1 32 ? -8.783  -7.062  14.828  1.00 37.77  ? 32  LYS B CB  1 
ATOM   721 C CG  . LYS B 1 32 ? -8.771  -6.698  16.306  1.00 58.55  ? 32  LYS B CG  1 
ATOM   722 C CD  . LYS B 1 32 ? -7.738  -7.510  17.070  1.00 58.40  ? 32  LYS B CD  1 
ATOM   723 C CE  . LYS B 1 32 ? -7.676  -7.090  18.534  1.00 67.42  ? 32  LYS B CE  1 
ATOM   724 N NZ  . LYS B 1 32 ? -6.396  -6.388  18.856  1.00 72.08  ? 32  LYS B NZ  1 
ATOM   725 N N   . ILE B 1 33 ? -7.890  -6.495  11.594  1.00 43.46  ? 33  ILE B N   1 
ATOM   726 C CA  . ILE B 1 33 ? -7.955  -7.083  10.252  1.00 31.18  ? 33  ILE B CA  1 
ATOM   727 C C   . ILE B 1 33 ? -6.917  -6.523  9.291   1.00 29.22  ? 33  ILE B C   1 
ATOM   728 O O   . ILE B 1 33 ? -7.023  -5.372  8.861   1.00 42.85  ? 33  ILE B O   1 
ATOM   729 C CB  . ILE B 1 33 ? -9.338  -6.871  9.611   1.00 32.35  ? 33  ILE B CB  1 
ATOM   730 C CG1 . ILE B 1 33 ? -10.430 -7.477  10.495  1.00 36.56  ? 33  ILE B CG1 1 
ATOM   731 C CG2 . ILE B 1 33 ? -9.387  -7.473  8.205   1.00 28.49  ? 33  ILE B CG2 1 
ATOM   732 C CD1 . ILE B 1 33 ? -11.778 -7.475  9.847   1.00 30.64  ? 33  ILE B CD1 1 
ATOM   733 N N   . PRO B 1 34 ? -5.918  -7.344  8.934   1.00 28.14  ? 34  PRO B N   1 
ATOM   734 C CA  . PRO B 1 34 ? -4.930  -6.927  7.931   1.00 25.72  ? 34  PRO B CA  1 
ATOM   735 C C   . PRO B 1 34 ? -5.620  -6.879  6.580   1.00 31.99  ? 34  PRO B C   1 
ATOM   736 O O   . PRO B 1 34 ? -6.361  -7.808  6.254   1.00 34.34  ? 34  PRO B O   1 
ATOM   737 C CB  . PRO B 1 34 ? -3.886  -8.063  7.951   1.00 22.26  ? 34  PRO B CB  1 
ATOM   738 C CG  . PRO B 1 34 ? -4.273  -8.968  9.105   1.00 32.74  ? 34  PRO B CG  1 
ATOM   739 C CD  . PRO B 1 34 ? -5.737  -8.748  9.335   1.00 25.11  ? 34  PRO B CD  1 
ATOM   740 N N   . ILE B 1 35 ? -5.431  -5.810  5.819   1.00 28.08  ? 35  ILE B N   1 
ATOM   741 C CA  . ILE B 1 35 ? -6.064  -5.737  4.509   1.00 26.48  ? 35  ILE B CA  1 
ATOM   742 C C   . ILE B 1 35 ? -5.032  -5.971  3.402   1.00 31.91  ? 35  ILE B C   1 
ATOM   743 O O   . ILE B 1 35 ? -5.368  -6.291  2.264   1.00 37.07  ? 35  ILE B O   1 
ATOM   744 C CB  . ILE B 1 35 ? -6.821  -4.402  4.313   1.00 42.43  ? 35  ILE B CB  1 
ATOM   745 C CG1 . ILE B 1 35 ? -5.858  -3.219  4.360   1.00 18.48  ? 35  ILE B CG1 1 
ATOM   746 C CG2 . ILE B 1 35 ? -7.932  -4.238  5.368   1.00 27.65  ? 35  ILE B CG2 1 
ATOM   747 C CD1 . ILE B 1 35 ? -6.505  -1.902  4.105   1.00 22.18  ? 35  ILE B CD1 1 
ATOM   748 N N   . LYS B 1 36 ? -3.765  -5.823  3.757   1.00 41.12  ? 36  LYS B N   1 
ATOM   749 C CA  . LYS B 1 36 ? -2.677  -5.997  2.806   1.00 44.91  ? 36  LYS B CA  1 
ATOM   750 C C   . LYS B 1 36 ? -1.375  -6.153  3.595   1.00 24.29  ? 36  LYS B C   1 
ATOM   751 O O   . LYS B 1 36 ? -1.106  -5.388  4.515   1.00 38.05  ? 36  LYS B O   1 
ATOM   752 C CB  . LYS B 1 36 ? -2.616  -4.806  1.836   1.00 33.91  ? 36  LYS B CB  1 
ATOM   753 C CG  . LYS B 1 36 ? -1.550  -4.910  0.743   1.00 43.25  ? 36  LYS B CG  1 
ATOM   754 C CD  . LYS B 1 36 ? -1.681  -3.784  -0.271  1.00 32.78  ? 36  LYS B CD  1 
ATOM   755 C CE  . LYS B 1 36 ? -0.392  -3.578  -1.057  1.00 35.64  ? 36  LYS B CE  1 
ATOM   756 N NZ  . LYS B 1 36 ? 0.037   -4.802  -1.796  1.00 30.15  ? 36  LYS B NZ  1 
ATOM   757 N N   . ARG B 1 37 ? -0.592  -7.166  3.244   1.00 29.04  ? 37  ARG B N   1 
ATOM   758 C CA  . ARG B 1 37 ? 0.666   -7.463  3.925   1.00 44.80  ? 37  ARG B CA  1 
ATOM   759 C C   . ARG B 1 37 ? 1.709   -7.953  2.938   1.00 34.33  ? 37  ARG B C   1 
ATOM   760 O O   . ARG B 1 37 ? 1.373   -8.517  1.904   1.00 47.38  ? 37  ARG B O   1 
ATOM   761 C CB  . ARG B 1 37 ? 0.467   -8.535  4.996   1.00 33.09  ? 37  ARG B CB  1 
ATOM   762 C CG  . ARG B 1 37 ? -0.314  -8.075  6.184   1.00 39.22  ? 37  ARG B CG  1 
ATOM   763 C CD  . ARG B 1 37 ? -0.102  -9.021  7.336   1.00 36.08  ? 37  ARG B CD  1 
ATOM   764 N NE  . ARG B 1 37 ? -0.758  -10.301 7.129   1.00 31.76  ? 37  ARG B NE  1 
ATOM   765 C CZ  . ARG B 1 37 ? -0.996  -11.167 8.108   1.00 36.25  ? 37  ARG B CZ  1 
ATOM   766 N NH1 . ARG B 1 37 ? -0.623  -10.880 9.351   1.00 37.35  ? 37  ARG B NH1 1 
ATOM   767 N NH2 . ARG B 1 37 ? -1.599  -12.319 7.849   1.00 31.73  ? 37  ARG B NH2 1 
ATOM   768 N N   . GLY B 1 38 ? 2.975   -7.763  3.279   1.00 32.05  ? 38  GLY B N   1 
ATOM   769 C CA  . GLY B 1 38 ? 4.058   -8.206  2.432   1.00 33.67  ? 38  GLY B CA  1 
ATOM   770 C C   . GLY B 1 38 ? 5.376   -7.557  2.793   1.00 42.00  ? 38  GLY B C   1 
ATOM   771 O O   . GLY B 1 38 ? 5.573   -7.098  3.920   1.00 35.48  ? 38  GLY B O   1 
ATOM   772 N N   . CYS B 1 39 ? 6.279   -7.522  1.822   1.00 41.27  ? 39  CYS B N   1 
ATOM   773 C CA  . CYS B 1 39 ? 7.597   -6.950  2.010   1.00 32.22  ? 39  CYS B CA  1 
ATOM   774 C C   . CYS B 1 39 ? 7.626   -5.573  1.398   1.00 28.87  ? 39  CYS B C   1 
ATOM   775 O O   . CYS B 1 39 ? 6.858   -5.279  0.488   1.00 34.28  ? 39  CYS B O   1 
ATOM   776 C CB  . CYS B 1 39 ? 8.653   -7.809  1.318   1.00 26.35  ? 39  CYS B CB  1 
ATOM   777 S SG  . CYS B 1 39 ? 8.727   -9.507  1.875   1.00 41.68  ? 39  CYS B SG  1 
ATOM   778 N N   . THR B 1 40 ? 8.532   -4.735  1.892   1.00 38.62  ? 40  THR B N   1 
ATOM   779 C CA  . THR B 1 40 ? 8.713   -3.390  1.364   1.00 34.26  ? 40  THR B CA  1 
ATOM   780 C C   . THR B 1 40 ? 10.135  -2.922  1.669   1.00 49.05  ? 40  THR B C   1 
ATOM   781 O O   . THR B 1 40 ? 10.792  -3.459  2.578   1.00 35.32  ? 40  THR B O   1 
ATOM   782 C CB  . THR B 1 40 ? 7.693   -2.414  1.978   1.00 37.31  ? 40  THR B CB  1 
ATOM   783 O OG1 . THR B 1 40 ? 7.761   -1.151  1.304   1.00 37.42  ? 40  THR B OG1 1 
ATOM   784 C CG2 . THR B 1 40 ? 7.959   -2.227  3.481   1.00 34.70  ? 40  THR B CG2 1 
ATOM   785 N N   . ASP B 1 41 ? 10.619  -1.940  0.910   1.00 43.03  ? 41  ASP B N   1 
ATOM   786 C CA  . ASP B 1 41 ? 11.929  -1.360  1.211   1.00 42.89  ? 41  ASP B CA  1 
ATOM   787 C C   . ASP B 1 41 ? 11.819  -0.137  2.122   1.00 41.54  ? 41  ASP B C   1 
ATOM   788 O O   . ASP B 1 41 ? 12.447  -0.078  3.181   1.00 47.34  ? 41  ASP B O   1 
ATOM   789 C CB  . ASP B 1 41 ? 12.764  -1.081  -0.054  1.00 36.98  ? 41  ASP B CB  1 
ATOM   790 C CG  . ASP B 1 41 ? 12.176  -0.009  -0.948  1.00 80.83  ? 41  ASP B CG  1 
ATOM   791 O OD1 . ASP B 1 41 ? 12.972  0.828   -1.424  1.00 101.38 ? 41  ASP B OD1 1 
ATOM   792 O OD2 . ASP B 1 41 ? 10.944  -0.007  -1.207  1.00 77.77  ? 41  ASP B OD2 1 
ATOM   793 N N   . ALA B 1 42 ? 11.004  0.829   1.728   1.00 35.31  ? 42  ALA B N   1 
ATOM   794 C CA  . ALA B 1 42 ? 10.702  1.954   2.605   1.00 44.38  ? 42  ALA B CA  1 
ATOM   795 C C   . ALA B 1 42 ? 9.266   1.802   3.115   1.00 43.68  ? 42  ALA B C   1 
ATOM   796 O O   . ALA B 1 42 ? 8.383   1.386   2.366   1.00 26.34  ? 42  ALA B O   1 
ATOM   797 C CB  . ALA B 1 42 ? 10.901  3.273   1.868   1.00 23.86  ? 42  ALA B CB  1 
ATOM   798 N N   . CYS B 1 43 ? 9.046   2.103   4.392   1.00 47.72  ? 43  CYS B N   1 
ATOM   799 C CA  . CYS B 1 43 ? 7.719   1.952   4.988   1.00 43.35  ? 43  CYS B CA  1 
ATOM   800 C C   . CYS B 1 43 ? 6.703   2.892   4.355   1.00 43.38  ? 43  CYS B C   1 
ATOM   801 O O   . CYS B 1 43 ? 6.893   4.118   4.357   1.00 41.61  ? 43  CYS B O   1 
ATOM   802 C CB  . CYS B 1 43 ? 7.753   2.211   6.498   1.00 27.06  ? 43  CYS B CB  1 
ATOM   803 S SG  . CYS B 1 43 ? 6.252   1.671   7.347   1.00 30.45  ? 43  CYS B SG  1 
ATOM   804 N N   . PRO B 1 44 ? 5.614   2.323   3.818   1.00 46.27  ? 44  PRO B N   1 
ATOM   805 C CA  . PRO B 1 44 ? 4.544   3.133   3.216   1.00 44.41  ? 44  PRO B CA  1 
ATOM   806 C C   . PRO B 1 44 ? 3.904   4.087   4.230   1.00 39.71  ? 44  PRO B C   1 
ATOM   807 O O   . PRO B 1 44 ? 3.815   3.789   5.425   1.00 52.63  ? 44  PRO B O   1 
ATOM   808 C CB  . PRO B 1 44 ? 3.528   2.082   2.749   1.00 37.49  ? 44  PRO B CB  1 
ATOM   809 C CG  . PRO B 1 44 ? 4.330   0.817   2.603   1.00 37.15  ? 44  PRO B CG  1 
ATOM   810 C CD  . PRO B 1 44 ? 5.364   0.878   3.688   1.00 30.25  ? 44  PRO B CD  1 
ATOM   811 N N   . LYS B 1 45 ? 3.464   5.236   3.738   1.00 37.61  ? 45  LYS B N   1 
ATOM   812 C CA  . LYS B 1 45 ? 2.835   6.247   4.565   1.00 44.38  ? 45  LYS B CA  1 
ATOM   813 C C   . LYS B 1 45 ? 1.419   5.857   4.947   1.00 35.76  ? 45  LYS B C   1 
ATOM   814 O O   . LYS B 1 45 ? 0.678   5.266   4.149   1.00 29.01  ? 45  LYS B O   1 
ATOM   815 C CB  . LYS B 1 45 ? 2.748   7.600   3.838   1.00 60.45  ? 45  LYS B CB  1 
ATOM   816 C CG  . LYS B 1 45 ? 3.627   7.846   2.620   1.00 78.92  ? 45  LYS B CG  1 
ATOM   817 C CD  . LYS B 1 45 ? 3.266   7.354   1.210   1.00 87.11  ? 45  LYS B CD  1 
ATOM   818 C CE  . LYS B 1 45 ? 3.383   5.867   0.870   1.00 50.55  ? 45  LYS B CE  1 
ATOM   819 N NZ  . LYS B 1 45 ? 2.842   5.651   -0.504  1.00 42.78  ? 45  LYS B NZ  1 
ATOM   820 N N   . SER B 1 46 ? 1.020   6.224   6.155   1.00 31.26  ? 46  SER B N   1 
ATOM   821 C CA  . SER B 1 46 ? -0.386  6.094   6.530   1.00 35.39  ? 46  SER B CA  1 
ATOM   822 C C   . SER B 1 46 ? -1.275  7.091   5.785   1.00 35.34  ? 46  SER B C   1 
ATOM   823 O O   . SER B 1 46 ? -0.793  8.068   5.213   1.00 50.43  ? 46  SER B O   1 
ATOM   824 C CB  . SER B 1 46 ? -0.537  6.284   8.031   1.00 25.69  ? 46  SER B CB  1 
ATOM   825 O OG  . SER B 1 46 ? 0.023   5.168   8.712   1.00 49.65  ? 46  SER B OG  1 
ATOM   826 N N   . SER B 1 47 ? -2.575  6.830   5.780   1.00 27.37  ? 47  SER B N   1 
ATOM   827 C CA  . SER B 1 47 ? -3.548  7.804   5.289   1.00 27.00  ? 47  SER B CA  1 
ATOM   828 C C   . SER B 1 47 ? -4.601  8.046   6.372   1.00 34.37  ? 47  SER B C   1 
ATOM   829 O O   . SER B 1 47 ? -4.513  7.487   7.473   1.00 36.96  ? 47  SER B O   1 
ATOM   830 C CB  . SER B 1 47 ? -4.210  7.315   3.992   1.00 26.17  ? 47  SER B CB  1 
ATOM   831 O OG  . SER B 1 47 ? -5.192  6.312   4.252   1.00 37.63  ? 47  SER B OG  1 
ATOM   832 N N   . LEU B 1 48 ? -5.584  8.883   6.063   1.00 19.21  ? 48  LEU B N   1 
ATOM   833 C CA  . LEU B 1 48 ? -6.703  9.118   6.969   1.00 38.49  ? 48  LEU B CA  1 
ATOM   834 C C   . LEU B 1 48 ? -7.521  7.862   7.276   1.00 29.34  ? 48  LEU B C   1 
ATOM   835 O O   . LEU B 1 48 ? -8.184  7.797   8.303   1.00 43.50  ? 48  LEU B O   1 
ATOM   836 C CB  . LEU B 1 48 ? -7.650  10.171  6.389   1.00 39.57  ? 48  LEU B CB  1 
ATOM   837 C CG  . LEU B 1 48 ? -7.304  11.650  6.551   1.00 56.16  ? 48  LEU B CG  1 
ATOM   838 C CD1 . LEU B 1 48 ? -8.492  12.378  7.147   1.00 69.96  ? 48  LEU B CD1 1 
ATOM   839 C CD2 . LEU B 1 48 ? -6.069  11.840  7.419   1.00 73.90  ? 48  LEU B CD2 1 
ATOM   840 N N   . LEU B 1 49 ? -7.484  6.881   6.376   1.00 26.85  ? 49  LEU B N   1 
ATOM   841 C CA  . LEU B 1 49 ? -8.297  5.669   6.515   1.00 35.13  ? 49  LEU B CA  1 
ATOM   842 C C   . LEU B 1 49 ? -7.485  4.417   6.802   1.00 33.49  ? 49  LEU B C   1 
ATOM   843 O O   . LEU B 1 49 ? -8.022  3.426   7.298   1.00 35.20  ? 49  LEU B O   1 
ATOM   844 C CB  . LEU B 1 49 ? -9.124  5.437   5.247   1.00 24.12  ? 49  LEU B CB  1 
ATOM   845 C CG  . LEU B 1 49 ? -10.279 6.409   5.006   1.00 29.12  ? 49  LEU B CG  1 
ATOM   846 C CD1 . LEU B 1 49 ? -10.932 6.132   3.673   1.00 31.89  ? 49  LEU B CD1 1 
ATOM   847 C CD2 . LEU B 1 49 ? -11.300 6.295   6.122   1.00 23.18  ? 49  LEU B CD2 1 
ATOM   848 N N   . VAL B 1 50 ? -6.197  4.460   6.480   1.00 37.11  ? 50  VAL B N   1 
ATOM   849 C CA  . VAL B 1 50 ? -5.335  3.281   6.580   1.00 23.74  ? 50  VAL B CA  1 
ATOM   850 C C   . VAL B 1 50 ? -4.124  3.510   7.486   1.00 33.57  ? 50  VAL B C   1 
ATOM   851 O O   . VAL B 1 50 ? -3.402  4.510   7.371   1.00 45.68  ? 50  VAL B O   1 
ATOM   852 C CB  . VAL B 1 50 ? -4.879  2.827   5.171   1.00 35.76  ? 50  VAL B CB  1 
ATOM   853 C CG1 . VAL B 1 50 ? -3.794  1.769   5.249   1.00 37.18  ? 50  VAL B CG1 1 
ATOM   854 C CG2 . VAL B 1 50 ? -6.087  2.318   4.378   1.00 28.95  ? 50  VAL B CG2 1 
ATOM   855 N N   . LYS B 1 51 ? -3.924  2.580   8.410   1.00 28.20  ? 51  LYS B N   1 
ATOM   856 C CA  . LYS B 1 51 ? -2.718  2.549   9.225   1.00 27.54  ? 51  LYS B CA  1 
ATOM   857 C C   . LYS B 1 51 ? -1.719  1.553   8.627   1.00 27.97  ? 51  LYS B C   1 
ATOM   858 O O   . LYS B 1 51 ? -2.115  0.474   8.162   1.00 31.28  ? 51  LYS B O   1 
ATOM   859 C CB  . LYS B 1 51 ? -3.068  2.173   10.670  1.00 26.22  ? 51  LYS B CB  1 
ATOM   860 C CG  . LYS B 1 51 ? -1.866  1.905   11.561  1.00 54.91  ? 51  LYS B CG  1 
ATOM   861 C CD  . LYS B 1 51 ? -0.972  3.134   11.659  1.00 78.81  ? 51  LYS B CD  1 
ATOM   862 C CE  . LYS B 1 51 ? -1.745  4.345   12.169  1.00 91.71  ? 51  LYS B CE  1 
ATOM   863 N NZ  . LYS B 1 51 ? -0.906  5.571   12.157  1.00 91.52  ? 51  LYS B NZ  1 
ATOM   864 N N   . VAL B 1 52 ? -0.432  1.922   8.621   1.00 41.42  ? 52  VAL B N   1 
ATOM   865 C CA  . VAL B 1 52 ? 0.639   1.025   8.161   1.00 35.60  ? 52  VAL B CA  1 
ATOM   866 C C   . VAL B 1 52 ? 1.700   0.751   9.248   1.00 43.09  ? 52  VAL B C   1 
ATOM   867 O O   . VAL B 1 52 ? 2.427   1.670   9.646   1.00 48.02  ? 52  VAL B O   1 
ATOM   868 C CB  . VAL B 1 52 ? 1.357   1.581   6.914   1.00 28.23  ? 52  VAL B CB  1 
ATOM   869 C CG1 . VAL B 1 52 ? 2.229   0.503   6.281   1.00 28.03  ? 52  VAL B CG1 1 
ATOM   870 C CG2 . VAL B 1 52 ? 0.358   2.128   5.907   1.00 17.62  ? 52  VAL B CG2 1 
ATOM   871 N N   . VAL B 1 53 ? 1.773   -0.498  9.728   1.00 47.96  ? 53  VAL B N   1 
ATOM   872 C CA  . VAL B 1 53 ? 2.872   -0.961  10.599  1.00 32.61  ? 53  VAL B CA  1 
ATOM   873 C C   . VAL B 1 53 ? 4.046   -1.431  9.745   1.00 34.00  ? 53  VAL B C   1 
ATOM   874 O O   . VAL B 1 53 ? 3.859   -2.071  8.707   1.00 44.02  ? 53  VAL B O   1 
ATOM   875 C CB  . VAL B 1 53 ? 2.443   -2.122  11.585  1.00 85.12  ? 53  VAL B CB  1 
ATOM   876 C CG1 . VAL B 1 53 ? 3.163   -3.507  11.288  1.00 25.10  ? 53  VAL B CG1 1 
ATOM   877 C CG2 . VAL B 1 53 ? 2.685   -1.704  13.018  1.00 85.78  ? 53  VAL B CG2 1 
ATOM   878 N N   . CYS B 1 54 ? 5.254   -1.106  10.174  1.00 36.68  ? 54  CYS B N   1 
ATOM   879 C CA  . CYS B 1 54 ? 6.439   -1.700  9.572   1.00 32.77  ? 54  CYS B CA  1 
ATOM   880 C C   . CYS B 1 54 ? 7.343   -2.244  10.665  1.00 32.61  ? 54  CYS B C   1 
ATOM   881 O O   . CYS B 1 54 ? 7.479   -1.641  11.733  1.00 41.41  ? 54  CYS B O   1 
ATOM   882 C CB  . CYS B 1 54 ? 7.182   -0.691  8.689   1.00 34.88  ? 54  CYS B CB  1 
ATOM   883 S SG  . CYS B 1 54 ? 6.353   -0.355  7.098   1.00 35.72  ? 54  CYS B SG  1 
ATOM   884 N N   . CYS B 1 55 ? 7.954   -3.393  10.398  1.00 31.10  ? 55  CYS B N   1 
ATOM   885 C CA  . CYS B 1 55 ? 8.819   -4.046  11.370  1.00 29.03  ? 55  CYS B CA  1 
ATOM   886 C C   . CYS B 1 55 ? 9.863   -4.859  10.597  1.00 36.84  ? 55  CYS B C   1 
ATOM   887 O O   . CYS B 1 55 ? 9.684   -5.128  9.400   1.00 27.52  ? 55  CYS B O   1 
ATOM   888 C CB  . CYS B 1 55 ? 7.985   -4.941  12.278  1.00 22.49  ? 55  CYS B CB  1 
ATOM   889 S SG  . CYS B 1 55 ? 6.965   -6.111  11.348  1.00 32.55  ? 55  CYS B SG  1 
ATOM   890 N N   . ASN B 1 56 ? 10.955  -5.238  11.258  1.00 42.59  ? 56  ASN B N   1 
ATOM   891 C CA  . ASN B 1 56 ? 12.075  -5.844  10.535  1.00 41.38  ? 56  ASN B CA  1 
ATOM   892 C C   . ASN B 1 56 ? 12.614  -7.166  11.074  1.00 42.90  ? 56  ASN B C   1 
ATOM   893 O O   . ASN B 1 56 ? 13.757  -7.528  10.795  1.00 45.08  ? 56  ASN B O   1 
ATOM   894 C CB  . ASN B 1 56 ? 13.222  -4.839  10.356  1.00 48.83  ? 56  ASN B CB  1 
ATOM   895 C CG  . ASN B 1 56 ? 13.709  -4.263  11.673  1.00 69.44  ? 56  ASN B CG  1 
ATOM   896 O OD1 . ASN B 1 56 ? 13.223  -4.634  12.746  1.00 84.25  ? 56  ASN B OD1 1 
ATOM   897 N ND2 . ASN B 1 56 ? 14.677  -3.350  11.600  1.00 54.30  ? 56  ASN B ND2 1 
ATOM   898 N N   . LYS B 1 57 ? 11.803  -7.884  11.843  1.00 40.72  ? 57  LYS B N   1 
ATOM   899 C CA  . LYS B 1 57 ? 12.146  -9.261  12.191  1.00 51.14  ? 57  LYS B CA  1 
ATOM   900 C C   . LYS B 1 57 ? 11.245  -10.230 11.424  1.00 46.04  ? 57  LYS B C   1 
ATOM   901 O O   . LYS B 1 57 ? 10.203  -9.837  10.899  1.00 36.44  ? 57  LYS B O   1 
ATOM   902 C CB  . LYS B 1 57 ? 12.102  -9.516  13.711  1.00 46.19  ? 57  LYS B CB  1 
ATOM   903 C CG  . LYS B 1 57 ? 10.848  -9.040  14.415  1.00 64.53  ? 57  LYS B CG  1 
ATOM   904 C CD  . LYS B 1 57 ? 11.079  -7.683  15.068  1.00 73.37  ? 57  LYS B CD  1 
ATOM   905 C CE  . LYS B 1 57 ? 9.825   -6.817  15.071  1.00 62.62  ? 57  LYS B CE  1 
ATOM   906 N NZ  . LYS B 1 57 ? 10.178  -5.365  14.916  1.00 63.61  ? 57  LYS B NZ  1 
ATOM   907 N N   . ASP B 1 58 ? 11.667  -11.487 11.334  1.00 32.23  ? 58  ASP B N   1 
ATOM   908 C CA  . ASP B 1 58 ? 10.921  -12.492 10.569  1.00 43.23  ? 58  ASP B CA  1 
ATOM   909 C C   . ASP B 1 58 ? 9.448   -12.611 10.962  1.00 39.99  ? 58  ASP B C   1 
ATOM   910 O O   . ASP B 1 58 ? 9.115   -12.807 12.136  1.00 25.31  ? 58  ASP B O   1 
ATOM   911 C CB  . ASP B 1 58 ? 11.599  -13.863 10.681  1.00 47.82  ? 58  ASP B CB  1 
ATOM   912 C CG  . ASP B 1 58 ? 12.535  -14.154 9.521   1.00 51.38  ? 58  ASP B CG  1 
ATOM   913 O OD1 . ASP B 1 58 ? 12.914  -13.207 8.791   1.00 47.31  ? 58  ASP B OD1 1 
ATOM   914 O OD2 . ASP B 1 58 ? 12.895  -15.335 9.343   1.00 67.10  ? 58  ASP B OD2 1 
ATOM   915 N N   . LYS B 1 59 ? 8.576   -12.488 9.965   1.00 33.36  ? 59  LYS B N   1 
ATOM   916 C CA  . LYS B 1 59 ? 7.141   -12.705 10.146  1.00 40.93  ? 59  LYS B CA  1 
ATOM   917 C C   . LYS B 1 59 ? 6.546   -11.838 11.253  1.00 47.45  ? 59  LYS B C   1 
ATOM   918 O O   . LYS B 1 59 ? 5.599   -12.250 11.943  1.00 39.44  ? 59  LYS B O   1 
ATOM   919 C CB  . LYS B 1 59 ? 6.846   -14.180 10.449  1.00 47.02  ? 59  LYS B CB  1 
ATOM   920 C CG  . LYS B 1 59 ? 7.139   -15.156 9.312   1.00 54.33  ? 59  LYS B CG  1 
ATOM   921 C CD  . LYS B 1 59 ? 6.530   -16.519 9.624   1.00 55.75  ? 59  LYS B CD  1 
ATOM   922 C CE  . LYS B 1 59 ? 6.977   -17.585 8.648   1.00 60.43  ? 59  LYS B CE  1 
ATOM   923 N NZ  . LYS B 1 59 ? 6.376   -18.895 9.019   1.00 68.69  ? 59  LYS B NZ  1 
ATOM   924 N N   . CYS B 1 60 ? 7.102   -10.640 11.408  1.00 32.59  ? 60  CYS B N   1 
ATOM   925 C CA  . CYS B 1 60 ? 6.739   -9.757  12.501  1.00 37.12  ? 60  CYS B CA  1 
ATOM   926 C C   . CYS B 1 60 ? 5.474   -8.976  12.209  1.00 28.86  ? 60  CYS B C   1 
ATOM   927 O O   . CYS B 1 60 ? 4.951   -8.289  13.081  1.00 36.38  ? 60  CYS B O   1 
ATOM   928 C CB  . CYS B 1 60 ? 7.867   -8.772  12.753  1.00 26.48  ? 60  CYS B CB  1 
ATOM   929 S SG  . CYS B 1 60 ? 8.199   -7.712  11.358  1.00 34.40  ? 60  CYS B SG  1 
ATOM   930 N N   . ASN B 1 61 ? 5.010   -9.051  10.968  1.00 34.85  ? 61  ASN B N   1 
ATOM   931 C CA  . ASN B 1 61 ? 3.820   -8.309  10.555  1.00 40.98  ? 61  ASN B CA  1 
ATOM   932 C C   . ASN B 1 61 ? 2.572   -9.184  10.587  1.00 38.08  ? 61  ASN B C   1 
ATOM   933 O O   . ASN B 1 61 ? 2.560   -10.189 11.297  1.00 38.33  ? 61  ASN B O   1 
ATOM   934 C CB  . ASN B 1 61 ? 4.015   -7.682  9.168   1.00 36.22  ? 61  ASN B CB  1 
ATOM   935 C CG  . ASN B 1 61 ? 4.071   -8.714  8.058   1.00 35.41  ? 61  ASN B CG  1 
ATOM   936 O OD1 . ASN B 1 61 ? 4.419   -9.874  8.280   1.00 39.72  ? 61  ASN B OD1 1 
ATOM   937 N ND2 . ASN B 1 61 ? 3.730   -8.290  6.853   1.00 22.34  ? 61  ASN B ND2 1 
ATOM   938 O OXT . ASN B 1 61 ? 1.566   -8.911  9.923   1.00 27.54  ? 61  ASN B OXT 1 
HETATM 939 O O   . HOH C 2 .  ? -5.733  13.543  -2.949  1.00 22.77  ? 101 HOH A O   1 
HETATM 940 O O   . HOH C 2 .  ? -12.946 1.123   -0.461  1.00 25.28  ? 102 HOH A O   1 
HETATM 941 O O   . HOH C 2 .  ? -12.412 11.563  -2.438  1.00 26.84  ? 103 HOH A O   1 
HETATM 942 O O   . HOH C 2 .  ? -8.470  0.400   -6.524  1.00 31.79  ? 104 HOH A O   1 
HETATM 943 O O   . HOH C 2 .  ? -12.377 -2.221  -5.538  1.00 26.51  ? 105 HOH A O   1 
HETATM 944 O O   . HOH C 2 .  ? 18.608  14.350  -8.161  1.00 35.69  ? 106 HOH A O   1 
HETATM 945 O O   . HOH C 2 .  ? -1.582  17.005  -0.694  1.00 38.66  ? 107 HOH A O   1 
HETATM 946 O O   . HOH C 2 .  ? -3.069  -1.376  -12.379 1.00 41.75  ? 108 HOH A O   1 
HETATM 947 O O   . HOH C 2 .  ? -3.388  8.809   0.605   1.00 35.79  ? 109 HOH A O   1 
HETATM 948 O O   . HOH C 2 .  ? -1.448  6.037   -20.356 1.00 41.95  ? 110 HOH A O   1 
HETATM 949 O O   . HOH C 2 .  ? 8.654   11.172  -11.054 1.00 35.42  ? 111 HOH A O   1 
HETATM 950 O O   . HOH C 2 .  ? -2.215  20.421  -3.600  1.00 34.84  ? 112 HOH A O   1 
HETATM 951 O O   . HOH C 2 .  ? -3.333  22.035  -5.315  1.00 38.20  ? 113 HOH A O   1 
HETATM 952 O O   . HOH C 2 .  ? 11.559  9.894   -12.583 1.00 37.88  ? 114 HOH A O   1 
HETATM 953 O O   . HOH C 2 .  ? 7.306   3.230   -4.326  1.00 35.91  ? 115 HOH A O   1 
HETATM 954 O O   . HOH C 2 .  ? 5.107   4.714   -2.876  1.00 32.16  ? 116 HOH A O   1 
HETATM 955 O O   . HOH C 2 .  ? 7.549   4.028   -12.367 1.00 35.54  ? 117 HOH A O   1 
HETATM 956 O O   . HOH C 2 .  ? -3.552  24.485  -5.904  1.00 35.21  ? 118 HOH A O   1 
HETATM 957 O O   . HOH C 2 .  ? -4.043  19.443  -6.672  1.00 34.44  ? 119 HOH A O   1 
HETATM 958 O O   . HOH C 2 .  ? -8.909  10.722  -11.551 1.00 42.34  ? 120 HOH A O   1 
HETATM 959 O O   . HOH D 2 .  ? 7.691   -8.188  -2.554  1.00 18.32  ? 101 HOH B O   1 
HETATM 960 O O   . HOH D 2 .  ? 15.419  -10.778 -4.967  1.00 29.63  ? 102 HOH B O   1 
HETATM 961 O O   . HOH D 2 .  ? 15.133  -6.709  8.016   1.00 23.82  ? 103 HOH B O   1 
HETATM 962 O O   . HOH D 2 .  ? -1.680  -1.683  10.372  1.00 26.40  ? 104 HOH B O   1 
HETATM 963 O O   . HOH D 2 .  ? 14.811  -11.287 2.104   1.00 32.14  ? 105 HOH B O   1 
HETATM 964 O O   . HOH D 2 .  ? -1.546  -8.989  1.055   1.00 25.09  ? 106 HOH B O   1 
HETATM 965 O O   . HOH D 2 .  ? -5.600  -0.051  12.646  1.00 47.22  ? 107 HOH B O   1 
HETATM 966 O O   . HOH D 2 .  ? -3.416  -3.757  13.643  1.00 56.53  ? 108 HOH B O   1 
HETATM 967 O O   . HOH D 2 .  ? 8.321   5.625   2.516   1.00 36.51  ? 109 HOH B O   1 
HETATM 968 O O   . HOH D 2 .  ? 16.833  -10.585 5.658   1.00 42.81  ? 110 HOH B O   1 
HETATM 969 O O   . HOH D 2 .  ? -8.912  -3.435  9.260   1.00 30.71  ? 111 HOH B O   1 
HETATM 970 O O   . HOH D 2 .  ? 1.896   -16.762 0.805   1.00 35.60  ? 112 HOH B O   1 
HETATM 971 O O   . HOH D 2 .  ? 16.701  -8.193  6.485   1.00 42.95  ? 113 HOH B O   1 
HETATM 972 O O   . HOH D 2 .  ? -3.883  -7.135  12.523  1.00 34.65  ? 114 HOH B O   1 
HETATM 973 O O   . HOH D 2 .  ? 15.280  -9.050  1.033   1.00 35.19  ? 115 HOH B O   1 
HETATM 974 O O   . HOH D 2 .  ? 1.503   -8.136  -0.944  1.00 43.06  ? 116 HOH B O   1 
HETATM 975 O O   . HOH D 2 .  ? 6.747   -3.188  -1.675  1.00 48.65  ? 117 HOH B O   1 
HETATM 976 O O   . HOH D 2 .  ? -5.391  -6.000  16.824  1.00 28.14  ? 118 HOH B O   1 
HETATM 977 O O   . HOH D 2 .  ? 14.459  -1.989  3.728   1.00 52.38  ? 119 HOH B O   1 
HETATM 978 O O   . HOH D 2 .  ? -1.038  -1.678  13.145  1.00 33.94  ? 120 HOH B O   1 
HETATM 979 O O   . HOH D 2 .  ? 16.063  -1.593  2.282   1.00 46.67  ? 121 HOH B O   1 
HETATM 980 O O   . HOH D 2 .  ? 6.667   -8.448  -5.195  1.00 51.67  ? 122 HOH B O   1 
HETATM 981 O O   . HOH D 2 .  ? 9.696   -18.358 1.912   1.00 41.48  ? 123 HOH B O   1 
HETATM 982 O O   . HOH D 2 .  ? -1.955  0.041   14.468  1.00 46.17  ? 124 HOH B O   1 
HETATM 983 O O   . HOH D 2 .  ? 19.105  -10.889 3.679   1.00 43.81  ? 125 HOH B O   1 
HETATM 984 O O   . HOH D 2 .  ? 14.803  -14.905 5.361   1.00 36.51  ? 126 HOH B O   1 
HETATM 985 O O   . HOH D 2 .  ? 5.659   1.370   11.905  1.00 25.94  ? 127 HOH B O   1 
HETATM 986 O O   . HOH D 2 .  ? 0.028   -5.337  14.633  1.00 52.48  ? 128 HOH B O   1 
HETATM 987 O O   . HOH D 2 .  ? 9.675   -11.691 -4.625  1.00 49.01  ? 129 HOH B O   1 
# 
loop_
_atom_site_anisotrop.id 
_atom_site_anisotrop.type_symbol 
_atom_site_anisotrop.pdbx_label_atom_id 
_atom_site_anisotrop.pdbx_label_alt_id 
_atom_site_anisotrop.pdbx_label_comp_id 
_atom_site_anisotrop.pdbx_label_asym_id 
_atom_site_anisotrop.pdbx_label_seq_id 
_atom_site_anisotrop.pdbx_PDB_ins_code 
_atom_site_anisotrop.U[1][1] 
_atom_site_anisotrop.U[2][2] 
_atom_site_anisotrop.U[3][3] 
_atom_site_anisotrop.U[1][2] 
_atom_site_anisotrop.U[1][3] 
_atom_site_anisotrop.U[2][3] 
_atom_site_anisotrop.pdbx_auth_seq_id 
_atom_site_anisotrop.pdbx_auth_comp_id 
_atom_site_anisotrop.pdbx_auth_asym_id 
_atom_site_anisotrop.pdbx_auth_atom_id 
1   N N   . LEU A 1  ? 0.3721 0.3263 0.4912 0.0136  0.0464  0.0686  1  LEU A N   
2   C CA  . LEU A 1  ? 0.5513 0.5025 0.6565 0.0162  0.0372  0.0577  1  LEU A CA  
3   C C   . LEU A 1  ? 0.5110 0.4659 0.6322 0.0118  0.0264  0.0500  1  LEU A C   
4   O O   . LEU A 1  ? 0.4936 0.4556 0.6339 0.0070  0.0259  0.0492  1  LEU A O   
5   C CB  . LEU A 1  ? 0.3271 0.2823 0.4232 0.0188  0.0403  0.0513  1  LEU A CB  
6   C CG  . LEU A 1  ? 0.5305 0.4842 0.6162 0.0201  0.0306  0.0402  1  LEU A CG  
7   C CD1 . LEU A 1  ? 0.2964 0.2390 0.3610 0.0242  0.0255  0.0405  1  LEU A CD1 
8   C CD2 . LEU A 1  ? 0.2748 0.2319 0.3551 0.0214  0.0331  0.0340  1  LEU A CD2 
9   N N   . LYS A 2  ? 0.3525 0.3022 0.4653 0.0141  0.0178  0.0445  2  LYS A N   
10  C CA  . LYS A 2  ? 0.5089 0.4620 0.6340 0.0117  0.0089  0.0359  2  LYS A CA  
11  C C   . LYS A 2  ? 0.4152 0.3723 0.5327 0.0135  0.0042  0.0262  2  LYS A C   
12  O O   . LYS A 2  ? 0.5036 0.4562 0.6053 0.0175  0.0021  0.0258  2  LYS A O   
13  C CB  . LYS A 2  ? 0.4047 0.3494 0.5323 0.0127  0.0028  0.0382  2  LYS A CB  
14  C CG  . LYS A 2  ? 0.4262 0.3663 0.5667 0.0091  0.0053  0.0464  2  LYS A CG  
15  C CD  . LYS A 2  ? 0.6595 0.5926 0.8083 0.0092  -0.0028 0.0439  2  LYS A CD  
16  C CE  . LYS A 2  ? 0.8040 0.7282 0.9617 0.0063  -0.0011 0.0540  2  LYS A CE  
17  N NZ  . LYS A 2  ? 0.6521 0.5667 0.7957 0.0101  0.0016  0.0649  2  LYS A NZ  
18  N N   . CYS A 3  ? 0.3829 0.3477 0.5110 0.0105  0.0019  0.0188  3  CYS A N   
19  C CA  . CYS A 3  ? 0.3095 0.2788 0.4335 0.0113  -0.0021 0.0104  3  CYS A CA  
20  C C   . CYS A 3  ? 0.3903 0.3636 0.5260 0.0099  -0.0074 0.0033  3  CYS A C   
21  O O   . CYS A 3  ? 0.4642 0.4379 0.6106 0.0070  -0.0073 0.0029  3  CYS A O   
22  C CB  . CYS A 3  ? 0.3672 0.3422 0.4896 0.0096  0.0024  0.0083  3  CYS A CB  
23  S SG  . CYS A 3  ? 0.3424 0.3133 0.4520 0.0123  0.0110  0.0154  3  CYS A SG  
24  N N   . HIS A 4  ? 0.2545 0.2307 0.3887 0.0118  -0.0120 -0.0025 4  HIS A N   
25  C CA  . HIS A 4  ? 0.3101 0.2924 0.4549 0.0107  -0.0144 -0.0099 4  HIS A CA  
26  C C   . HIS A 4  ? 0.3503 0.3383 0.4974 0.0065  -0.0105 -0.0129 4  HIS A C   
27  O O   . HIS A 4  ? 0.4605 0.4506 0.6015 0.0054  -0.0078 -0.0116 4  HIS A O   
28  C CB  . HIS A 4  ? 0.2111 0.1978 0.3561 0.0131  -0.0188 -0.0142 4  HIS A CB  
29  C CG  . HIS A 4  ? 0.3788 0.3602 0.5227 0.0176  -0.0245 -0.0114 4  HIS A CG  
30  N ND1 . HIS A 4  ? 0.3796 0.3572 0.5319 0.0202  -0.0268 -0.0109 4  HIS A ND1 
31  C CD2 . HIS A 4  ? 0.2595 0.2381 0.3941 0.0202  -0.0294 -0.0090 4  HIS A CD2 
32  C CE1 . HIS A 4  ? 0.4137 0.3869 0.5630 0.0244  -0.0326 -0.0074 4  HIS A CE1 
33  N NE2 . HIS A 4  ? 0.4169 0.3907 0.5548 0.0243  -0.0347 -0.0062 4  HIS A NE2 
34  N N   . ASN A 5  ? 0.2898 0.2793 0.4446 0.0045  -0.0108 -0.0167 5  ASN A N   
35  C CA  . ASN A 5  ? 0.3827 0.3766 0.5380 0.0006  -0.0084 -0.0189 5  ASN A CA  
36  C C   . ASN A 5  ? 0.3879 0.3862 0.5454 -0.0002 -0.0087 -0.0264 5  ASN A C   
37  O O   . ASN A 5  ? 0.4245 0.4242 0.5811 -0.0035 -0.0079 -0.0281 5  ASN A O   
38  C CB  . ASN A 5  ? 0.2667 0.2572 0.4263 -0.0024 -0.0080 -0.0146 5  ASN A CB  
39  C CG  . ASN A 5  ? 0.4561 0.4405 0.6218 -0.0028 -0.0115 -0.0171 5  ASN A CG  
40  O OD1 . ASN A 5  ? 0.4487 0.4292 0.6155 0.0007  -0.0134 -0.0191 5  ASN A OD1 
41  N ND2 . ASN A 5  ? 0.4359 0.4186 0.6058 -0.0069 -0.0131 -0.0172 5  ASN A ND2 
42  N N   . LYS A 6  ? 0.4579 0.4582 0.6183 0.0029  -0.0097 -0.0305 6  LYS A N   
43  C CA  . LYS A 6  ? 0.4707 0.4761 0.6334 0.0032  -0.0079 -0.0373 6  LYS A CA  
44  C C   . LYS A 6  ? 0.3387 0.3518 0.5051 0.0050  -0.0075 -0.0385 6  LYS A C   
45  O O   . LYS A 6  ? 0.4107 0.4231 0.5773 0.0066  -0.0106 -0.0350 6  LYS A O   
46  C CB  . LYS A 6  ? 0.4910 0.4910 0.6581 0.0062  -0.0090 -0.0417 6  LYS A CB  
47  C CG  . LYS A 6  ? 0.4821 0.4724 0.6482 0.0042  -0.0115 -0.0403 6  LYS A CG  
48  C CD  . LYS A 6  ? 0.3645 0.3545 0.5249 -0.0002 -0.0110 -0.0427 6  LYS A CD  
49  C CE  . LYS A 6  ? 0.6812 0.6615 0.8432 -0.0029 -0.0153 -0.0414 6  LYS A CE  
50  N NZ  . LYS A 6  ? 0.7994 0.7784 0.9557 -0.0072 -0.0170 -0.0444 6  LYS A NZ  
51  N N   . LEU A 7  ? 0.3408 0.3609 0.5102 0.0047  -0.0041 -0.0430 7  LEU A N   
52  C CA  . LEU A 7  ? 0.4425 0.4714 0.6197 0.0058  -0.0043 -0.0436 7  LEU A CA  
53  C C   . LEU A 7  ? 0.3048 0.3371 0.4943 0.0113  -0.0053 -0.0465 7  LEU A C   
54  O O   . LEU A 7  ? 0.4341 0.4753 0.6339 0.0122  -0.0061 -0.0468 7  LEU A O   
55  C CB  . LEU A 7  ? 0.5539 0.5905 0.7305 0.0019  0.0004  -0.0447 7  LEU A CB  
56  C CG  . LEU A 7  ? 0.5616 0.5993 0.7335 0.0005  0.0065  -0.0482 7  LEU A CG  
57  C CD1 . LEU A 7  ? 0.8661 0.8962 1.0258 -0.0027 0.0055  -0.0462 7  LEU A CD1 
58  C CD2 . LEU A 7  ? 0.3299 0.3672 0.5065 0.0054  0.0089  -0.0536 7  LEU A CD2 
59  N N   . VAL A 8  ? 0.2747 0.2996 0.4644 0.0146  -0.0056 -0.0485 8  VAL A N   
60  C CA  . VAL A 8  ? 0.3777 0.4026 0.5786 0.0209  -0.0080 -0.0500 8  VAL A CA  
61  C C   . VAL A 8  ? 0.4532 0.4707 0.6520 0.0221  -0.0152 -0.0439 8  VAL A C   
62  O O   . VAL A 8  ? 0.3972 0.4088 0.5852 0.0185  -0.0163 -0.0397 8  VAL A O   
63  C CB  . VAL A 8  ? 0.4717 0.4892 0.6723 0.0243  -0.0049 -0.0557 8  VAL A CB  
64  C CG1 . VAL A 8  ? 0.3646 0.3877 0.5623 0.0234  0.0030  -0.0615 8  VAL A CG1 
65  C CG2 . VAL A 8  ? 0.4408 0.4448 0.6314 0.0217  -0.0080 -0.0536 8  VAL A CG2 
66  N N   . PRO A 9  ? 0.4172 0.4352 0.6260 0.0276  -0.0199 -0.0429 9  PRO A N   
67  C CA  . PRO A 9  ? 0.4097 0.4196 0.6135 0.0290  -0.0270 -0.0363 9  PRO A CA  
68  C C   . PRO A 9  ? 0.5128 0.5085 0.7096 0.0292  -0.0273 -0.0333 9  PRO A C   
69  O O   . PRO A 9  ? 0.3743 0.3660 0.5713 0.0283  -0.0234 -0.0373 9  PRO A O   
70  C CB  . PRO A 9  ? 0.4353 0.4498 0.6536 0.0355  -0.0325 -0.0362 9  PRO A CB  
71  C CG  . PRO A 9  ? 0.4124 0.4411 0.6447 0.0363  -0.0278 -0.0420 9  PRO A CG  
72  C CD  . PRO A 9  ? 0.3684 0.3955 0.5938 0.0331  -0.0189 -0.0469 9  PRO A CD  
73  N N   . PHE A 10 ? 0.3489 0.3367 0.5388 0.0300  -0.0320 -0.0261 10 PHE A N   
74  C CA  . PHE A 10 ? 0.4024 0.3768 0.5896 0.0310  -0.0334 -0.0212 10 PHE A CA  
75  C C   . PHE A 10 ? 0.4323 0.4003 0.6132 0.0256  -0.0290 -0.0192 10 PHE A C   
76  O O   . PHE A 10 ? 0.4612 0.4215 0.6354 0.0241  -0.0293 -0.0114 10 PHE A O   
77  C CB  . PHE A 10 ? 0.5105 0.4803 0.7098 0.0368  -0.0353 -0.0245 10 PHE A CB  
78  C CG  . PHE A 10 ? 0.5010 0.4555 0.6986 0.0377  -0.0379 -0.0187 10 PHE A CG  
79  C CD1 . PHE A 10 ? 0.5987 0.5464 0.7916 0.0404  -0.0431 -0.0098 10 PHE A CD1 
80  C CD2 . PHE A 10 ? 0.4499 0.3954 0.6496 0.0356  -0.0355 -0.0218 10 PHE A CD2 
81  C CE1 . PHE A 10 ? 0.5386 0.4718 0.7303 0.0408  -0.0448 -0.0031 10 PHE A CE1 
82  C CE2 . PHE A 10 ? 0.5932 0.5238 0.7933 0.0357  -0.0381 -0.0158 10 PHE A CE2 
83  C CZ  . PHE A 10 ? 0.5751 0.4998 0.7716 0.0382  -0.0422 -0.0060 10 PHE A CZ  
84  N N   . LEU A 11 ? 0.2817 0.2526 0.4652 0.0228  -0.0252 -0.0258 11 LEU A N   
85  C CA  . LEU A 11 ? 0.4284 0.3949 0.6081 0.0171  -0.0228 -0.0246 11 LEU A CA  
86  C C   . LEU A 11 ? 0.4585 0.4269 0.6304 0.0135  -0.0207 -0.0171 11 LEU A C   
87  O O   . LEU A 11 ? 0.3651 0.3406 0.5316 0.0135  -0.0196 -0.0168 11 LEU A O   
88  C CB  . LEU A 11 ? 0.3568 0.3285 0.5366 0.0147  -0.0199 -0.0328 11 LEU A CB  
89  C CG  . LEU A 11 ? 0.5987 0.5619 0.7816 0.0155  -0.0207 -0.0394 11 LEU A CG  
90  C CD1 . LEU A 11 ? 0.3685 0.3215 0.5583 0.0208  -0.0243 -0.0385 11 LEU A CD1 
91  C CD2 . LEU A 11 ? 0.4925 0.4623 0.6740 0.0169  -0.0170 -0.0486 11 LEU A CD2 
92  N N   . SER A 12 ? 0.2983 0.2598 0.4704 0.0102  -0.0200 -0.0112 12 SER A N   
93  C CA  . SER A 12 ? 0.3464 0.3099 0.5126 0.0076  -0.0162 -0.0038 12 SER A CA  
94  C C   . SER A 12 ? 0.3906 0.3512 0.5630 0.0024  -0.0145 0.0004  12 SER A C   
95  O O   . SER A 12 ? 0.4464 0.4009 0.6264 0.0005  -0.0176 -0.0017 12 SER A O   
96  C CB  . SER A 12 ? 0.2887 0.2470 0.4474 0.0112  -0.0164 0.0039  12 SER A CB  
97  O OG  . SER A 12 ? 0.3633 0.3115 0.5265 0.0117  -0.0182 0.0094  12 SER A OG  
98  N N   . LYS A 13 ? 0.2629 0.2277 0.4326 0.0004  -0.0098 0.0064  13 LYS A N   
99  C CA  . LYS A 13 ? 0.3589 0.3236 0.5374 -0.0045 -0.0077 0.0124  13 LYS A CA  
100 C C   . LYS A 13 ? 0.3915 0.3563 0.5656 -0.0033 -0.0010 0.0227  13 LYS A C   
101 O O   . LYS A 13 ? 0.4553 0.4208 0.6166 0.0010  0.0016  0.0232  13 LYS A O   
102 C CB  . LYS A 13 ? 0.2028 0.1758 0.3852 -0.0083 -0.0076 0.0082  13 LYS A CB  
103 C CG  . LYS A 13 ? 0.4418 0.4224 0.6162 -0.0065 -0.0028 0.0089  13 LYS A CG  
104 C CD  . LYS A 13 ? 0.6010 0.5890 0.7800 -0.0101 -0.0034 0.0061  13 LYS A CD  
105 C CE  . LYS A 13 ? 0.7134 0.7028 0.9065 -0.0148 -0.0039 0.0123  13 LYS A CE  
106 N NZ  . LYS A 13 ? 0.7404 0.7368 0.9381 -0.0180 -0.0060 0.0105  13 LYS A NZ  
107 N N   . THR A 14 ? 0.3030 0.2665 0.4875 -0.0069 0.0018  0.0309  14 THR A N   
108 C CA  . THR A 14 ? 0.2788 0.2444 0.4606 -0.0057 0.0106  0.0410  14 THR A CA  
109 C C   . THR A 14 ? 0.3790 0.3553 0.5655 -0.0072 0.0145  0.0403  14 THR A C   
110 O O   . THR A 14 ? 0.3246 0.3060 0.5254 -0.0122 0.0110  0.0384  14 THR A O   
111 C CB  . THR A 14 ? 0.5170 0.4783 0.7116 -0.0095 0.0134  0.0519  14 THR A CB  
112 O OG1 . THR A 14 ? 0.2971 0.2466 0.4870 -0.0077 0.0098  0.0541  14 THR A OG1 
113 C CG2 . THR A 14 ? 0.3669 0.3324 0.5598 -0.0079 0.0250  0.0629  14 THR A CG2 
114 N N   . CYS A 15 ? 0.3134 0.2921 0.4872 -0.0027 0.0211  0.0417  15 CYS A N   
115 C CA  . CYS A 15 ? 0.4284 0.4161 0.6059 -0.0027 0.0256  0.0415  15 CYS A CA  
116 C C   . CYS A 15 ? 0.3735 0.3678 0.5698 -0.0058 0.0313  0.0509  15 CYS A C   
117 O O   . CYS A 15 ? 0.2874 0.2792 0.4871 -0.0056 0.0376  0.0605  15 CYS A O   
118 C CB  . CYS A 15 ? 0.4730 0.4584 0.6315 0.0035  0.0319  0.0413  15 CYS A CB  
119 S SG  . CYS A 15 ? 0.4014 0.3806 0.5409 0.0066  0.0246  0.0313  15 CYS A SG  
120 N N   . PRO A 16 ? 0.3465 0.3499 0.5558 -0.0088 0.0292  0.0491  16 PRO A N   
121 C CA  . PRO A 16 ? 0.2204 0.2332 0.4510 -0.0115 0.0339  0.0579  16 PRO A CA  
122 C C   . PRO A 16 ? 0.3844 0.4001 0.6104 -0.0054 0.0476  0.0655  16 PRO A C   
123 O O   . PRO A 16 ? 0.2806 0.2912 0.4853 0.0007  0.0515  0.0613  16 PRO A O   
124 C CB  . PRO A 16 ? 0.2752 0.2957 0.5136 -0.0138 0.0273  0.0522  16 PRO A CB  
125 C CG  . PRO A 16 ? 0.4125 0.4267 0.6348 -0.0137 0.0190  0.0407  16 PRO A CG  
126 C CD  . PRO A 16 ? 0.2815 0.2870 0.4848 -0.0089 0.0226  0.0390  16 PRO A CD  
127 N N   . GLU A 17 ? 0.3213 0.3446 0.5670 -0.0070 0.0551  0.0764  17 GLU A N   
128 C CA  . GLU A 17 ? 0.5104 0.5378 0.7540 -0.0004 0.0700  0.0837  17 GLU A CA  
129 C C   . GLU A 17 ? 0.4704 0.5004 0.7053 0.0048  0.0710  0.0770  17 GLU A C   
130 O O   . GLU A 17 ? 0.4224 0.4586 0.6681 0.0016  0.0624  0.0722  17 GLU A O   
131 C CB  . GLU A 17 ? 0.2809 0.3209 0.5552 -0.0036 0.0769  0.0959  17 GLU A CB  
132 C CG  . GLU A 17 ? 0.5680 0.6048 0.8531 -0.0095 0.0767  0.1042  17 GLU A CG  
133 C CD  . GLU A 17 ? 0.6298 0.6801 0.9478 -0.0133 0.0845  0.1176  17 GLU A CD  
134 O OE1 . GLU A 17 ? 0.7752 0.8254 1.1119 -0.0214 0.0790  0.1231  17 GLU A OE1 
135 O OE2 . GLU A 17 ? 0.4959 0.5568 0.8229 -0.0082 0.0961  0.1230  17 GLU A OE2 
136 N N   . GLY A 18 ? 0.4658 0.4895 0.6796 0.0128  0.0810  0.0766  18 GLY A N   
137 C CA  . GLY A 18 ? 0.4538 0.4775 0.6584 0.0182  0.0827  0.0705  18 GLY A CA  
138 C C   . GLY A 18 ? 0.4753 0.4877 0.6542 0.0195  0.0746  0.0588  18 GLY A C   
139 O O   . GLY A 18 ? 0.4782 0.4853 0.6417 0.0253  0.0783  0.0544  18 GLY A O   
140 N N   . LYS A 19 ? 0.4719 0.4806 0.6477 0.0143  0.0637  0.0541  19 LYS A N   
141 C CA  . LYS A 19 ? 0.4182 0.4179 0.5730 0.0151  0.0561  0.0441  19 LYS A CA  
142 C C   . LYS A 19 ? 0.4352 0.4241 0.5703 0.0177  0.0569  0.0445  19 LYS A C   
143 O O   . LYS A 19 ? 0.6162 0.6032 0.7544 0.0143  0.0513  0.0453  19 LYS A O   
144 C CB  . LYS A 19 ? 0.3540 0.3573 0.5177 0.0088  0.0439  0.0377  19 LYS A CB  
145 C CG  . LYS A 19 ? 0.2483 0.2615 0.4304 0.0056  0.0411  0.0380  19 LYS A CG  
146 C CD  . LYS A 19 ? 0.3619 0.3760 0.5463 0.0001  0.0297  0.0308  19 LYS A CD  
147 C CE  . LYS A 19 ? 0.4656 0.4879 0.6643 -0.0026 0.0260  0.0313  19 LYS A CE  
148 N NZ  . LYS A 19 ? 0.4000 0.4216 0.5948 -0.0067 0.0163  0.0236  19 LYS A NZ  
149 N N   . ASN A 20 ? 0.4596 0.4401 0.5734 0.0241  0.0632  0.0437  20 ASN A N   
150 C CA  . ASN A 20 ? 0.4371 0.4061 0.5290 0.0272  0.0635  0.0447  20 ASN A CA  
151 C C   . ASN A 20 ? 0.5562 0.5162 0.6274 0.0287  0.0547  0.0350  20 ASN A C   
152 O O   . ASN A 20 ? 0.4321 0.3807 0.4799 0.0332  0.0554  0.0347  20 ASN A O   
153 C CB  . ASN A 20 ? 0.5659 0.5296 0.6451 0.0337  0.0777  0.0523  20 ASN A CB  
154 C CG  . ASN A 20 ? 0.5923 0.5663 0.6945 0.0320  0.0875  0.0634  20 ASN A CG  
155 O OD1 . ASN A 20 ? 0.7085 0.6853 0.8240 0.0270  0.0846  0.0691  20 ASN A OD1 
156 N ND2 . ASN A 20 ? 0.6784 0.6580 0.7872 0.0361  0.0989  0.0669  20 ASN A ND2 
157 N N   . LEU A 21 ? 0.4183 0.3834 0.4983 0.0250  0.0463  0.0273  21 LEU A N   
158 C CA  . LEU A 21 ? 0.5028 0.4621 0.5696 0.0247  0.0369  0.0186  21 LEU A CA  
159 C C   . LEU A 21 ? 0.5174 0.4837 0.5988 0.0193  0.0272  0.0142  21 LEU A C   
160 O O   . LEU A 21 ? 0.4595 0.4346 0.5586 0.0154  0.0270  0.0145  21 LEU A O   
161 C CB  . LEU A 21 ? 0.4250 0.3818 0.4850 0.0265  0.0379  0.0128  21 LEU A CB  
162 C CG  . LEU A 21 ? 0.6511 0.5968 0.6905 0.0333  0.0464  0.0137  21 LEU A CG  
163 C CD1 . LEU A 21 ? 0.4317 0.3752 0.4696 0.0341  0.0462  0.0076  21 LEU A CD1 
164 C CD2 . LEU A 21 ? 0.4961 0.4286 0.5098 0.0365  0.0425  0.0120  21 LEU A CD2 
165 N N   . CYS A 22 ? 0.3639 0.3261 0.4375 0.0192  0.0191  0.0102  22 CYS A N   
166 C CA  . CYS A 22 ? 0.2250 0.1936 0.3108 0.0153  0.0108  0.0048  22 CYS A CA  
167 C C   . CYS A 22 ? 0.4219 0.3917 0.5048 0.0139  0.0077  -0.0023 22 CYS A C   
168 O O   . CYS A 22 ? 0.2964 0.2587 0.3643 0.0165  0.0081  -0.0040 22 CYS A O   
169 C CB  . CYS A 22 ? 0.2314 0.1962 0.3134 0.0165  0.0037  0.0045  22 CYS A CB  
170 S SG  . CYS A 22 ? 0.3607 0.3211 0.4449 0.0179  0.0065  0.0135  22 CYS A SG  
171 N N   . TYR A 23 ? 0.4424 0.4204 0.5385 0.0100  0.0046  -0.0062 23 TYR A N   
172 C CA  . TYR A 23 ? 0.4946 0.4739 0.5898 0.0078  0.0016  -0.0118 23 TYR A CA  
173 C C   . TYR A 23 ? 0.4638 0.4501 0.5693 0.0048  -0.0044 -0.0162 23 TYR A C   
174 O O   . TYR A 23 ? 0.3852 0.3762 0.5004 0.0042  -0.0048 -0.0158 23 TYR A O   
175 C CB  . TYR A 23 ? 0.2560 0.2381 0.3555 0.0063  0.0065  -0.0111 23 TYR A CB  
176 C CG  . TYR A 23 ? 0.3984 0.3895 0.5123 0.0025  0.0064  -0.0112 23 TYR A CG  
177 C CD1 . TYR A 23 ? 0.4075 0.4014 0.5291 0.0023  0.0090  -0.0067 23 TYR A CD1 
178 C CD2 . TYR A 23 ? 0.3088 0.3048 0.4275 -0.0011 0.0033  -0.0155 23 TYR A CD2 
179 C CE1 . TYR A 23 ? 0.4589 0.4590 0.5909 -0.0013 0.0072  -0.0076 23 TYR A CE1 
180 C CE2 . TYR A 23 ? 0.4739 0.4763 0.6014 -0.0040 0.0033  -0.0159 23 TYR A CE2 
181 C CZ  . TYR A 23 ? 0.5091 0.5126 0.6421 -0.0040 0.0045  -0.0125 23 TYR A CZ  
182 O OH  . TYR A 23 ? 0.3691 0.3769 0.5083 -0.0070 0.0030  -0.0136 23 TYR A OH  
183 N N   . LYS A 24 ? 0.4585 0.4452 0.5626 0.0032  -0.0086 -0.0206 24 LYS A N   
184 C CA  . LYS A 24 ? 0.4594 0.4548 0.5759 0.0003  -0.0125 -0.0244 24 LYS A CA  
185 C C   . LYS A 24 ? 0.5081 0.5056 0.6266 -0.0036 -0.0125 -0.0271 24 LYS A C   
186 O O   . LYS A 24 ? 0.4499 0.4407 0.5599 -0.0038 -0.0153 -0.0284 24 LYS A O   
187 C CB  . LYS A 24 ? 0.3203 0.3156 0.4379 0.0021  -0.0197 -0.0258 24 LYS A CB  
188 C CG  . LYS A 24 ? 0.3087 0.3146 0.4418 -0.0004 -0.0227 -0.0295 24 LYS A CG  
189 C CD  . LYS A 24 ? 0.2802 0.2884 0.4195 0.0022  -0.0302 -0.0300 24 LYS A CD  
190 C CE  . LYS A 24 ? 0.3318 0.3330 0.4608 0.0024  -0.0384 -0.0304 24 LYS A CE  
191 N NZ  . LYS A 24 ? 0.2555 0.2594 0.3916 0.0049  -0.0474 -0.0305 24 LYS A NZ  
192 N N   . MET A 25 ? 0.2963 0.3016 0.4244 -0.0067 -0.0095 -0.0279 25 MET A N   
193 C CA  . MET A 25 ? 0.3327 0.3405 0.4639 -0.0109 -0.0090 -0.0294 25 MET A CA  
194 C C   . MET A 25 ? 0.3947 0.4117 0.5382 -0.0132 -0.0117 -0.0320 25 MET A C   
195 O O   . MET A 25 ? 0.3460 0.3699 0.4975 -0.0118 -0.0105 -0.0330 25 MET A O   
196 C CB  . MET A 25 ? 0.2678 0.2780 0.3999 -0.0129 -0.0037 -0.0276 25 MET A CB  
197 C CG  . MET A 25 ? 0.4872 0.4904 0.6113 -0.0108 -0.0010 -0.0243 25 MET A CG  
198 S SD  . MET A 25 ? 0.6847 0.6906 0.8108 -0.0135 0.0027  -0.0216 25 MET A SD  
199 C CE  . MET A 25 ? 0.5066 0.5064 0.6281 -0.0095 0.0053  -0.0173 25 MET A CE  
200 N N   . THR A 26 ? 0.3792 0.3958 0.5253 -0.0166 -0.0150 -0.0333 26 THR A N   
201 C CA  . THR A 26 ? 0.3721 0.3993 0.5337 -0.0198 -0.0168 -0.0348 26 THR A CA  
202 C C   . THR A 26 ? 0.4089 0.4369 0.5740 -0.0257 -0.0148 -0.0340 26 THR A C   
203 O O   . THR A 26 ? 0.3141 0.3316 0.4685 -0.0269 -0.0151 -0.0332 26 THR A O   
204 C CB  . THR A 26 ? 0.3237 0.3503 0.4890 -0.0190 -0.0263 -0.0365 26 THR A CB  
205 O OG1 . THR A 26 ? 0.3139 0.3274 0.4653 -0.0199 -0.0314 -0.0371 26 THR A OG1 
206 C CG2 . THR A 26 ? 0.2157 0.2418 0.3789 -0.0131 -0.0286 -0.0364 26 THR A CG2 
207 N N   . LEU A 27 ? 0.2509 0.2907 0.4313 -0.0291 -0.0119 -0.0338 27 LEU A N   
208 C CA  . LEU A 27 ? 0.4496 0.4906 0.6365 -0.0358 -0.0112 -0.0322 27 LEU A CA  
209 C C   . LEU A 27 ? 0.4984 0.5351 0.6895 -0.0386 -0.0213 -0.0339 27 LEU A C   
210 O O   . LEU A 27 ? 0.2735 0.3159 0.4737 -0.0369 -0.0275 -0.0357 27 LEU A O   
211 C CB  . LEU A 27 ? 0.2807 0.3366 0.4839 -0.0386 -0.0043 -0.0308 27 LEU A CB  
212 C CG  . LEU A 27 ? 0.2765 0.3355 0.4735 -0.0367 0.0055  -0.0296 27 LEU A CG  
213 C CD1 . LEU A 27 ? 0.2164 0.2890 0.4282 -0.0396 0.0132  -0.0282 27 LEU A CD1 
214 C CD2 . LEU A 27 ? 0.1755 0.2234 0.3567 -0.0383 0.0076  -0.0269 27 LEU A CD2 
215 N N   . MET A 28 ? 0.4449 0.4703 0.6289 -0.0425 -0.0240 -0.0335 28 MET A N   
216 C CA  . MET A 28 ? 0.4892 0.5072 0.6738 -0.0455 -0.0350 -0.0362 28 MET A CA  
217 C C   . MET A 28 ? 0.4743 0.5065 0.6830 -0.0502 -0.0402 -0.0361 28 MET A C   
218 O O   . MET A 28 ? 0.4352 0.4656 0.6467 -0.0502 -0.0514 -0.0388 28 MET A O   
219 C CB  . MET A 28 ? 0.4508 0.4539 0.6265 -0.0498 -0.0365 -0.0360 28 MET A CB  
220 C CG  . MET A 28 ? 0.5766 0.5631 0.7284 -0.0438 -0.0348 -0.0373 28 MET A CG  
221 S SD  . MET A 28 ? 1.2952 1.2604 1.4348 -0.0470 -0.0388 -0.0390 28 MET A SD  
222 C CE  . MET A 28 ? 0.4231 0.3727 0.5369 -0.0371 -0.0358 -0.0410 28 MET A CE  
223 N N   . LYS A 29 ? 0.3933 0.4403 0.6196 -0.0536 -0.0318 -0.0328 29 LYS A N   
224 C CA  . LYS A 29 ? 0.6200 0.6836 0.8735 -0.0577 -0.0344 -0.0317 29 LYS A CA  
225 C C   . LYS A 29 ? 0.5843 0.6614 0.8488 -0.0513 -0.0342 -0.0330 29 LYS A C   
226 O O   . LYS A 29 ? 0.7604 0.8510 1.0484 -0.0531 -0.0388 -0.0324 29 LYS A O   
227 C CB  . LYS A 29 ? 0.6677 0.7415 0.9361 -0.0642 -0.0242 -0.0269 29 LYS A CB  
228 C CG  . LYS A 29 ? 0.7400 0.8020 1.0063 -0.0724 -0.0277 -0.0250 29 LYS A CG  
229 C CD  . LYS A 29 ? 0.9469 1.0175 1.2255 -0.0788 -0.0164 -0.0186 29 LYS A CD  
230 C CE  . LYS A 29 ? 1.0616 1.1206 1.3427 -0.0881 -0.0217 -0.0162 29 LYS A CE  
231 N NZ  . LYS A 29 ? 1.0868 1.1508 1.3748 -0.0939 -0.0097 -0.0087 29 LYS A NZ  
232 N N   . MET A 30 ? 0.5328 0.6060 0.7820 -0.0438 -0.0294 -0.0342 30 MET A N   
233 C CA  . MET A 30 ? 0.4088 0.4913 0.6659 -0.0370 -0.0293 -0.0355 30 MET A CA  
234 C C   . MET A 30 ? 0.2810 0.3504 0.5176 -0.0305 -0.0347 -0.0375 30 MET A C   
235 O O   . MET A 30 ? 0.2685 0.3344 0.4936 -0.0260 -0.0278 -0.0375 30 MET A O   
236 C CB  . MET A 30 ? 0.4260 0.5179 0.6868 -0.0343 -0.0155 -0.0347 30 MET A CB  
237 C CG  . MET A 30 ? 0.3630 0.4661 0.6386 -0.0402 -0.0066 -0.0316 30 MET A CG  
238 S SD  . MET A 30 ? 2.6083 2.7341 2.9197 -0.0403 -0.0061 -0.0307 30 MET A SD  
239 C CE  . MET A 30 ? 1.5082 1.6364 1.8164 -0.0289 -0.0029 -0.0343 30 MET A CE  
240 N N   . PRO A 31 ? 0.3349 0.3965 0.5664 -0.0304 -0.0471 -0.0387 31 PRO A N   
241 C CA  . PRO A 31 ? 0.4234 0.4712 0.6330 -0.0245 -0.0515 -0.0396 31 PRO A CA  
242 C C   . PRO A 31 ? 0.4206 0.4735 0.6339 -0.0173 -0.0504 -0.0391 31 PRO A C   
243 O O   . PRO A 31 ? 0.5748 0.6171 0.7704 -0.0126 -0.0502 -0.0386 31 PRO A O   
244 C CB  . PRO A 31 ? 0.4538 0.4930 0.6582 -0.0265 -0.0659 -0.0413 31 PRO A CB  
245 C CG  . PRO A 31 ? 0.3438 0.3972 0.5752 -0.0322 -0.0711 -0.0411 31 PRO A CG  
246 C CD  . PRO A 31 ? 0.2694 0.3328 0.5133 -0.0364 -0.0581 -0.0392 31 PRO A CD  
247 N N   . LYS A 32 ? 0.4423 0.5111 0.6793 -0.0165 -0.0489 -0.0389 32 LYS A N   
248 C CA  . LYS A 32 ? 0.3365 0.4096 0.5798 -0.0093 -0.0488 -0.0388 32 LYS A CA  
249 C C   . LYS A 32 ? 0.5145 0.5869 0.7519 -0.0057 -0.0367 -0.0392 32 LYS A C   
250 O O   . LYS A 32 ? 0.5702 0.6415 0.8082 0.0004  -0.0366 -0.0394 32 LYS A O   
251 C CB  . LYS A 32 ? 0.3625 0.4534 0.6357 -0.0087 -0.0519 -0.0386 32 LYS A CB  
252 C CG  . LYS A 32 ? 0.5423 0.6342 0.8238 -0.0112 -0.0673 -0.0379 32 LYS A CG  
253 C CD  . LYS A 32 ? 0.5240 0.6074 0.7957 -0.0047 -0.0780 -0.0370 32 LYS A CD  
254 C CE  . LYS A 32 ? 0.6755 0.7585 0.9526 -0.0073 -0.0951 -0.0365 32 LYS A CE  
255 N NZ  . LYS A 32 ? 0.7154 0.7774 0.9602 -0.0080 -0.1027 -0.0373 32 LYS A NZ  
256 N N   . ILE A 33 ? 0.4652 0.5370 0.6966 -0.0097 -0.0278 -0.0395 33 ILE A N   
257 C CA  . ILE A 33 ? 0.3363 0.4072 0.5617 -0.0072 -0.0177 -0.0404 33 ILE A CA  
258 C C   . ILE A 33 ? 0.3023 0.3601 0.5060 -0.0084 -0.0157 -0.0394 33 ILE A C   
259 O O   . ILE A 33 ? 0.4329 0.4880 0.6302 -0.0130 -0.0134 -0.0383 33 ILE A O   
260 C CB  . ILE A 33 ? 0.3368 0.4189 0.5728 -0.0101 -0.0079 -0.0411 33 ILE A CB  
261 C CG1 . ILE A 33 ? 0.3725 0.4701 0.6337 -0.0085 -0.0077 -0.0417 33 ILE A CG1 
262 C CG2 . ILE A 33 ? 0.4251 0.5038 0.6509 -0.0075 0.0010  -0.0429 33 ILE A CG2 
263 C CD1 . ILE A 33 ? 0.3606 0.4693 0.6314 -0.0094 0.0047  -0.0422 33 ILE A CD1 
264 N N   . PRO A 34 ? 0.3314 0.3810 0.5255 -0.0041 -0.0163 -0.0390 34 PRO A N   
265 C CA  . PRO A 34 ? 0.3235 0.3630 0.5012 -0.0048 -0.0135 -0.0373 34 PRO A CA  
266 C C   . PRO A 34 ? 0.3875 0.4303 0.5647 -0.0067 -0.0057 -0.0385 34 PRO A C   
267 O O   . PRO A 34 ? 0.3100 0.3583 0.4947 -0.0045 -0.0023 -0.0411 34 PRO A O   
268 C CB  . PRO A 34 ? 0.2501 0.2829 0.4233 0.0001  -0.0159 -0.0361 34 PRO A CB  
269 C CG  . PRO A 34 ? 0.3504 0.3882 0.5357 0.0038  -0.0209 -0.0371 34 PRO A CG  
270 C CD  . PRO A 34 ? 0.2903 0.3409 0.4912 0.0018  -0.0186 -0.0398 34 PRO A CD  
271 N N   . ILE A 35 ? 0.2844 0.3235 0.4525 -0.0102 -0.0031 -0.0368 35 ILE A N   
272 C CA  . ILE A 35 ? 0.3258 0.3667 0.4908 -0.0121 0.0031  -0.0373 35 ILE A CA  
273 C C   . ILE A 35 ? 0.4255 0.4586 0.5805 -0.0112 0.0030  -0.0358 35 ILE A C   
274 O O   . ILE A 35 ? 0.4636 0.4966 0.6149 -0.0118 0.0059  -0.0370 35 ILE A O   
275 C CB  . ILE A 35 ? 0.3983 0.4416 0.5624 -0.0171 0.0060  -0.0355 35 ILE A CB  
276 C CG1 . ILE A 35 ? 0.2701 0.3048 0.4254 -0.0187 0.0030  -0.0325 35 ILE A CG1 
277 C CG2 . ILE A 35 ? 0.2684 0.3211 0.4463 -0.0189 0.0064  -0.0364 35 ILE A CG2 
278 C CD1 . ILE A 35 ? 0.2267 0.2614 0.3814 -0.0236 0.0051  -0.0303 35 ILE A CD1 
279 N N   . LYS A 36 ? 0.4371 0.4639 0.5880 -0.0097 -0.0004 -0.0332 36 LYS A N   
280 C CA  . LYS A 36 ? 0.4864 0.5074 0.6316 -0.0091 -0.0003 -0.0306 36 LYS A CA  
281 C C   . LYS A 36 ? 0.3131 0.3284 0.4557 -0.0062 -0.0028 -0.0278 36 LYS A C   
282 O O   . LYS A 36 ? 0.3997 0.4124 0.5382 -0.0057 -0.0044 -0.0269 36 LYS A O   
283 C CB  . LYS A 36 ? 0.4231 0.4428 0.5630 -0.0120 0.0017  -0.0280 36 LYS A CB  
284 C CG  . LYS A 36 ? 0.5156 0.5316 0.6535 -0.0116 0.0015  -0.0245 36 LYS A CG  
285 C CD  . LYS A 36 ? 0.3985 0.4145 0.5331 -0.0141 0.0027  -0.0219 36 LYS A CD  
286 C CE  . LYS A 36 ? 0.4010 0.4147 0.5371 -0.0132 0.0022  -0.0170 36 LYS A CE  
287 N NZ  . LYS A 36 ? 0.3792 0.3932 0.5196 -0.0137 -0.0001 -0.0170 36 LYS A NZ  
288 N N   . ARG A 37 ? 0.2887 0.3007 0.4323 -0.0044 -0.0034 -0.0263 37 ARG A N   
289 C CA  . ARG A 37 ? 0.4689 0.4750 0.6089 -0.0015 -0.0045 -0.0223 37 ARG A CA  
290 C C   . ARG A 37 ? 0.3631 0.3661 0.5045 -0.0019 -0.0029 -0.0182 37 ARG A C   
291 O O   . ARG A 37 ? 0.4234 0.4278 0.5698 -0.0038 -0.0032 -0.0197 37 ARG A O   
292 C CB  . ARG A 37 ? 0.4065 0.4120 0.5498 0.0015  -0.0084 -0.0238 37 ARG A CB  
293 C CG  . ARG A 37 ? 0.3535 0.3624 0.4976 0.0018  -0.0116 -0.0265 37 ARG A CG  
294 C CD  . ARG A 37 ? 0.4180 0.4249 0.5641 0.0057  -0.0168 -0.0259 37 ARG A CD  
295 N NE  . ARG A 37 ? 0.4133 0.4232 0.5702 0.0077  -0.0171 -0.0283 37 ARG A NE  
296 C CZ  . ARG A 37 ? 0.3333 0.3437 0.4966 0.0114  -0.0219 -0.0287 37 ARG A CZ  
297 N NH1 . ARG A 37 ? 0.3684 0.3767 0.5273 0.0130  -0.0277 -0.0265 37 ARG A NH1 
298 N NH2 . ARG A 37 ? 0.2428 0.2549 0.4160 0.0140  -0.0213 -0.0313 37 ARG A NH2 
299 N N   . GLY A 38 ? 0.3107 0.3091 0.4476 0.0000  -0.0011 -0.0129 38 GLY A N   
300 C CA  . GLY A 38 ? 0.3647 0.3614 0.5061 -0.0006 0.0012  -0.0075 38 GLY A CA  
301 C C   . GLY A 38 ? 0.4928 0.4857 0.6280 0.0020  0.0060  -0.0013 38 GLY A C   
302 O O   . GLY A 38 ? 0.3522 0.3408 0.4763 0.0050  0.0063  -0.0015 38 GLY A O   
303 N N   . CYS A 39 ? 0.4740 0.4685 0.6162 0.0008  0.0097  0.0043  39 CYS A N   
304 C CA  . CYS A 39 ? 0.4132 0.4055 0.5516 0.0038  0.0166  0.0110  39 CYS A CA  
305 C C   . CYS A 39 ? 0.3669 0.3629 0.5060 0.0042  0.0201  0.0110  39 CYS A C   
306 O O   . CYS A 39 ? 0.3594 0.3604 0.5055 0.0009  0.0168  0.0081  39 CYS A O   
307 C CB  . CYS A 39 ? 0.3400 0.3332 0.4898 0.0024  0.0194  0.0186  39 CYS A CB  
308 S SG  . CYS A 39 ? 0.3793 0.3659 0.5295 0.0019  0.0154  0.0200  39 CYS A SG  
309 N N   . THR A 40 ? 0.3950 0.3873 0.5255 0.0086  0.0267  0.0142  40 THR A N   
310 C CA  . THR A 40 ? 0.3662 0.3603 0.4975 0.0104  0.0310  0.0147  40 THR A CA  
311 C C   . THR A 40 ? 0.5537 0.5444 0.6798 0.0160  0.0411  0.0208  40 THR A C   
312 O O   . THR A 40 ? 0.5107 0.4949 0.6256 0.0187  0.0439  0.0230  40 THR A O   
313 C CB  . THR A 40 ? 0.4379 0.4276 0.5577 0.0107  0.0274  0.0075  40 THR A CB  
314 O OG1 . THR A 40 ? 0.4598 0.4504 0.5820 0.0123  0.0308  0.0083  40 THR A OG1 
315 C CG2 . THR A 40 ? 0.3819 0.3614 0.4829 0.0144  0.0277  0.0050  40 THR A CG2 
316 N N   . ASP A 41 ? 0.4935 0.4880 0.6272 0.0183  0.0470  0.0240  41 ASP A N   
317 C CA  . ASP A 41 ? 0.5149 0.5061 0.6429 0.0250  0.0585  0.0292  41 ASP A CA  
318 C C   . ASP A 41 ? 0.4825 0.4621 0.5894 0.0306  0.0612  0.0236  41 ASP A C   
319 O O   . ASP A 41 ? 0.5820 0.5515 0.6698 0.0355  0.0664  0.0236  41 ASP A O   
320 C CB  . ASP A 41 ? 0.5513 0.5535 0.7020 0.0257  0.0652  0.0373  41 ASP A CB  
321 C CG  . ASP A 41 ? 0.9304 0.9375 1.0911 0.0255  0.0621  0.0351  41 ASP A CG  
322 O OD1 . ASP A 41 ? 1.1953 1.2059 1.3645 0.0307  0.0705  0.0398  41 ASP A OD1 
323 O OD2 . ASP A 41 ? 0.8227 0.8302 0.9832 0.0206  0.0521  0.0295  41 ASP A OD2 
324 N N   . ALA A 42 ? 0.3188 0.2984 0.4278 0.0295  0.0568  0.0187  42 ALA A N   
325 C CA  . ALA A 42 ? 0.4623 0.4294 0.5522 0.0332  0.0566  0.0121  42 ALA A CA  
326 C C   . ALA A 42 ? 0.5663 0.5310 0.6510 0.0273  0.0450  0.0050  42 ALA A C   
327 O O   . ALA A 42 ? 0.4015 0.3753 0.5003 0.0215  0.0390  0.0047  42 ALA A O   
328 C CB  . ALA A 42 ? 0.3312 0.2983 0.4279 0.0368  0.0612  0.0129  42 ALA A CB  
329 N N   . CYS A 43 ? 0.6334 0.5860 0.6983 0.0287  0.0418  -0.0009 43 CYS A N   
330 C CA  . CYS A 43 ? 0.4978 0.4497 0.5609 0.0231  0.0311  -0.0070 43 CYS A CA  
331 C C   . CYS A 43 ? 0.4748 0.4286 0.5461 0.0196  0.0280  -0.0096 43 CYS A C   
332 O O   . CYS A 43 ? 0.5518 0.4968 0.6164 0.0228  0.0306  -0.0113 43 CYS A O   
333 C CB  . CYS A 43 ? 0.3596 0.2983 0.4013 0.0248  0.0267  -0.0125 43 CYS A CB  
334 S SG  . CYS A 43 ? 0.4801 0.4225 0.5265 0.0173  0.0132  -0.0183 43 CYS A SG  
335 N N   . PRO A 44 ? 0.4889 0.4528 0.5733 0.0136  0.0226  -0.0099 44 PRO A N   
336 C CA  . PRO A 44 ? 0.5495 0.5153 0.6405 0.0096  0.0196  -0.0115 44 PRO A CA  
337 C C   . PRO A 44 ? 0.4996 0.4549 0.5800 0.0083  0.0154  -0.0171 44 PRO A C   
338 O O   . PRO A 44 ? 0.7221 0.6723 0.7932 0.0080  0.0112  -0.0209 44 PRO A O   
339 C CB  . PRO A 44 ? 0.4187 0.3958 0.5206 0.0039  0.0151  -0.0115 44 PRO A CB  
340 C CG  . PRO A 44 ? 0.4651 0.4470 0.5708 0.0055  0.0169  -0.0085 44 PRO A CG  
341 C CD  . PRO A 44 ? 0.4281 0.4011 0.5208 0.0104  0.0197  -0.0085 44 PRO A CD  
342 N N   . LYS A 45 ? 0.4696 0.4211 0.5520 0.0073  0.0155  -0.0170 45 LYS A N   
343 C CA  . LYS A 45 ? 0.5307 0.4707 0.6049 0.0055  0.0116  -0.0218 45 LYS A CA  
344 C C   . LYS A 45 ? 0.4682 0.4142 0.5495 -0.0023 0.0049  -0.0239 45 LYS A C   
345 O O   . LYS A 45 ? 0.3085 0.2665 0.4012 -0.0061 0.0051  -0.0212 45 LYS A O   
346 C CB  . LYS A 45 ? 0.7353 0.6660 0.8084 0.0084  0.0151  -0.0204 45 LYS A CB  
347 C CG  . LYS A 45 ? 1.0217 0.9609 1.1083 0.0082  0.0179  -0.0142 45 LYS A CG  
348 C CD  . LYS A 45 ? 1.0544 1.0046 1.1510 0.0118  0.0228  -0.0081 45 LYS A CD  
349 C CE  . LYS A 45 ? 0.6231 0.5878 0.7286 0.0073  0.0204  -0.0064 45 LYS A CE  
350 N NZ  . LYS A 45 ? 0.4848 0.4587 0.6019 0.0045  0.0188  -0.0016 45 LYS A NZ  
351 N N   . SER A 46 ? 0.4052 0.3429 0.4799 -0.0048 -0.0010 -0.0288 46 SER A N   
352 C CA  . SER A 46 ? 0.4090 0.3536 0.4937 -0.0123 -0.0065 -0.0303 46 SER A CA  
353 C C   . SER A 46 ? 0.4513 0.3947 0.5426 -0.0167 -0.0055 -0.0279 46 SER A C   
354 O O   . SER A 46 ? 0.6322 0.5664 0.7187 -0.0136 -0.0023 -0.0263 46 SER A O   
355 C CB  . SER A 46 ? 0.3637 0.3001 0.4417 -0.0143 -0.0146 -0.0358 46 SER A CB  
356 O OG  . SER A 46 ? 0.5815 0.5216 0.6552 -0.0113 -0.0169 -0.0370 46 SER A OG  
357 N N   . SER A 47 ? 0.3484 0.3013 0.4511 -0.0235 -0.0074 -0.0270 47 SER A N   
358 C CA  . SER A 47 ? 0.3239 0.2748 0.4322 -0.0287 -0.0067 -0.0240 47 SER A CA  
359 C C   . SER A 47 ? 0.4000 0.3511 0.5156 -0.0360 -0.0123 -0.0265 47 SER A C   
360 O O   . SER A 47 ? 0.4246 0.3777 0.5413 -0.0364 -0.0176 -0.0306 47 SER A O   
361 C CB  . SER A 47 ? 0.3102 0.2734 0.4255 -0.0303 -0.0018 -0.0189 47 SER A CB  
362 O OG  . SER A 47 ? 0.3824 0.3590 0.5070 -0.0343 -0.0020 -0.0196 47 SER A OG  
363 N N   . LEU A 48 ? 0.3701 0.3197 0.4924 -0.0419 -0.0115 -0.0231 48 LEU A N   
364 C CA  . LEU A 48 ? 0.4526 0.4047 0.5864 -0.0501 -0.0161 -0.0238 48 LEU A CA  
365 C C   . LEU A 48 ? 0.3643 0.3357 0.5118 -0.0527 -0.0153 -0.0238 48 LEU A C   
366 O O   . LEU A 48 ? 0.5187 0.4943 0.6776 -0.0578 -0.0206 -0.0256 48 LEU A O   
367 C CB  . LEU A 48 ? 0.4763 0.4243 0.6156 -0.0563 -0.0135 -0.0182 48 LEU A CB  
368 C CG  . LEU A 48 ? 0.7162 0.6431 0.8484 -0.0572 -0.0171 -0.0189 48 LEU A CG  
369 C CD1 . LEU A 48 ? 0.8381 0.7632 0.9832 -0.0675 -0.0206 -0.0167 48 LEU A CD1 
370 C CD2 . LEU A 48 ? 0.9693 0.8820 1.0881 -0.0515 -0.0229 -0.0265 48 LEU A CD2 
371 N N   . LEU A 49 ? 0.3488 0.3315 0.4960 -0.0490 -0.0090 -0.0216 49 LEU A N   
372 C CA  . LEU A 49 ? 0.3609 0.3609 0.5204 -0.0502 -0.0065 -0.0218 49 LEU A CA  
373 C C   . LEU A 49 ? 0.3930 0.3972 0.5491 -0.0438 -0.0085 -0.0255 49 LEU A C   
374 O O   . LEU A 49 ? 0.3960 0.4118 0.5629 -0.0439 -0.0092 -0.0272 49 LEU A O   
375 C CB  . LEU A 49 ? 0.2579 0.2660 0.4182 -0.0513 0.0021  -0.0168 49 LEU A CB  
376 C CG  . LEU A 49 ? 0.4579 0.4658 0.6244 -0.0585 0.0055  -0.0116 49 LEU A CG  
377 C CD1 . LEU A 49 ? 0.3400 0.3538 0.5015 -0.0584 0.0139  -0.0067 49 LEU A CD1 
378 C CD2 . LEU A 49 ? 0.3578 0.3752 0.5428 -0.0645 0.0038  -0.0121 49 LEU A CD2 
379 N N   . VAL A 50 ? 0.3723 0.3673 0.5146 -0.0380 -0.0087 -0.0263 50 VAL A N   
380 C CA  . VAL A 50 ? 0.3417 0.3395 0.4801 -0.0322 -0.0093 -0.0284 50 VAL A CA  
381 C C   . VAL A 50 ? 0.3135 0.2996 0.4405 -0.0282 -0.0148 -0.0315 50 VAL A C   
382 O O   . VAL A 50 ? 0.5301 0.5034 0.6462 -0.0265 -0.0146 -0.0315 50 VAL A O   
383 C CB  . VAL A 50 ? 0.4029 0.4030 0.5364 -0.0286 -0.0033 -0.0255 50 VAL A CB  
384 C CG1 . VAL A 50 ? 0.3842 0.3843 0.5133 -0.0229 -0.0040 -0.0268 50 VAL A CG1 
385 C CG2 . VAL A 50 ? 0.3367 0.3481 0.4779 -0.0315 0.0013  -0.0239 50 VAL A CG2 
386 N N   . LYS A 51 ? 0.2263 0.2161 0.3552 -0.0263 -0.0193 -0.0338 51 LYS A N   
387 C CA  . LYS A 51 ? 0.3589 0.3377 0.4737 -0.0217 -0.0239 -0.0361 51 LYS A CA  
388 C C   . LYS A 51 ? 0.3661 0.3465 0.4751 -0.0156 -0.0192 -0.0339 51 LYS A C   
389 O O   . LYS A 51 ? 0.4075 0.3990 0.5264 -0.0154 -0.0168 -0.0326 51 LYS A O   
390 C CB  . LYS A 51 ? 0.3240 0.3042 0.4432 -0.0234 -0.0338 -0.0392 51 LYS A CB  
391 C CG  . LYS A 51 ? 0.6628 0.6317 0.7648 -0.0182 -0.0392 -0.0411 51 LYS A CG  
392 C CD  . LYS A 51 ? 0.9256 0.8764 1.0079 -0.0161 -0.0388 -0.0431 51 LYS A CD  
393 C CE  . LYS A 51 ? 1.1370 1.0812 1.2224 -0.0223 -0.0448 -0.0463 51 LYS A CE  
394 N NZ  . LYS A 51 ? 1.1943 1.1189 1.2600 -0.0194 -0.0435 -0.0488 51 LYS A NZ  
395 N N   . VAL A 52 ? 0.4977 0.4667 0.5914 -0.0107 -0.0173 -0.0334 52 VAL A N   
396 C CA  . VAL A 52 ? 0.4014 0.3715 0.4907 -0.0055 -0.0129 -0.0304 52 VAL A CA  
397 C C   . VAL A 52 ? 0.4508 0.4109 0.5246 -0.0009 -0.0161 -0.0312 52 VAL A C   
398 O O   . VAL A 52 ? 0.5827 0.5299 0.6411 0.0017  -0.0157 -0.0328 52 VAL A O   
399 C CB  . VAL A 52 ? 0.4410 0.4088 0.5279 -0.0030 -0.0048 -0.0269 52 VAL A CB  
400 C CG1 . VAL A 52 ? 0.3168 0.2895 0.4060 0.0003  -0.0004 -0.0228 52 VAL A CG1 
401 C CG2 . VAL A 52 ? 0.2280 0.2018 0.3253 -0.0074 -0.0029 -0.0259 52 VAL A CG2 
402 N N   . VAL A 53 ? 0.5556 0.5206 0.6323 0.0004  -0.0193 -0.0303 53 VAL A N   
403 C CA  . VAL A 53 ? 0.3684 0.3241 0.4292 0.0055  -0.0214 -0.0291 53 VAL A CA  
404 C C   . VAL A 53 ? 0.3583 0.3134 0.4155 0.0097  -0.0123 -0.0236 53 VAL A C   
405 O O   . VAL A 53 ? 0.5812 0.5460 0.6524 0.0083  -0.0081 -0.0209 53 VAL A O   
406 C CB  . VAL A 53 ? 1.0661 1.0266 1.1324 0.0053  -0.0302 -0.0295 53 VAL A CB  
407 C CG1 . VAL A 53 ? 0.2405 0.2035 0.3082 0.0091  -0.0268 -0.0243 53 VAL A CG1 
408 C CG2 . VAL A 53 ? 1.0745 1.0236 1.1247 0.0065  -0.0398 -0.0324 53 VAL A CG2 
409 N N   . CYS A 54 ? 0.5596 0.5028 0.5976 0.0146  -0.0091 -0.0221 54 CYS A N   
410 C CA  . CYS A 54 ? 0.4025 0.3455 0.4380 0.0185  -0.0003 -0.0155 54 CYS A CA  
411 C C   . CYS A 54 ? 0.3786 0.3112 0.3947 0.0231  -0.0020 -0.0132 54 CYS A C   
412 O O   . CYS A 54 ? 0.5816 0.5024 0.5785 0.0251  -0.0070 -0.0169 54 CYS A O   
413 C CB  . CYS A 54 ? 0.4102 0.3506 0.4435 0.0211  0.0099  -0.0137 54 CYS A CB  
414 S SG  . CYS A 54 ? 0.4015 0.3553 0.4587 0.0163  0.0127  -0.0130 54 CYS A SG  
415 N N   . CYS A 55 ? 0.4254 0.3614 0.4459 0.0245  0.0013  -0.0069 55 CYS A N   
416 C CA  . CYS A 55 ? 0.4519 0.3783 0.4546 0.0287  -0.0004 -0.0030 55 CYS A CA  
417 C C   . CYS A 55 ? 0.3785 0.3074 0.3862 0.0303  0.0095  0.0059  55 CYS A C   
418 O O   . CYS A 55 ? 0.3995 0.3392 0.4285 0.0272  0.0134  0.0080  55 CYS A O   
419 C CB  . CYS A 55 ? 0.3321 0.2607 0.3395 0.0268  -0.0131 -0.0051 55 CYS A CB  
420 S SG  . CYS A 55 ? 0.4881 0.4332 0.5273 0.0222  -0.0150 -0.0048 55 CYS A SG  
421 N N   . ASN A 56 ? 0.5495 0.4680 0.5377 0.0350  0.0133  0.0116  56 ASN A N   
422 C CA  . ASN A 56 ? 0.5684 0.4888 0.5617 0.0364  0.0246  0.0214  56 ASN A CA  
423 C C   . ASN A 56 ? 0.6022 0.5178 0.5904 0.0376  0.0226  0.0291  56 ASN A C   
424 O O   . ASN A 56 ? 0.6267 0.5396 0.6113 0.0397  0.0329  0.0382  56 ASN A O   
425 C CB  . ASN A 56 ? 0.6389 0.5532 0.6175 0.0413  0.0379  0.0244  56 ASN A CB  
426 C CG  . ASN A 56 ? 0.9079 0.8051 0.8518 0.0470  0.0367  0.0221  56 ASN A CG  
427 O OD1 . ASN A 56 ? 1.1093 0.9996 1.0407 0.0468  0.0245  0.0189  56 ASN A OD1 
428 N ND2 . ASN A 56 ? 0.7211 0.6109 0.6489 0.0526  0.0491  0.0235  56 ASN A ND2 
429 N N   . LYS A 57 ? 0.4546 0.3691 0.4439 0.0364  0.0097  0.0261  57 LYS A N   
430 C CA  . LYS A 57 ? 0.5424 0.4537 0.5332 0.0371  0.0070  0.0337  57 LYS A CA  
431 C C   . LYS A 57 ? 0.6176 0.5402 0.6378 0.0325  0.0024  0.0321  57 LYS A C   
432 O O   . LYS A 57 ? 0.4902 0.4221 0.5252 0.0292  -0.0007 0.0244  57 LYS A O   
433 C CB  . LYS A 57 ? 0.5399 0.4396 0.5081 0.0408  -0.0039 0.0334  57 LYS A CB  
434 C CG  . LYS A 57 ? 0.8534 0.7557 0.8232 0.0395  -0.0174 0.0232  57 LYS A CG  
435 C CD  . LYS A 57 ? 0.9950 0.8880 0.9401 0.0416  -0.0177 0.0176  57 LYS A CD  
436 C CE  . LYS A 57 ? 0.7989 0.6993 0.7561 0.0376  -0.0253 0.0072  57 LYS A CE  
437 N NZ  . LYS A 57 ? 0.8138 0.7074 0.7558 0.0386  -0.0193 0.0023  57 LYS A NZ  
438 N N   . ASP A 58 ? 0.4699 0.3901 0.4972 0.0322  0.0024  0.0396  58 ASP A N   
439 C CA  . ASP A 58 ? 0.4309 0.3585 0.4837 0.0286  -0.0014 0.0380  58 ASP A CA  
440 C C   . ASP A 58 ? 0.5587 0.4919 0.6206 0.0282  -0.0126 0.0287  58 ASP A C   
441 O O   . ASP A 58 ? 0.4320 0.3605 0.4848 0.0313  -0.0215 0.0278  58 ASP A O   
442 C CB  . ASP A 58 ? 0.6286 0.5486 0.6839 0.0293  -0.0016 0.0475  58 ASP A CB  
443 C CG  . ASP A 58 ? 0.6926 0.6142 0.7597 0.0259  0.0089  0.0554  58 ASP A CG  
444 O OD1 . ASP A 58 ? 0.5367 0.4640 0.6049 0.0244  0.0176  0.0554  58 ASP A OD1 
445 O OD2 . ASP A 58 ? 0.9167 0.8337 0.9934 0.0246  0.0081  0.0618  58 ASP A OD2 
446 N N   . LYS A 59 ? 0.4802 0.4237 0.5606 0.0244  -0.0120 0.0222  59 LYS A N   
447 C CA  . LYS A 59 ? 0.4796 0.4304 0.5724 0.0238  -0.0198 0.0139  59 LYS A CA  
448 C C   . LYS A 59 ? 0.5316 0.4830 0.6141 0.0253  -0.0262 0.0090  59 LYS A C   
449 O O   . LYS A 59 ? 0.5002 0.4551 0.5900 0.0265  -0.0347 0.0052  59 LYS A O   
450 C CB  . LYS A 59 ? 0.4895 0.4374 0.5925 0.0258  -0.0257 0.0155  59 LYS A CB  
451 C CG  . LYS A 59 ? 0.6194 0.5658 0.7357 0.0234  -0.0215 0.0184  59 LYS A CG  
452 C CD  . LYS A 59 ? 0.6844 0.6274 0.8116 0.0261  -0.0283 0.0175  59 LYS A CD  
453 C CE  . LYS A 59 ? 0.7969 0.7340 0.9349 0.0238  -0.0257 0.0209  59 LYS A CE  
454 N NZ  . LYS A 59 ? 0.8864 0.8186 1.0347 0.0276  -0.0323 0.0190  59 LYS A NZ  
455 N N   . CYS A 60 ? 0.4051 0.3530 0.4720 0.0253  -0.0224 0.0090  60 CYS A N   
456 C CA  . CYS A 60 ? 0.5111 0.4563 0.5652 0.0264  -0.0293 0.0044  60 CYS A CA  
457 C C   . CYS A 60 ? 0.3528 0.3084 0.4202 0.0225  -0.0314 -0.0039 60 CYS A C   
458 O O   . CYS A 60 ? 0.4733 0.4286 0.5363 0.0221  -0.0389 -0.0082 60 CYS A O   
459 C CB  . CYS A 60 ? 0.4147 0.3498 0.4450 0.0284  -0.0237 0.0067  60 CYS A CB  
460 S SG  . CYS A 60 ? 0.4297 0.3703 0.4666 0.0258  -0.0106 0.0060  60 CYS A SG  
461 N N   . ASN A 61 ? 0.3611 0.3252 0.4440 0.0194  -0.0252 -0.0054 61 ASN A N   
462 C CA  . ASN A 61 ? 0.3763 0.3498 0.4708 0.0155  -0.0256 -0.0119 61 ASN A CA  
463 C C   . ASN A 61 ? 0.3651 0.3481 0.4783 0.0149  -0.0301 -0.0154 61 ASN A C   
464 O O   . ASN A 61 ? 0.3155 0.2969 0.4319 0.0181  -0.0353 -0.0137 61 ASN A O   
465 C CB  . ASN A 61 ? 0.4268 0.4035 0.5249 0.0128  -0.0168 -0.0116 61 ASN A CB  
466 C CG  . ASN A 61 ? 0.4877 0.4682 0.5983 0.0118  -0.0132 -0.0094 61 ASN A CG  
467 O OD1 . ASN A 61 ? 0.3998 0.3770 0.5127 0.0138  -0.0150 -0.0063 61 ASN A OD1 
468 N ND2 . ASN A 61 ? 0.2523 0.2385 0.3707 0.0085  -0.0090 -0.0112 61 ASN A ND2 
469 O OXT . ASN A 61 ? 0.2400 0.2320 0.3653 0.0119  -0.0280 -0.0197 61 ASN A OXT 
470 N N   . LEU B 1  ? 0.2444 0.2462 0.4953 0.0440  -0.0047 0.0760  1  LEU B N   
471 C CA  . LEU B 1  ? 0.4902 0.4868 0.7190 0.0336  -0.0110 0.0717  1  LEU B CA  
472 C C   . LEU B 1  ? 0.4755 0.4552 0.6834 0.0325  -0.0047 0.0647  1  LEU B C   
473 O O   . LEU B 1  ? 0.4898 0.4640 0.6954 0.0370  0.0049  0.0592  1  LEU B O   
474 C CB  . LEU B 1  ? 0.2481 0.2561 0.4756 0.0267  -0.0126 0.0676  1  LEU B CB  
475 C CG  . LEU B 1  ? 0.4670 0.4700 0.6718 0.0171  -0.0174 0.0624  1  LEU B CG  
476 C CD1 . LEU B 1  ? 0.2818 0.2834 0.4810 0.0134  -0.0289 0.0686  1  LEU B CD1 
477 C CD2 . LEU B 1  ? 0.3526 0.3641 0.5553 0.0116  -0.0174 0.0568  1  LEU B CD2 
478 N N   . LYS B 2  ? 0.4166 0.3878 0.6090 0.0262  -0.0103 0.0653  2  LYS B N   
479 C CA  . LYS B 2  ? 0.4786 0.4352 0.6532 0.0229  -0.0060 0.0593  2  LYS B CA  
480 C C   . LYS B 2  ? 0.4056 0.3660 0.5659 0.0128  -0.0086 0.0550  2  LYS B C   
481 O O   . LYS B 2  ? 0.4954 0.4612 0.6519 0.0079  -0.0158 0.0591  2  LYS B O   
482 C CB  . LYS B 2  ? 0.2997 0.2416 0.4702 0.0244  -0.0084 0.0647  2  LYS B CB  
483 C CG  . LYS B 2  ? 0.5064 0.4390 0.6875 0.0351  -0.0036 0.0663  2  LYS B CG  
484 C CD  . LYS B 2  ? 0.6504 0.5627 0.8219 0.0349  -0.0041 0.0678  2  LYS B CD  
485 C CE  . LYS B 2  ? 0.7954 0.6978 0.9790 0.0465  -0.0017 0.0719  2  LYS B CE  
486 N NZ  . LYS B 2  ? 0.6507 0.5580 0.8465 0.0496  -0.0101 0.0838  2  LYS B NZ  
487 N N   . CYS B 3  ? 0.3955 0.3523 0.5472 0.0103  -0.0029 0.0468  3  CYS B N   
488 C CA  . CYS B 3  ? 0.4136 0.3739 0.5536 0.0018  -0.0040 0.0423  3  CYS B CA  
489 C C   . CYS B 3  ? 0.3882 0.3370 0.5178 -0.0021 -0.0007 0.0380  3  CYS B C   
490 O O   . CYS B 3  ? 0.5001 0.4386 0.6298 0.0018  0.0031  0.0348  3  CYS B O   
491 C CB  . CYS B 3  ? 0.3976 0.3685 0.5409 0.0014  -0.0016 0.0365  3  CYS B CB  
492 S SG  . CYS B 3  ? 0.3314 0.3169 0.4904 0.0044  -0.0058 0.0413  3  CYS B SG  
493 N N   . HIS B 4  ? 0.2495 0.1993 0.3699 -0.0097 -0.0022 0.0378  4  HIS B N   
494 C CA  . HIS B 4  ? 0.3836 0.3266 0.4977 -0.0148 0.0008  0.0332  4  HIS B CA  
495 C C   . HIS B 4  ? 0.4335 0.3806 0.5492 -0.0135 0.0039  0.0244  4  HIS B C   
496 O O   . HIS B 4  ? 0.4396 0.3979 0.5578 -0.0127 0.0038  0.0225  4  HIS B O   
497 C CB  . HIS B 4  ? 0.2539 0.2014 0.3606 -0.0229 0.0004  0.0351  4  HIS B CB  
498 C CG  . HIS B 4  ? 0.4187 0.3603 0.5202 -0.0248 -0.0022 0.0441  4  HIS B CG  
499 N ND1 . HIS B 4  ? 0.4860 0.4136 0.5875 -0.0248 -0.0023 0.0487  4  HIS B ND1 
500 C CD2 . HIS B 4  ? 0.3666 0.3130 0.4609 -0.0267 -0.0054 0.0498  4  HIS B CD2 
501 C CE1 . HIS B 4  ? 0.4857 0.4102 0.5811 -0.0267 -0.0051 0.0577  4  HIS B CE1 
502 N NE2 . HIS B 4  ? 0.4594 0.3952 0.5492 -0.0278 -0.0071 0.0584  4  HIS B NE2 
503 N N   . ASN B 5  ? 0.3478 0.2850 0.4614 -0.0133 0.0058  0.0196  5  ASN B N   
504 C CA  . ASN B 5  ? 0.4338 0.3730 0.5465 -0.0114 0.0077  0.0120  5  ASN B CA  
505 C C   . ASN B 5  ? 0.4203 0.3558 0.5293 -0.0172 0.0069  0.0062  5  ASN B C   
506 O O   . ASN B 5  ? 0.4499 0.3830 0.5560 -0.0152 0.0072  0.0001  5  ASN B O   
507 C CB  . ASN B 5  ? 0.3094 0.2406 0.4223 -0.0026 0.0106  0.0105  5  ASN B CB  
508 C CG  . ASN B 5  ? 0.4852 0.3980 0.5937 -0.0009 0.0107  0.0094  5  ASN B CG  
509 O OD1 . ASN B 5  ? 0.4216 0.3279 0.5305 -0.0047 0.0084  0.0136  5  ASN B OD1 
510 N ND2 . ASN B 5  ? 0.4083 0.3110 0.5110 0.0050  0.0134  0.0036  5  ASN B ND2 
511 N N   . LYS B 6  ? 0.4235 0.3582 0.5327 -0.0243 0.0058  0.0088  6  LYS B N   
512 C CA  . LYS B 6  ? 0.4996 0.4334 0.6097 -0.0311 0.0046  0.0048  6  LYS B CA  
513 C C   . LYS B 6  ? 0.3817 0.3280 0.4949 -0.0375 0.0062  0.0081  6  LYS B C   
514 O O   . LYS B 6  ? 0.4968 0.4482 0.6079 -0.0369 0.0074  0.0133  6  LYS B O   
515 C CB  . LYS B 6  ? 0.5805 0.4978 0.6898 -0.0339 0.0026  0.0055  6  LYS B CB  
516 C CG  . LYS B 6  ? 0.5578 0.4591 0.6619 -0.0265 0.0021  0.0030  6  LYS B CG  
517 C CD  . LYS B 6  ? 0.4305 0.3281 0.5293 -0.0233 0.0007  -0.0058 6  LYS B CD  
518 C CE  . LYS B 6  ? 0.7408 0.6206 0.8316 -0.0151 0.0018  -0.0088 6  LYS B CE  
519 N NZ  . LYS B 6  ? 0.9135 0.7864 0.9945 -0.0121 0.0002  -0.0175 6  LYS B NZ  
520 N N   . LEU B 7  ? 0.3742 0.3256 0.4925 -0.0434 0.0061  0.0051  7  LEU B N   
521 C CA  . LEU B 7  ? 0.5080 0.4711 0.6292 -0.0488 0.0097  0.0085  7  LEU B CA  
522 C C   . LEU B 7  ? 0.3731 0.3307 0.4963 -0.0559 0.0115  0.0151  7  LEU B C   
523 O O   . LEU B 7  ? 0.4644 0.4307 0.5892 -0.0605 0.0160  0.0190  7  LEU B O   
524 C CB  . LEU B 7  ? 0.5838 0.5598 0.7119 -0.0505 0.0105  0.0030  7  LEU B CB  
525 C CG  . LEU B 7  ? 0.5870 0.5615 0.7221 -0.0520 0.0063  -0.0030 7  LEU B CG  
526 C CD1 . LEU B 7  ? 0.8810 0.8494 1.0097 -0.0450 0.0027  -0.0082 7  LEU B CD1 
527 C CD2 . LEU B 7  ? 0.3638 0.3276 0.5031 -0.0581 0.0040  -0.0008 7  LEU B CD2 
528 N N   . VAL B 8  ? 0.2934 0.2355 0.4160 -0.0562 0.0084  0.0165  8  VAL B N   
529 C CA  . VAL B 8  ? 0.4990 0.4326 0.6220 -0.0618 0.0097  0.0245  8  VAL B CA  
530 C C   . VAL B 8  ? 0.5274 0.4565 0.6410 -0.0569 0.0101  0.0312  8  VAL B C   
531 O O   . VAL B 8  ? 0.3981 0.3291 0.5080 -0.0494 0.0085  0.0287  8  VAL B O   
532 C CB  . VAL B 8  ? 0.5705 0.4873 0.6978 -0.0648 0.0052  0.0225  8  VAL B CB  
533 C CG1 . VAL B 8  ? 0.4484 0.3705 0.5857 -0.0700 0.0025  0.0158  8  VAL B CG1 
534 C CG2 . VAL B 8  ? 0.5700 0.4726 0.6900 -0.0561 0.0016  0.0188  8  VAL B CG2 
535 N N   . PRO B 9  ? 0.4359 0.3598 0.5466 -0.0611 0.0120  0.0405  9  PRO B N   
536 C CA  . PRO B 9  ? 0.4814 0.4008 0.5831 -0.0562 0.0106  0.0475  9  PRO B CA  
537 C C   . PRO B 9  ? 0.5502 0.4542 0.6525 -0.0495 0.0061  0.0478  9  PRO B C   
538 O O   . PRO B 9  ? 0.4461 0.3403 0.5530 -0.0490 0.0044  0.0422  9  PRO B O   
539 C CB  . PRO B 9  ? 0.4869 0.4029 0.5840 -0.0631 0.0139  0.0580  9  PRO B CB  
540 C CG  . PRO B 9  ? 0.4518 0.3763 0.5567 -0.0714 0.0190  0.0561  9  PRO B CG  
541 C CD  . PRO B 9  ? 0.3825 0.3061 0.4980 -0.0706 0.0156  0.0459  9  PRO B CD  
542 N N   . PHE B 10 ? 0.4465 0.3484 0.5438 -0.0442 0.0038  0.0541  10 PHE B N   
543 C CA  . PHE B 10 ? 0.5412 0.4279 0.6402 -0.0377 0.0004  0.0577  10 PHE B CA  
544 C C   . PHE B 10 ? 0.5544 0.4380 0.6587 -0.0286 -0.0005 0.0503  10 PHE B C   
545 O O   . PHE B 10 ? 0.5971 0.4799 0.7037 -0.0207 -0.0023 0.0534  10 PHE B O   
546 C CB  . PHE B 10 ? 0.6059 0.4748 0.7057 -0.0426 0.0002  0.0626  10 PHE B CB  
547 C CG  . PHE B 10 ? 0.5974 0.4493 0.6985 -0.0355 -0.0031 0.0671  10 PHE B CG  
548 C CD1 . PHE B 10 ? 0.6800 0.5305 0.7777 -0.0323 -0.0059 0.0776  10 PHE B CD1 
549 C CD2 . PHE B 10 ? 0.6486 0.4849 0.7536 -0.0316 -0.0038 0.0606  10 PHE B CD2 
550 C CE1 . PHE B 10 ? 0.7045 0.5400 0.8058 -0.0248 -0.0090 0.0822  10 PHE B CE1 
551 C CE2 . PHE B 10 ? 0.6865 0.5063 0.7932 -0.0239 -0.0060 0.0643  10 PHE B CE2 
552 C CZ  . PHE B 10 ? 0.7130 0.5330 0.8193 -0.0202 -0.0084 0.0754  10 PHE B CZ  
553 N N   . LEU B 11 ? 0.4804 0.3614 0.5865 -0.0297 0.0008  0.0410  11 LEU B N   
554 C CA  . LEU B 11 ? 0.4997 0.3763 0.6071 -0.0213 0.0013  0.0335  11 LEU B CA  
555 C C   . LEU B 11 ? 0.5741 0.4650 0.6843 -0.0143 0.0023  0.0336  11 LEU B C   
556 O O   . LEU B 11 ? 0.5479 0.4545 0.6579 -0.0173 0.0023  0.0341  11 LEU B O   
557 C CB  . LEU B 11 ? 0.4333 0.3092 0.5393 -0.0248 0.0016  0.0236  11 LEU B CB  
558 C CG  . LEU B 11 ? 0.6472 0.5021 0.7507 -0.0259 -0.0006 0.0188  11 LEU B CG  
559 C CD1 . LEU B 11 ? 0.5039 0.3433 0.6084 -0.0273 -0.0020 0.0265  11 LEU B CD1 
560 C CD2 . LEU B 11 ? 0.5630 0.4202 0.6678 -0.0350 -0.0028 0.0131  11 LEU B CD2 
561 N N   . SER B 12 ? 0.4580 0.3433 0.5716 -0.0047 0.0033  0.0333  12 SER B N   
562 C CA  . SER B 12 ? 0.4040 0.3032 0.5237 0.0015  0.0045  0.0341  12 SER B CA  
563 C C   . SER B 12 ? 0.4393 0.3324 0.5620 0.0117  0.0089  0.0299  12 SER B C   
564 O O   . SER B 12 ? 0.4192 0.2948 0.5377 0.0150  0.0105  0.0265  12 SER B O   
565 C CB  . SER B 12 ? 0.3658 0.2711 0.4908 0.0030  0.0007  0.0442  12 SER B CB  
566 O OG  . SER B 12 ? 0.4557 0.3469 0.5842 0.0087  -0.0002 0.0494  12 SER B OG  
567 N N   . LYS B 13 ? 0.3160 0.2230 0.4458 0.0165  0.0110  0.0301  13 LYS B N   
568 C CA  . LYS B 13 ? 0.3948 0.2992 0.5294 0.0268  0.0170  0.0281  13 LYS B CA  
569 C C   . LYS B 13 ? 0.5212 0.4409 0.6714 0.0315  0.0166  0.0356  13 LYS B C   
570 O O   . LYS B 13 ? 0.4525 0.3854 0.6066 0.0258  0.0111  0.0399  13 LYS B O   
571 C CB  . LYS B 13 ? 0.2986 0.2055 0.4259 0.0272  0.0214  0.0199  13 LYS B CB  
572 C CG  . LYS B 13 ? 0.4957 0.4222 0.6281 0.0232  0.0204  0.0207  13 LYS B CG  
573 C CD  . LYS B 13 ? 0.6184 0.5458 0.7434 0.0242  0.0246  0.0136  13 LYS B CD  
574 C CE  . LYS B 13 ? 0.6681 0.5895 0.7933 0.0350  0.0328  0.0124  13 LYS B CE  
575 N NZ  . LYS B 13 ? 0.8068 0.7280 0.9220 0.0362  0.0370  0.0065  13 LYS B NZ  
576 N N   . THR B 14 ? 0.5277 0.4453 0.6870 0.0420  0.0222  0.0373  14 THR B N   
577 C CA  . THR B 14 ? 0.2748 0.2091 0.4531 0.0469  0.0227  0.0441  14 THR B CA  
578 C C   . THR B 14 ? 0.3276 0.2734 0.5068 0.0468  0.0280  0.0399  14 THR B C   
579 O O   . THR B 14 ? 0.3222 0.2599 0.4919 0.0507  0.0357  0.0333  14 THR B O   
580 C CB  . THR B 14 ? 0.5238 0.4524 0.7147 0.0592  0.0282  0.0481  14 THR B CB  
581 O OG1 . THR B 14 ? 0.3502 0.2674 0.5412 0.0595  0.0223  0.0530  14 THR B OG1 
582 C CG2 . THR B 14 ? 0.3923 0.3411 0.6073 0.0645  0.0296  0.0555  14 THR B CG2 
583 N N   . CYS B 15 ? 0.2484 0.2115 0.4377 0.0420  0.0236  0.0438  15 CYS B N   
584 C CA  . CYS B 15 ? 0.3642 0.3384 0.5566 0.0412  0.0279  0.0414  15 CYS B CA  
585 C C   . CYS B 15 ? 0.4148 0.3933 0.6204 0.0515  0.0382  0.0439  15 CYS B C   
586 O O   . CYS B 15 ? 0.3156 0.2990 0.5391 0.0580  0.0391  0.0507  15 CYS B O   
587 C CB  . CYS B 15 ? 0.4579 0.4480 0.6597 0.0341  0.0197  0.0453  15 CYS B CB  
588 S SG  . CYS B 15 ? 0.4966 0.4831 0.6821 0.0232  0.0097  0.0428  15 CYS B SG  
589 N N   . PRO B 16 ? 0.4128 0.3900 0.6099 0.0530  0.0460  0.0388  16 PRO B N   
590 C CA  . PRO B 16 ? 0.2461 0.2287 0.4537 0.0619  0.0578  0.0415  16 PRO B CA  
591 C C   . PRO B 16 ? 0.4302 0.4341 0.6649 0.0606  0.0558  0.0504  16 PRO B C   
592 O O   . PRO B 16 ? 0.2213 0.2343 0.4607 0.0517  0.0452  0.0521  16 PRO B O   
593 C CB  . PRO B 16 ? 0.3672 0.3448 0.5562 0.0600  0.0628  0.0347  16 PRO B CB  
594 C CG  . PRO B 16 ? 0.4811 0.4481 0.6502 0.0517  0.0540  0.0275  16 PRO B CG  
595 C CD  . PRO B 16 ? 0.2369 0.2097 0.4153 0.0455  0.0435  0.0315  16 PRO B CD  
596 N N   . GLU B 17 ? 0.3142 0.3260 0.5668 0.0695  0.0662  0.0560  17 GLU B N   
597 C CA  . GLU B 17 ? 0.4866 0.5196 0.7682 0.0680  0.0652  0.0649  17 GLU B CA  
598 C C   . GLU B 17 ? 0.3942 0.4335 0.6708 0.0585  0.0616  0.0631  17 GLU B C   
599 O O   . GLU B 17 ? 0.3963 0.4267 0.6527 0.0581  0.0675  0.0569  17 GLU B O   
600 C CB  . GLU B 17 ? 0.2427 0.2828 0.5423 0.0792  0.0805  0.0705  17 GLU B CB  
601 C CG  . GLU B 17 ? 0.4798 0.5136 0.7868 0.0902  0.0851  0.0725  17 GLU B CG  
602 C CD  . GLU B 17 ? 0.6401 0.6825 0.9671 0.1023  0.1017  0.0784  17 GLU B CD  
603 O OE1 . GLU B 17 ? 0.6572 0.6886 0.9815 0.1137  0.1100  0.0769  17 GLU B OE1 
604 O OE2 . GLU B 17 ? 0.5887 0.6483 0.9349 0.1006  0.1069  0.0848  17 GLU B OE2 
605 N N   . GLY B 18 ? 0.3662 0.4195 0.6605 0.0510  0.0509  0.0680  18 GLY B N   
606 C CA  . GLY B 18 ? 0.3629 0.4216 0.6550 0.0423  0.0470  0.0664  18 GLY B CA  
607 C C   . GLY B 18 ? 0.4247 0.4764 0.6977 0.0330  0.0345  0.0598  18 GLY B C   
608 O O   . GLY B 18 ? 0.3912 0.4489 0.6675 0.0254  0.0272  0.0596  18 GLY B O   
609 N N   . LYS B 19 ? 0.4894 0.5277 0.7427 0.0340  0.0328  0.0544  19 LYS B N   
610 C CA  . LYS B 19 ? 0.4038 0.4363 0.6401 0.0258  0.0226  0.0488  19 LYS B CA  
611 C C   . LYS B 19 ? 0.3445 0.3779 0.5852 0.0238  0.0123  0.0527  19 LYS B C   
612 O O   . LYS B 19 ? 0.4743 0.4986 0.7078 0.0272  0.0127  0.0526  19 LYS B O   
613 C CB  . LYS B 19 ? 0.3557 0.3731 0.5671 0.0264  0.0270  0.0406  19 LYS B CB  
614 C CG  . LYS B 19 ? 0.2234 0.2374 0.4268 0.0294  0.0365  0.0371  19 LYS B CG  
615 C CD  . LYS B 19 ? 0.3580 0.3575 0.5374 0.0284  0.0373  0.0287  19 LYS B CD  
616 C CE  . LYS B 19 ? 0.5108 0.5058 0.6796 0.0313  0.0448  0.0254  19 LYS B CE  
617 N NZ  . LYS B 19 ? 0.5466 0.5293 0.6937 0.0289  0.0427  0.0171  19 LYS B NZ  
618 N N   . ASN B 20 ? 0.4100 0.4535 0.6616 0.0181  0.0023  0.0561  20 ASN B N   
619 C CA  . ASN B 20 ? 0.3800 0.4247 0.6345 0.0160  -0.0091 0.0605  20 ASN B CA  
620 C C   . ASN B 20 ? 0.4779 0.5176 0.7128 0.0075  -0.0185 0.0558  20 ASN B C   
621 O O   . ASN B 20 ? 0.2220 0.2645 0.4585 0.0038  -0.0299 0.0592  20 ASN B O   
622 C CB  . ASN B 20 ? 0.4201 0.4795 0.7026 0.0165  -0.0153 0.0690  20 ASN B CB  
623 C CG  . ASN B 20 ? 0.5299 0.5963 0.8351 0.0257  -0.0044 0.0748  20 ASN B CG  
624 O OD1 . ASN B 20 ? 0.4411 0.5012 0.7457 0.0336  0.0016  0.0763  20 ASN B OD1 
625 N ND2 . ASN B 20 ? 0.4927 0.5718 0.8181 0.0250  -0.0014 0.0782  20 ASN B ND2 
626 N N   . LEU B 21 ? 0.3598 0.3924 0.5763 0.0046  -0.0137 0.0479  21 LEU B N   
627 C CA  . LEU B 21 ? 0.4804 0.5076 0.6773 -0.0021 -0.0196 0.0430  21 LEU B CA  
628 C C   . LEU B 21 ? 0.4426 0.4590 0.6220 -0.0018 -0.0133 0.0381  21 LEU B C   
629 O O   . LEU B 21 ? 0.4835 0.4964 0.6615 0.0014  -0.0050 0.0347  21 LEU B O   
630 C CB  . LEU B 21 ? 0.2279 0.2590 0.4225 -0.0073 -0.0218 0.0378  21 LEU B CB  
631 C CG  . LEU B 21 ? 0.4849 0.5247 0.6941 -0.0103 -0.0306 0.0412  21 LEU B CG  
632 C CD1 . LEU B 21 ? 0.3751 0.4153 0.5807 -0.0145 -0.0304 0.0351  21 LEU B CD1 
633 C CD2 . LEU B 21 ? 0.4487 0.4875 0.6520 -0.0138 -0.0429 0.0439  21 LEU B CD2 
634 N N   . CYS B 22 ? 0.3526 0.3633 0.5181 -0.0055 -0.0176 0.0382  22 CYS B N   
635 C CA  . CYS B 22 ? 0.2061 0.2083 0.3562 -0.0076 -0.0128 0.0333  22 CYS B CA  
636 C C   . CYS B 22 ? 0.4158 0.4207 0.5568 -0.0127 -0.0127 0.0266  22 CYS B C   
637 O O   . CYS B 22 ? 0.3773 0.3872 0.5181 -0.0156 -0.0184 0.0262  22 CYS B O   
638 C CB  . CYS B 22 ? 0.2181 0.2133 0.3585 -0.0095 -0.0161 0.0377  22 CYS B CB  
639 S SG  . CYS B 22 ? 0.2564 0.2460 0.4068 -0.0030 -0.0171 0.0462  22 CYS B SG  
640 N N   . TYR B 23 ? 0.3480 0.3494 0.4825 -0.0136 -0.0070 0.0211  23 TYR B N   
641 C CA  . TYR B 23 ? 0.4353 0.4394 0.5626 -0.0176 -0.0065 0.0150  23 TYR B CA  
642 C C   . TYR B 23 ? 0.4576 0.4571 0.5751 -0.0207 -0.0029 0.0125  23 TYR B C   
643 O O   . TYR B 23 ? 0.3884 0.3818 0.5061 -0.0197 -0.0003 0.0138  23 TYR B O   
644 C CB  . TYR B 23 ? 0.2688 0.2763 0.4023 -0.0158 -0.0036 0.0106  23 TYR B CB  
645 C CG  . TYR B 23 ? 0.4055 0.4083 0.5376 -0.0135 0.0019  0.0077  23 TYR B CG  
646 C CD1 . TYR B 23 ? 0.4063 0.4053 0.5431 -0.0084 0.0050  0.0101  23 TYR B CD1 
647 C CD2 . TYR B 23 ? 0.2535 0.2554 0.3797 -0.0161 0.0037  0.0023  23 TYR B CD2 
648 C CE1 . TYR B 23 ? 0.4881 0.4803 0.6201 -0.0063 0.0090  0.0065  23 TYR B CE1 
649 C CE2 . TYR B 23 ? 0.4806 0.4775 0.6050 -0.0145 0.0065  -0.0005 23 TYR B CE2 
650 C CZ  . TYR B 23 ? 0.5630 0.5540 0.6886 -0.0097 0.0087  0.0013  23 TYR B CZ  
651 O OH  . TYR B 23 ? 0.5737 0.5575 0.6943 -0.0079 0.0107  -0.0024 23 TYR B OH  
652 N N   . LYS B 24 ? 0.4079 0.4102 0.5180 -0.0245 -0.0027 0.0089  24 LYS B N   
653 C CA  . LYS B 24 ? 0.3965 0.3976 0.5011 -0.0277 0.0017  0.0067  24 LYS B CA  
654 C C   . LYS B 24 ? 0.4265 0.4332 0.5307 -0.0286 0.0038  0.0000  24 LYS B C   
655 O O   . LYS B 24 ? 0.4662 0.4755 0.5662 -0.0289 0.0018  -0.0019 24 LYS B O   
656 C CB  . LYS B 24 ? 0.2654 0.2639 0.3596 -0.0311 0.0017  0.0111  24 LYS B CB  
657 C CG  . LYS B 24 ? 0.4134 0.4128 0.5042 -0.0351 0.0077  0.0096  24 LYS B CG  
658 C CD  . LYS B 24 ? 0.2798 0.2749 0.3600 -0.0387 0.0093  0.0160  24 LYS B CD  
659 C CE  . LYS B 24 ? 0.4033 0.3994 0.4695 -0.0390 0.0072  0.0166  24 LYS B CE  
660 N NZ  . LYS B 24 ? 0.3448 0.3362 0.3977 -0.0423 0.0094  0.0236  24 LYS B NZ  
661 N N   . MET B 25 ? 0.3533 0.3609 0.4623 -0.0288 0.0070  -0.0035 25 MET B N   
662 C CA  . MET B 25 ? 0.2623 0.2756 0.3732 -0.0291 0.0092  -0.0092 25 MET B CA  
663 C C   . MET B 25 ? 0.2712 0.2873 0.3803 -0.0328 0.0138  -0.0095 25 MET B C   
664 O O   . MET B 25 ? 0.4167 0.4304 0.5281 -0.0353 0.0153  -0.0068 25 MET B O   
665 C CB  . MET B 25 ? 0.2055 0.2191 0.3239 -0.0267 0.0088  -0.0125 25 MET B CB  
666 C CG  . MET B 25 ? 0.4381 0.4500 0.5589 -0.0229 0.0061  -0.0118 25 MET B CG  
667 S SD  . MET B 25 ? 0.7095 0.7210 0.8348 -0.0199 0.0060  -0.0153 25 MET B SD  
668 C CE  . MET B 25 ? 0.5618 0.5713 0.6895 -0.0160 0.0052  -0.0119 25 MET B CE  
669 N N   . THR B 26 ? 0.4075 0.4286 0.5133 -0.0330 0.0167  -0.0128 26 THR B N   
670 C CA  . THR B 26 ? 0.4282 0.4545 0.5350 -0.0358 0.0232  -0.0133 26 THR B CA  
671 C C   . THR B 26 ? 0.3446 0.3778 0.4580 -0.0332 0.0256  -0.0197 26 THR B C   
672 O O   . THR B 26 ? 0.3280 0.3599 0.4405 -0.0298 0.0223  -0.0234 26 THR B O   
673 C CB  . THR B 26 ? 0.4632 0.4878 0.5555 -0.0376 0.0266  -0.0103 26 THR B CB  
674 O OG1 . THR B 26 ? 0.3811 0.4034 0.4636 -0.0348 0.0233  -0.0136 26 THR B OG1 
675 C CG2 . THR B 26 ? 0.2988 0.3165 0.3853 -0.0401 0.0243  -0.0027 26 THR B CG2 
676 N N   . LEU B 27 ? 0.2794 0.3199 0.4014 -0.0348 0.0312  -0.0204 27 LEU B N   
677 C CA  . LEU B 27 ? 0.4100 0.4578 0.5379 -0.0317 0.0351  -0.0260 27 LEU B CA  
678 C C   . LEU B 27 ? 0.4575 0.5037 0.5705 -0.0304 0.0403  -0.0276 27 LEU B C   
679 O O   . LEU B 27 ? 0.4104 0.4553 0.5136 -0.0333 0.0448  -0.0234 27 LEU B O   
680 C CB  . LEU B 27 ? 0.2730 0.3309 0.4170 -0.0337 0.0402  -0.0254 27 LEU B CB  
681 C CG  . LEU B 27 ? 0.3832 0.4423 0.5416 -0.0352 0.0340  -0.0250 27 LEU B CG  
682 C CD1 . LEU B 27 ? 0.2657 0.3369 0.4426 -0.0376 0.0385  -0.0246 27 LEU B CD1 
683 C CD2 . LEU B 27 ? 0.2445 0.3007 0.4044 -0.0303 0.0272  -0.0292 27 LEU B CD2 
684 N N   . MET B 28 ? 0.4696 0.5144 0.5794 -0.0260 0.0392  -0.0337 28 MET B N   
685 C CA  . MET B 28 ? 0.4636 0.5039 0.5561 -0.0242 0.0429  -0.0369 28 MET B CA  
686 C C   . MET B 28 ? 0.4973 0.5436 0.5859 -0.0251 0.0546  -0.0357 28 MET B C   
687 O O   . MET B 28 ? 0.5010 0.5418 0.5700 -0.0258 0.0580  -0.0345 28 MET B O   
688 C CB  . MET B 28 ? 0.4584 0.4957 0.5509 -0.0192 0.0404  -0.0447 28 MET B CB  
689 C CG  . MET B 28 ? 0.6216 0.6506 0.7116 -0.0191 0.0296  -0.0448 28 MET B CG  
690 S SD  . MET B 28 ? 1.2466 1.2678 1.3317 -0.0148 0.0261  -0.0532 28 MET B SD  
691 C CE  . MET B 28 ? 0.5447 0.5580 0.6277 -0.0176 0.0139  -0.0499 28 MET B CE  
692 N N   . LYS B 29 ? 0.3752 0.4325 0.4826 -0.0250 0.0606  -0.0352 29 LYS B N   
693 C CA  . LYS B 29 ? 0.7009 0.7663 0.8096 -0.0258 0.0732  -0.0331 29 LYS B CA  
694 C C   . LYS B 29 ? 0.7269 0.7931 0.8338 -0.0327 0.0762  -0.0240 29 LYS B C   
695 O O   . LYS B 29 ? 0.8089 0.8794 0.9113 -0.0342 0.0873  -0.0205 29 LYS B O   
696 C CB  . LYS B 29 ? 0.8130 0.8920 0.9464 -0.0231 0.0785  -0.0359 29 LYS B CB  
697 C CG  . LYS B 29 ? 0.8869 0.9648 1.0191 -0.0151 0.0801  -0.0447 29 LYS B CG  
698 C CD  . LYS B 29 ? 1.0031 1.0949 1.1627 -0.0116 0.0836  -0.0467 29 LYS B CD  
699 C CE  . LYS B 29 ? 1.0764 1.1660 1.2338 -0.0029 0.0873  -0.0553 29 LYS B CE  
700 N NZ  . LYS B 29 ? 1.0760 1.1780 1.2616 0.0016  0.0879  -0.0571 29 LYS B NZ  
701 N N   . MET B 30 ? 0.6369 0.6977 0.7466 -0.0365 0.0667  -0.0199 30 MET B N   
702 C CA  . MET B 30 ? 0.4488 0.5077 0.5578 -0.0428 0.0679  -0.0113 30 MET B CA  
703 C C   . MET B 30 ? 0.4113 0.4575 0.5050 -0.0438 0.0589  -0.0079 30 MET B C   
704 O O   . MET B 30 ? 0.3970 0.4397 0.4990 -0.0455 0.0515  -0.0060 30 MET B O   
705 C CB  . MET B 30 ? 0.5634 0.6288 0.6965 -0.0465 0.0652  -0.0092 30 MET B CB  
706 C CG  . MET B 30 ? 0.4346 0.5144 0.5893 -0.0453 0.0710  -0.0123 30 MET B CG  
707 S SD  . MET B 30 ? 2.6653 2.7559 2.8279 -0.0503 0.0859  -0.0052 30 MET B SD  
708 C CE  . MET B 30 ? 1.5521 1.6343 1.7162 -0.0590 0.0800  0.0037  30 MET B CE  
709 N N   . PRO B 31 ? 0.4312 0.4703 0.5024 -0.0425 0.0594  -0.0074 31 PRO B N   
710 C CA  . PRO B 31 ? 0.4762 0.5045 0.5349 -0.0430 0.0497  -0.0040 31 PRO B CA  
711 C C   . PRO B 31 ? 0.4978 0.5214 0.5578 -0.0476 0.0483  0.0052  31 PRO B C   
712 O O   . PRO B 31 ? 0.6483 0.6645 0.7052 -0.0473 0.0397  0.0080  31 PRO B O   
713 C CB  . PRO B 31 ? 0.4146 0.4369 0.4482 -0.0411 0.0509  -0.0053 31 PRO B CB  
714 C CG  . PRO B 31 ? 0.4387 0.4673 0.4686 -0.0410 0.0645  -0.0062 31 PRO B CG  
715 C CD  . PRO B 31 ? 0.4820 0.5222 0.5379 -0.0401 0.0686  -0.0102 31 PRO B CD  
716 N N   . LYS B 32 ? 0.5000 0.5281 0.5664 -0.0518 0.0568  0.0100  32 LYS B N   
717 C CA  . LYS B 32 ? 0.4689 0.4909 0.5358 -0.0569 0.0563  0.0194  32 LYS B CA  
718 C C   . LYS B 32 ? 0.5759 0.5960 0.6613 -0.0586 0.0499  0.0194  32 LYS B C   
719 O O   . LYS B 32 ? 0.5284 0.5401 0.6137 -0.0617 0.0472  0.0261  32 LYS B O   
720 C CB  . LYS B 32 ? 0.4469 0.4740 0.5143 -0.0617 0.0684  0.0254  32 LYS B CB  
721 C CG  . LYS B 32 ? 0.7188 0.7439 0.7618 -0.0603 0.0759  0.0277  32 LYS B CG  
722 C CD  . LYS B 32 ? 0.7284 0.7400 0.7504 -0.0616 0.0705  0.0359  32 LYS B CD  
723 C CE  . LYS B 32 ? 0.8537 0.8613 0.8468 -0.0600 0.0765  0.0376  32 LYS B CE  
724 N NZ  . LYS B 32 ? 0.9216 0.9209 0.8960 -0.0554 0.0650  0.0331  32 LYS B NZ  
725 N N   . ILE B 33 ? 0.5083 0.5348 0.6081 -0.0562 0.0473  0.0120  33 ILE B N   
726 C CA  . ILE B 33 ? 0.3486 0.3725 0.4634 -0.0574 0.0413  0.0109  33 ILE B CA  
727 C C   . ILE B 33 ? 0.3257 0.3451 0.4394 -0.0521 0.0329  0.0057  33 ILE B C   
728 O O   . ILE B 33 ? 0.4952 0.5205 0.6123 -0.0484 0.0321  -0.0005 33 ILE B O   
729 C CB  . ILE B 33 ? 0.3536 0.3881 0.4876 -0.0598 0.0444  0.0074  33 ILE B CB  
730 C CG1 . ILE B 33 ? 0.4029 0.4438 0.5425 -0.0657 0.0539  0.0136  33 ILE B CG1 
731 C CG2 . ILE B 33 ? 0.3023 0.3319 0.4481 -0.0611 0.0364  0.0055  33 ILE B CG2 
732 C CD1 . ILE B 33 ? 0.3163 0.3685 0.4793 -0.0692 0.0557  0.0118  33 ILE B CD1 
733 N N   . PRO B 34 ? 0.3168 0.3257 0.4267 -0.0513 0.0274  0.0090  34 PRO B N   
734 C CA  . PRO B 34 ? 0.2871 0.2923 0.3979 -0.0461 0.0211  0.0052  34 PRO B CA  
735 C C   . PRO B 34 ? 0.3623 0.3687 0.4845 -0.0460 0.0191  0.0001  34 PRO B C   
736 O O   . PRO B 34 ? 0.3909 0.3944 0.5196 -0.0503 0.0192  0.0015  34 PRO B O   
737 C CB  . PRO B 34 ? 0.2486 0.2425 0.3547 -0.0454 0.0176  0.0109  34 PRO B CB  
738 C CG  . PRO B 34 ? 0.3842 0.3752 0.4845 -0.0503 0.0213  0.0181  34 PRO B CG  
739 C CD  . PRO B 34 ? 0.2825 0.2823 0.3892 -0.0550 0.0275  0.0166  34 PRO B CD  
740 N N   . ILE B 35 ? 0.3108 0.3208 0.4353 -0.0418 0.0168  -0.0053 35 ILE B N   
741 C CA  . ILE B 35 ? 0.2879 0.2979 0.4205 -0.0413 0.0137  -0.0097 35 ILE B CA  
742 C C   . ILE B 35 ? 0.3614 0.3616 0.4894 -0.0369 0.0094  -0.0106 35 ILE B C   
743 O O   . ILE B 35 ? 0.4278 0.4230 0.5577 -0.0365 0.0062  -0.0137 35 ILE B O   
744 C CB  . ILE B 35 ? 0.4843 0.5047 0.6232 -0.0395 0.0145  -0.0145 35 ILE B CB  
745 C CG1 . ILE B 35 ? 0.1827 0.2037 0.3158 -0.0344 0.0137  -0.0164 35 ILE B CG1 
746 C CG2 . ILE B 35 ? 0.2917 0.3222 0.4365 -0.0431 0.0206  -0.0138 35 ILE B CG2 
747 C CD1 . ILE B 35 ? 0.2251 0.2535 0.3639 -0.0320 0.0139  -0.0211 35 ILE B CD1 
748 N N   . LYS B 36 ? 0.4810 0.4786 0.6029 -0.0335 0.0096  -0.0081 36 LYS B N   
749 C CA  . LYS B 36 ? 0.5324 0.5225 0.6514 -0.0284 0.0076  -0.0081 36 LYS B CA  
750 C C   . LYS B 36 ? 0.2725 0.2616 0.3888 -0.0263 0.0079  -0.0030 36 LYS B C   
751 O O   . LYS B 36 ? 0.4451 0.4405 0.5603 -0.0269 0.0078  -0.0019 36 LYS B O   
752 C CB  . LYS B 36 ? 0.3914 0.3850 0.5118 -0.0246 0.0067  -0.0122 36 LYS B CB  
753 C CG  . LYS B 36 ? 0.5133 0.4998 0.6301 -0.0190 0.0065  -0.0119 36 LYS B CG  
754 C CD  . LYS B 36 ? 0.3801 0.3688 0.4967 -0.0160 0.0059  -0.0152 36 LYS B CD  
755 C CE  . LYS B 36 ? 0.4184 0.4032 0.5324 -0.0102 0.0081  -0.0130 36 LYS B CE  
756 N NZ  . LYS B 36 ? 0.3548 0.3283 0.4626 -0.0070 0.0096  -0.0128 36 LYS B NZ  
757 N N   . ARG B 37 ? 0.3362 0.3162 0.4511 -0.0236 0.0074  -0.0001 37 ARG B N   
758 C CA  . ARG B 37 ? 0.5360 0.5150 0.6510 -0.0211 0.0067  0.0056  37 ARG B CA  
759 C C   . ARG B 37 ? 0.4050 0.3772 0.5222 -0.0148 0.0075  0.0065  37 ARG B C   
760 O O   . ARG B 37 ? 0.5739 0.5378 0.6885 -0.0130 0.0087  0.0032  37 ARG B O   
761 C CB  . ARG B 37 ? 0.3904 0.3648 0.5022 -0.0249 0.0062  0.0109  37 ARG B CB  
762 C CG  . ARG B 37 ? 0.4670 0.4483 0.5749 -0.0302 0.0069  0.0116  37 ARG B CG  
763 C CD  . ARG B 37 ? 0.4307 0.4070 0.5330 -0.0326 0.0063  0.0188  37 ARG B CD  
764 N NE  . ARG B 37 ? 0.3787 0.3460 0.4819 -0.0357 0.0077  0.0210  37 ARG B NE  
765 C CZ  . ARG B 37 ? 0.4388 0.4013 0.5372 -0.0396 0.0085  0.0277  37 ARG B CZ  
766 N NH1 . ARG B 37 ? 0.4545 0.4202 0.5445 -0.0404 0.0077  0.0325  37 ARG B NH1 
767 N NH2 . ARG B 37 ? 0.3838 0.3370 0.4847 -0.0431 0.0095  0.0297  37 ARG B NH2 
768 N N   . GLY B 38 ? 0.3733 0.3489 0.4953 -0.0111 0.0067  0.0111  38 GLY B N   
769 C CA  . GLY B 38 ? 0.3939 0.3650 0.5204 -0.0041 0.0092  0.0129  38 GLY B CA  
770 C C   . GLY B 38 ? 0.4930 0.4732 0.6296 -0.0010 0.0079  0.0179  38 GLY B C   
771 O O   . GLY B 38 ? 0.4076 0.3946 0.5460 -0.0046 0.0034  0.0208  38 GLY B O   
772 N N   . CYS B 39 ? 0.4816 0.4618 0.6247 0.0055  0.0122  0.0188  39 CYS B N   
773 C CA  . CYS B 39 ? 0.3591 0.3490 0.5161 0.0085  0.0117  0.0242  39 CYS B CA  
774 C C   . CYS B 39 ? 0.3131 0.3105 0.4733 0.0078  0.0136  0.0219  39 CYS B C   
775 O O   . CYS B 39 ? 0.3859 0.3791 0.5373 0.0080  0.0170  0.0167  39 CYS B O   
776 C CB  . CYS B 39 ? 0.2832 0.2695 0.4485 0.0169  0.0170  0.0280  39 CYS B CB  
777 S SG  . CYS B 39 ? 0.4821 0.4566 0.6450 0.0194  0.0152  0.0313  39 CYS B SG  
778 N N   . THR B 40 ? 0.4288 0.4368 0.6018 0.0069  0.0104  0.0263  40 THR B N   
779 C CA  . THR B 40 ? 0.3695 0.3843 0.5480 0.0058  0.0119  0.0255  40 THR B CA  
780 C C   . THR B 40 ? 0.5466 0.5720 0.7452 0.0068  0.0098  0.0326  40 THR B C   
781 O O   . THR B 40 ? 0.3690 0.3975 0.5753 0.0067  0.0042  0.0372  40 THR B O   
782 C CB  . THR B 40 ? 0.4107 0.4263 0.5805 -0.0009 0.0068  0.0202  40 THR B CB  
783 O OG1 . THR B 40 ? 0.4093 0.4288 0.5835 -0.0013 0.0086  0.0192  40 THR B OG1 
784 C CG2 . THR B 40 ? 0.3756 0.3954 0.5475 -0.0055 -0.0020 0.0222  40 THR B CG2 
785 N N   . ASP B 41 ? 0.4654 0.4965 0.6733 0.0077  0.0137  0.0343  41 ASP B N   
786 C CA  . ASP B 41 ? 0.4521 0.4949 0.6826 0.0071  0.0110  0.0414  41 ASP B CA  
787 C C   . ASP B 41 ? 0.4329 0.4797 0.6657 -0.0008 0.0010  0.0399  41 ASP B C   
788 O O   . ASP B 41 ? 0.5016 0.5536 0.7436 -0.0041 -0.0084 0.0431  41 ASP B O   
789 C CB  . ASP B 41 ? 0.3713 0.4189 0.6149 0.0125  0.0217  0.0463  41 ASP B CB  
790 C CG  . ASP B 41 ? 0.9303 0.9750 1.1657 0.0109  0.0263  0.0432  41 ASP B CG  
791 O OD1 . ASP B 41 ? 1.1827 1.2353 1.4340 0.0108  0.0300  0.0488  41 ASP B OD1 
792 O OD2 . ASP B 41 ? 0.9015 0.9368 1.1165 0.0099  0.0264  0.0360  41 ASP B OD2 
793 N N   . ALA B 42 ? 0.3582 0.4016 0.5817 -0.0036 0.0022  0.0347  42 ALA B N   
794 C CA  . ALA B 42 ? 0.4736 0.5172 0.6952 -0.0104 -0.0068 0.0314  42 ALA B CA  
795 C C   . ALA B 42 ? 0.4747 0.5102 0.6745 -0.0124 -0.0086 0.0232  42 ALA B C   
796 O O   . ALA B 42 ? 0.2607 0.2909 0.4493 -0.0097 -0.0022 0.0198  42 ALA B O   
797 C CB  . ALA B 42 ? 0.2101 0.2560 0.4405 -0.0120 -0.0044 0.0323  42 ALA B CB  
798 N N   . CYS B 43 ? 0.5284 0.5627 0.7220 -0.0170 -0.0173 0.0204  43 CYS B N   
799 C CA  . CYS B 43 ? 0.4816 0.5096 0.6560 -0.0188 -0.0177 0.0135  43 CYS B CA  
800 C C   . CYS B 43 ? 0.4849 0.5099 0.6534 -0.0190 -0.0140 0.0076  43 CYS B C   
801 O O   . CYS B 43 ? 0.4607 0.4860 0.6342 -0.0212 -0.0170 0.0062  43 CYS B O   
802 C CB  . CYS B 43 ? 0.2783 0.3049 0.4450 -0.0232 -0.0270 0.0117  43 CYS B CB  
803 S SG  . CYS B 43 ? 0.3310 0.3512 0.4748 -0.0244 -0.0249 0.0057  43 CYS B SG  
804 N N   . PRO B 44 ? 0.5258 0.5474 0.6846 -0.0170 -0.0083 0.0042  44 PRO B N   
805 C CA  . PRO B 44 ? 0.5048 0.5239 0.6587 -0.0167 -0.0056 -0.0011 44 PRO B CA  
806 C C   . PRO B 44 ? 0.4476 0.4655 0.5956 -0.0199 -0.0098 -0.0068 44 PRO B C   
807 O O   . PRO B 44 ? 0.6139 0.6310 0.7546 -0.0221 -0.0132 -0.0081 44 PRO B O   
808 C CB  . PRO B 44 ? 0.4209 0.4373 0.5664 -0.0150 -0.0011 -0.0032 44 PRO B CB  
809 C CG  . PRO B 44 ? 0.4160 0.4317 0.5638 -0.0128 0.0006  0.0019  44 PRO B CG  
810 C CD  . PRO B 44 ? 0.3255 0.3448 0.4791 -0.0149 -0.0048 0.0058  44 PRO B CD  
811 N N   . LYS B 45 ? 0.4211 0.4373 0.5708 -0.0195 -0.0095 -0.0100 45 LYS B N   
812 C CA  . LYS B 45 ? 0.5094 0.5228 0.6539 -0.0212 -0.0126 -0.0162 45 LYS B CA  
813 C C   . LYS B 45 ? 0.4035 0.4168 0.5382 -0.0204 -0.0089 -0.0213 45 LYS B C   
814 O O   . LYS B 45 ? 0.3175 0.3324 0.4524 -0.0185 -0.0047 -0.0211 45 LYS B O   
815 C CB  . LYS B 45 ? 0.7119 0.7225 0.8626 -0.0203 -0.0131 -0.0175 45 LYS B CB  
816 C CG  . LYS B 45 ? 0.9418 0.9534 1.1034 -0.0191 -0.0114 -0.0110 45 LYS B CG  
817 C CD  . LYS B 45 ? 1.0456 1.0576 1.2066 -0.0153 -0.0052 -0.0081 45 LYS B CD  
818 C CE  . LYS B 45 ? 0.5830 0.5971 0.7403 -0.0133 -0.0014 -0.0055 45 LYS B CE  
819 N NZ  . LYS B 45 ? 0.4870 0.4983 0.6399 -0.0096 0.0031  -0.0049 45 LYS B NZ  
820 N N   . SER B 46 ? 0.3501 0.3613 0.4762 -0.0218 -0.0106 -0.0262 46 SER B N   
821 C CA  . SER B 46 ? 0.4043 0.4168 0.5238 -0.0207 -0.0056 -0.0311 46 SER B CA  
822 C C   . SER B 46 ? 0.4018 0.4140 0.5269 -0.0176 -0.0037 -0.0352 46 SER B C   
823 O O   . SER B 46 ? 0.5920 0.6010 0.7232 -0.0168 -0.0067 -0.0350 46 SER B O   
824 C CB  . SER B 46 ? 0.2867 0.2961 0.3932 -0.0221 -0.0066 -0.0351 46 SER B CB  
825 O OG  . SER B 46 ? 0.5923 0.6020 0.6920 -0.0246 -0.0080 -0.0305 46 SER B OG  
826 N N   . SER B 47 ? 0.2997 0.3159 0.4247 -0.0161 0.0012  -0.0380 47 SER B N   
827 C CA  . SER B 47 ? 0.2927 0.3094 0.4238 -0.0126 0.0026  -0.0422 47 SER B CA  
828 C C   . SER B 47 ? 0.3869 0.4056 0.5133 -0.0112 0.0075  -0.0480 47 SER B C   
829 O O   . SER B 47 ? 0.4232 0.4418 0.5394 -0.0134 0.0097  -0.0485 47 SER B O   
830 C CB  . SER B 47 ? 0.2780 0.2990 0.4171 -0.0111 0.0036  -0.0397 47 SER B CB  
831 O OG  . SER B 47 ? 0.4209 0.4482 0.5608 -0.0122 0.0076  -0.0398 47 SER B OG  
832 N N   . LEU B 48 ? 0.1921 0.2123 0.3256 -0.0072 0.0095  -0.0521 48 LEU B N   
833 C CA  . LEU B 48 ? 0.4355 0.4592 0.5674 -0.0047 0.0161  -0.0574 48 LEU B CA  
834 C C   . LEU B 48 ? 0.3159 0.3492 0.4495 -0.0067 0.0223  -0.0549 48 LEU B C   
835 O O   . LEU B 48 ? 0.4960 0.5321 0.6246 -0.0059 0.0293  -0.0578 48 LEU B O   
836 C CB  . LEU B 48 ? 0.4449 0.4700 0.5887 0.0010  0.0169  -0.0611 48 LEU B CB  
837 C CG  . LEU B 48 ? 0.6592 0.6737 0.8008 0.0045  0.0137  -0.0661 48 LEU B CG  
838 C CD1 . LEU B 48 ? 0.8323 0.8486 0.9772 0.0106  0.0202  -0.0730 48 LEU B CD1 
839 C CD2 . LEU B 48 ? 0.8922 0.8967 1.0191 0.0010  0.0100  -0.0677 48 LEU B CD2 
840 N N   . LEU B 49 ? 0.2809 0.3182 0.4211 -0.0094 0.0201  -0.0495 49 LEU B N   
841 C CA  . LEU B 49 ? 0.3815 0.4270 0.5261 -0.0123 0.0248  -0.0465 49 LEU B CA  
842 C C   . LEU B 49 ? 0.3648 0.4073 0.5003 -0.0172 0.0238  -0.0414 49 LEU B C   
843 O O   . LEU B 49 ? 0.3850 0.4319 0.5205 -0.0203 0.0284  -0.0387 49 LEU B O   
844 C CB  . LEU B 49 ? 0.2349 0.2866 0.3950 -0.0117 0.0222  -0.0451 49 LEU B CB  
845 C CG  . LEU B 49 ? 0.2916 0.3497 0.4651 -0.0069 0.0238  -0.0489 49 LEU B CG  
846 C CD1 . LEU B 49 ? 0.3207 0.3833 0.5077 -0.0068 0.0182  -0.0467 49 LEU B CD1 
847 C CD2 . LEU B 49 ? 0.2120 0.2790 0.3898 -0.0064 0.0334  -0.0509 49 LEU B CD2 
848 N N   . VAL B 50 ? 0.4151 0.4503 0.5446 -0.0178 0.0180  -0.0393 50 VAL B N   
849 C CA  . VAL B 50 ? 0.2487 0.2808 0.3724 -0.0212 0.0161  -0.0339 50 VAL B CA  
850 C C   . VAL B 50 ? 0.3791 0.4053 0.4911 -0.0221 0.0132  -0.0332 50 VAL B C   
851 O O   . VAL B 50 ? 0.5340 0.5561 0.6457 -0.0205 0.0088  -0.0351 50 VAL B O   
852 C CB  . VAL B 50 ? 0.3996 0.4296 0.5294 -0.0209 0.0120  -0.0309 50 VAL B CB  
853 C CG1 . VAL B 50 ? 0.4210 0.4464 0.5453 -0.0229 0.0101  -0.0257 50 VAL B CG1 
854 C CG2 . VAL B 50 ? 0.3088 0.3435 0.4478 -0.0213 0.0131  -0.0313 50 VAL B CG2 
855 N N   . LYS B 51 ? 0.3145 0.3395 0.4174 -0.0249 0.0147  -0.0298 51 LYS B N   
856 C CA  . LYS B 51 ? 0.3116 0.3310 0.4039 -0.0261 0.0098  -0.0276 51 LYS B CA  
857 C C   . LYS B 51 ? 0.3160 0.3338 0.4127 -0.0272 0.0059  -0.0211 51 LYS B C   
858 O O   . LYS B 51 ? 0.3564 0.3753 0.4569 -0.0282 0.0085  -0.0178 51 LYS B O   
859 C CB  . LYS B 51 ? 0.3004 0.3183 0.3773 -0.0279 0.0134  -0.0273 51 LYS B CB  
860 C CG  . LYS B 51 ? 0.6701 0.6817 0.7345 -0.0296 0.0069  -0.0238 51 LYS B CG  
861 C CD  . LYS B 51 ? 0.9748 0.9821 1.0377 -0.0286 -0.0007 -0.0279 51 LYS B CD  
862 C CE  . LYS B 51 ? 1.1413 1.1462 1.1969 -0.0265 0.0025  -0.0365 51 LYS B CE  
863 N NZ  . LYS B 51 ? 1.1408 1.1396 1.1968 -0.0260 -0.0058 -0.0406 51 LYS B NZ  
864 N N   . VAL B 52 ? 0.4871 0.5020 0.5846 -0.0268 -0.0006 -0.0192 52 VAL B N   
865 C CA  . VAL B 52 ? 0.4119 0.4259 0.5148 -0.0268 -0.0037 -0.0128 52 VAL B CA  
866 C C   . VAL B 52 ? 0.5100 0.5213 0.6060 -0.0283 -0.0099 -0.0088 52 VAL B C   
867 O O   . VAL B 52 ? 0.5729 0.5832 0.6686 -0.0288 -0.0158 -0.0102 52 VAL B O   
868 C CB  . VAL B 52 ? 0.3141 0.3291 0.4293 -0.0243 -0.0054 -0.0121 52 VAL B CB  
869 C CG1 . VAL B 52 ? 0.3097 0.3242 0.4310 -0.0228 -0.0055 -0.0059 52 VAL B CG1 
870 C CG2 . VAL B 52 ? 0.1778 0.1943 0.2975 -0.0225 -0.0015 -0.0164 52 VAL B CG2 
871 N N   . VAL B 53 ? 0.5740 0.5835 0.6648 -0.0294 -0.0093 -0.0035 53 VAL B N   
872 C CA  . VAL B 53 ? 0.3821 0.3889 0.4683 -0.0301 -0.0163 0.0023  53 VAL B CA  
873 C C   . VAL B 53 ? 0.3938 0.4025 0.4954 -0.0276 -0.0193 0.0077  53 VAL B C   
874 O O   . VAL B 53 ? 0.5180 0.5269 0.6276 -0.0255 -0.0143 0.0088  53 VAL B O   
875 C CB  . VAL B 53 ? 1.0528 1.0557 1.1255 -0.0321 -0.0145 0.0068  53 VAL B CB  
876 C CG1 . VAL B 53 ? 0.2913 0.2918 0.3708 -0.0308 -0.0162 0.0150  53 VAL B CG1 
877 C CG2 . VAL B 53 ? 1.0683 1.0674 1.1234 -0.0341 -0.0199 0.0066  53 VAL B CG2 
878 N N   . CYS B 54 ? 0.4258 0.4358 0.5320 -0.0278 -0.0276 0.0109  54 CYS B N   
879 C CA  . CYS B 54 ? 0.3700 0.3830 0.4922 -0.0249 -0.0298 0.0176  54 CYS B CA  
880 C C   . CYS B 54 ? 0.3693 0.3811 0.4887 -0.0256 -0.0390 0.0240  54 CYS B C   
881 O O   . CYS B 54 ? 0.4849 0.4949 0.5938 -0.0289 -0.0466 0.0225  54 CYS B O   
882 C CB  . CYS B 54 ? 0.3893 0.4079 0.5280 -0.0237 -0.0307 0.0167  54 CYS B CB  
883 S SG  . CYS B 54 ? 0.3983 0.4174 0.5417 -0.0211 -0.0202 0.0121  54 CYS B SG  
884 N N   . CYS B 55 ? 0.3473 0.3590 0.4752 -0.0225 -0.0386 0.0309  55 CYS B N   
885 C CA  . CYS B 55 ? 0.3218 0.3324 0.4488 -0.0224 -0.0477 0.0384  55 CYS B CA  
886 C C   . CYS B 55 ? 0.4125 0.4268 0.5606 -0.0168 -0.0469 0.0454  55 CYS B C   
887 O O   . CYS B 55 ? 0.2914 0.3062 0.4481 -0.0132 -0.0377 0.0438  55 CYS B O   
888 C CB  . CYS B 55 ? 0.2487 0.2507 0.3550 -0.0243 -0.0465 0.0402  55 CYS B CB  
889 S SG  . CYS B 55 ? 0.3779 0.3748 0.4842 -0.0223 -0.0340 0.0398  55 CYS B SG  
890 N N   . ASN B 56 ? 0.4819 0.4986 0.6379 -0.0156 -0.0565 0.0529  56 ASN B N   
891 C CA  . ASN B 56 ? 0.4566 0.4791 0.6366 -0.0095 -0.0556 0.0596  56 ASN B CA  
892 C C   . ASN B 56 ? 0.4766 0.4948 0.6586 -0.0057 -0.0601 0.0684  56 ASN B C   
893 O O   . ASN B 56 ? 0.4946 0.5194 0.6987 -0.0007 -0.0628 0.0752  56 ASN B O   
894 C CB  . ASN B 56 ? 0.5396 0.5740 0.7418 -0.0099 -0.0619 0.0616  56 ASN B CB  
895 C CG  . ASN B 56 ? 0.8016 0.8375 0.9991 -0.0152 -0.0776 0.0635  56 ASN B CG  
896 O OD1 . ASN B 56 ? 0.9995 1.0269 1.1748 -0.0178 -0.0833 0.0637  56 ASN B OD1 
897 N ND2 . ASN B 56 ? 0.5999 0.6457 0.8175 -0.0169 -0.0849 0.0651  56 ASN B ND2 
898 N N   . LYS B 57 ? 0.4597 0.4673 0.6201 -0.0080 -0.0606 0.0692  57 LYS B N   
899 C CA  . LYS B 57 ? 0.5937 0.5945 0.7549 -0.0040 -0.0629 0.0777  57 LYS B CA  
900 C C   . LYS B 57 ? 0.5344 0.5252 0.6897 -0.0019 -0.0509 0.0752  57 LYS B C   
901 O O   . LYS B 57 ? 0.4165 0.4054 0.5627 -0.0049 -0.0427 0.0674  57 LYS B O   
902 C CB  . LYS B 57 ? 0.5393 0.5342 0.6815 -0.0079 -0.0740 0.0831  57 LYS B CB  
903 C CG  . LYS B 57 ? 0.7831 0.7717 0.8972 -0.0148 -0.0716 0.0771  57 LYS B CG  
904 C CD  . LYS B 57 ? 0.8954 0.8895 1.0030 -0.0192 -0.0804 0.0726  57 LYS B CD  
905 C CE  . LYS B 57 ? 0.7657 0.7578 0.8559 -0.0239 -0.0725 0.0625  57 LYS B CE  
906 N NZ  . LYS B 57 ? 0.7736 0.7730 0.8704 -0.0260 -0.0771 0.0557  57 LYS B NZ  
907 N N   . ASP B 58 ? 0.3597 0.3436 0.5214 0.0036  -0.0505 0.0820  58 ASP B N   
908 C CA  . ASP B 58 ? 0.5042 0.4766 0.6618 0.0058  -0.0405 0.0797  58 ASP B CA  
909 C C   . ASP B 58 ? 0.4735 0.4373 0.6087 -0.0016 -0.0366 0.0757  58 ASP B C   
910 O O   . ASP B 58 ? 0.2940 0.2536 0.4141 -0.0062 -0.0417 0.0803  58 ASP B O   
911 C CB  . ASP B 58 ? 0.5626 0.5261 0.7283 0.0123  -0.0427 0.0884  58 ASP B CB  
912 C CG  . ASP B 58 ? 0.5991 0.5657 0.7872 0.0220  -0.0372 0.0885  58 ASP B CG  
913 O OD1 . ASP B 58 ? 0.5398 0.5182 0.7394 0.0233  -0.0336 0.0839  58 ASP B OD1 
914 O OD2 . ASP B 58 ? 0.7996 0.7562 0.9936 0.0284  -0.0358 0.0932  58 ASP B OD2 
915 N N   . LYS B 59 ? 0.3909 0.3525 0.5244 -0.0026 -0.0275 0.0676  59 LYS B N   
916 C CA  . LYS B 59 ? 0.4942 0.4489 0.6120 -0.0091 -0.0226 0.0639  59 LYS B CA  
917 C C   . LYS B 59 ? 0.5799 0.5400 0.6829 -0.0159 -0.0255 0.0630  59 LYS B C   
918 O O   . LYS B 59 ? 0.4851 0.4394 0.5742 -0.0212 -0.0233 0.0648  59 LYS B O   
919 C CB  . LYS B 59 ? 0.5778 0.5179 0.6907 -0.0092 -0.0221 0.0702  59 LYS B CB  
920 C CG  . LYS B 59 ? 0.6703 0.6004 0.7936 -0.0029 -0.0179 0.0691  59 LYS B CG  
921 C CD  . LYS B 59 ? 0.6962 0.6098 0.8124 -0.0053 -0.0172 0.0739  59 LYS B CD  
922 C CE  . LYS B 59 ? 0.7568 0.6572 0.8819 0.0020  -0.0145 0.0733  59 LYS B CE  
923 N NZ  . LYS B 59 ? 0.8695 0.7522 0.9882 -0.0011 -0.0147 0.0784  59 LYS B NZ  
924 N N   . CYS B 60 ? 0.3871 0.3579 0.4935 -0.0158 -0.0297 0.0602  60 CYS B N   
925 C CA  . CYS B 60 ? 0.4483 0.4225 0.5397 -0.0210 -0.0336 0.0588  60 CYS B CA  
926 C C   . CYS B 60 ? 0.3452 0.3222 0.4293 -0.0250 -0.0260 0.0499  60 CYS B C   
927 O O   . CYS B 60 ? 0.4447 0.4232 0.5145 -0.0290 -0.0267 0.0475  60 CYS B O   
928 C CB  . CYS B 60 ? 0.3081 0.2910 0.4072 -0.0195 -0.0425 0.0589  60 CYS B CB  
929 S SG  . CYS B 60 ? 0.3986 0.3915 0.5170 -0.0168 -0.0384 0.0516  60 CYS B SG  
930 N N   . ASN B 61 ? 0.4176 0.3952 0.5114 -0.0235 -0.0192 0.0448  61 ASN B N   
931 C CA  . ASN B 61 ? 0.4952 0.4763 0.5858 -0.0267 -0.0128 0.0367  61 ASN B CA  
932 C C   . ASN B 61 ? 0.4623 0.4376 0.5470 -0.0305 -0.0066 0.0371  61 ASN B C   
933 O O   . ASN B 61 ? 0.4700 0.4380 0.5484 -0.0321 -0.0074 0.0442  61 ASN B O   
934 C CB  . ASN B 61 ? 0.4290 0.4147 0.5326 -0.0232 -0.0102 0.0307  61 ASN B CB  
935 C CG  . ASN B 61 ? 0.4186 0.3974 0.5295 -0.0197 -0.0067 0.0313  61 ASN B CG  
936 O OD1 . ASN B 61 ? 0.4756 0.4469 0.5868 -0.0182 -0.0077 0.0371  61 ASN B OD1 
937 N ND2 . ASN B 61 ? 0.2508 0.2311 0.3667 -0.0180 -0.0027 0.0252  61 ASN B ND2 
938 O OXT . ASN B 61 ? 0.3273 0.3047 0.4145 -0.0324 -0.0012 0.0311  61 ASN B OXT 
# 
